data_4E9B
# 
_entry.id   4E9B 
# 
_audit_conform.dict_name       mmcif_pdbx.dic 
_audit_conform.dict_version    5.388 
_audit_conform.dict_location   http://mmcif.pdb.org/dictionaries/ascii/mmcif_pdbx.dic 
# 
loop_
_database_2.database_id 
_database_2.database_code 
_database_2.pdbx_database_accession 
_database_2.pdbx_DOI 
PDB   4E9B         pdb_00004e9b 10.2210/pdb4e9b/pdb 
RCSB  RCSB071331   ?            ?                   
WWPDB D_1000071331 ?            ?                   
# 
loop_
_pdbx_audit_revision_history.ordinal 
_pdbx_audit_revision_history.data_content_type 
_pdbx_audit_revision_history.major_revision 
_pdbx_audit_revision_history.minor_revision 
_pdbx_audit_revision_history.revision_date 
1 'Structure model' 1 0 2013-04-24 
2 'Structure model' 1 1 2024-03-20 
# 
_pdbx_audit_revision_details.ordinal             1 
_pdbx_audit_revision_details.revision_ordinal    1 
_pdbx_audit_revision_details.data_content_type   'Structure model' 
_pdbx_audit_revision_details.provider            repository 
_pdbx_audit_revision_details.type                'Initial release' 
_pdbx_audit_revision_details.description         ? 
_pdbx_audit_revision_details.details             ? 
# 
loop_
_pdbx_audit_revision_group.ordinal 
_pdbx_audit_revision_group.revision_ordinal 
_pdbx_audit_revision_group.data_content_type 
_pdbx_audit_revision_group.group 
1 2 'Structure model' 'Data collection'      
2 2 'Structure model' 'Database references'  
3 2 'Structure model' 'Derived calculations' 
# 
loop_
_pdbx_audit_revision_category.ordinal 
_pdbx_audit_revision_category.revision_ordinal 
_pdbx_audit_revision_category.data_content_type 
_pdbx_audit_revision_category.category 
1 2 'Structure model' chem_comp_atom         
2 2 'Structure model' chem_comp_bond         
3 2 'Structure model' database_2             
4 2 'Structure model' pdbx_struct_conn_angle 
5 2 'Structure model' struct_conn            
6 2 'Structure model' struct_ref_seq_dif     
7 2 'Structure model' struct_site            
# 
loop_
_pdbx_audit_revision_item.ordinal 
_pdbx_audit_revision_item.revision_ordinal 
_pdbx_audit_revision_item.data_content_type 
_pdbx_audit_revision_item.item 
1  2 'Structure model' '_database_2.pdbx_DOI'                       
2  2 'Structure model' '_database_2.pdbx_database_accession'        
3  2 'Structure model' '_pdbx_struct_conn_angle.ptnr1_auth_seq_id'  
4  2 'Structure model' '_pdbx_struct_conn_angle.ptnr1_label_seq_id' 
5  2 'Structure model' '_pdbx_struct_conn_angle.ptnr3_auth_seq_id'  
6  2 'Structure model' '_pdbx_struct_conn_angle.ptnr3_label_seq_id' 
7  2 'Structure model' '_pdbx_struct_conn_angle.value'              
8  2 'Structure model' '_struct_conn.pdbx_dist_value'               
9  2 'Structure model' '_struct_conn.ptnr1_auth_seq_id'             
10 2 'Structure model' '_struct_conn.ptnr1_label_seq_id'            
11 2 'Structure model' '_struct_ref_seq_dif.details'                
12 2 'Structure model' '_struct_site.pdbx_auth_asym_id'             
13 2 'Structure model' '_struct_site.pdbx_auth_comp_id'             
14 2 'Structure model' '_struct_site.pdbx_auth_seq_id'              
# 
_pdbx_database_status.status_code                     REL 
_pdbx_database_status.entry_id                        4E9B 
_pdbx_database_status.recvd_initial_deposition_date   2012-03-20 
_pdbx_database_status.deposit_site                    RCSB 
_pdbx_database_status.process_site                    PDBJ 
_pdbx_database_status.methods_development_category    ? 
_pdbx_database_status.status_code_sf                  REL 
_pdbx_database_status.status_code_mr                  ? 
_pdbx_database_status.SG_entry                        ? 
_pdbx_database_status.status_code_cs                  ? 
_pdbx_database_status.pdb_format_compatible           Y 
_pdbx_database_status.status_code_nmr_data            ? 
# 
_pdbx_database_related.db_name        PDB 
_pdbx_database_related.db_id          4E9A 
_pdbx_database_related.details        . 
_pdbx_database_related.content_type   unspecified 
# 
loop_
_audit_author.name 
_audit_author.pdbx_ordinal 
'Cui, K.'   1 
'Zhu, L.'   2 
'Lu, W.'    3 
'Huang, J.' 4 
# 
_citation.id                        primary 
_citation.title                     'Identification of Novel Peptide Deformylase Inhibitors from Natural Products' 
_citation.journal_abbrev            'To be Published' 
_citation.journal_volume            ? 
_citation.page_first                ? 
_citation.page_last                 ? 
_citation.year                      ? 
_citation.journal_id_ASTM           ? 
_citation.country                   ? 
_citation.journal_id_ISSN           ? 
_citation.journal_id_CSD            0353 
_citation.book_publisher            ? 
_citation.pdbx_database_id_PubMed   ? 
_citation.pdbx_database_id_DOI      ? 
# 
loop_
_citation_author.citation_id 
_citation_author.name 
_citation_author.ordinal 
_citation_author.identifier_ORCID 
primary 'Cui, K.'   1 ? 
primary 'Zhu, L.'   2 ? 
primary 'Lu, W.'    3 ? 
primary 'Huang, J.' 4 ? 
# 
loop_
_entity.id 
_entity.type 
_entity.src_method 
_entity.pdbx_description 
_entity.formula_weight 
_entity.pdbx_number_of_molecules 
_entity.pdbx_ec 
_entity.pdbx_mutation 
_entity.pdbx_fragment 
_entity.details 
1 polymer     man 'Peptide deformylase 11'                              21008.465 1  3.5.1.88 ? 'UNP RESIDUES 2-164' ? 
2 non-polymer syn 'COBALT (II) ION'                                     58.933    1  ?        ? ?                    ? 
3 non-polymer syn ACTINONIN                                             385.498   1  ?        ? ?                    ? 
4 non-polymer syn '4-(2-HYDROXYETHYL)-1-PIPERAZINE ETHANESULFONIC ACID' 238.305   1  ?        ? ?                    ? 
5 non-polymer syn 'DIMETHYL SULFOXIDE'                                  78.133    2  ?        ? ?                    ? 
6 water       nat water                                                 18.015    64 ?        ? ?                    ? 
# 
_entity_name_com.entity_id   1 
_entity_name_com.name        'PDF 11, Polypeptide deformylase 11' 
# 
_entity_poly.entity_id                      1 
_entity_poly.type                           'polypeptide(L)' 
_entity_poly.nstd_linkage                   no 
_entity_poly.nstd_monomer                   no 
_entity_poly.pdbx_seq_one_letter_code       
;ALLEIIHYPSKILRTISKEVVSFDAKLHQQLDDMYETMIASEGIGLAAIQVGLPLRMLIINLPQEDGVQHKEDCLEIINP
KFIETGGSMMYKEGCLSVPGFYEEVERFEKVKIEYQNRFAEVKVLEASELLAVAIQHEIDHLNGVLFVDKLSILKRKKFE
KELKELQKKQKHKLEHHHHHH
;
_entity_poly.pdbx_seq_one_letter_code_can   
;ALLEIIHYPSKILRTISKEVVSFDAKLHQQLDDMYETMIASEGIGLAAIQVGLPLRMLIINLPQEDGVQHKEDCLEIINP
KFIETGGSMMYKEGCLSVPGFYEEVERFEKVKIEYQNRFAEVKVLEASELLAVAIQHEIDHLNGVLFVDKLSILKRKKFE
KELKELQKKQKHKLEHHHHHH
;
_entity_poly.pdbx_strand_id                 A 
_entity_poly.pdbx_target_identifier         ? 
# 
loop_
_pdbx_entity_nonpoly.entity_id 
_pdbx_entity_nonpoly.name 
_pdbx_entity_nonpoly.comp_id 
2 'COBALT (II) ION'                                     CO  
3 ACTINONIN                                             BB2 
4 '4-(2-HYDROXYETHYL)-1-PIPERAZINE ETHANESULFONIC ACID' EPE 
5 'DIMETHYL SULFOXIDE'                                  DMS 
6 water                                                 HOH 
# 
loop_
_entity_poly_seq.entity_id 
_entity_poly_seq.num 
_entity_poly_seq.mon_id 
_entity_poly_seq.hetero 
1 1   ALA n 
1 2   LEU n 
1 3   LEU n 
1 4   GLU n 
1 5   ILE n 
1 6   ILE n 
1 7   HIS n 
1 8   TYR n 
1 9   PRO n 
1 10  SER n 
1 11  LYS n 
1 12  ILE n 
1 13  LEU n 
1 14  ARG n 
1 15  THR n 
1 16  ILE n 
1 17  SER n 
1 18  LYS n 
1 19  GLU n 
1 20  VAL n 
1 21  VAL n 
1 22  SER n 
1 23  PHE n 
1 24  ASP n 
1 25  ALA n 
1 26  LYS n 
1 27  LEU n 
1 28  HIS n 
1 29  GLN n 
1 30  GLN n 
1 31  LEU n 
1 32  ASP n 
1 33  ASP n 
1 34  MET n 
1 35  TYR n 
1 36  GLU n 
1 37  THR n 
1 38  MET n 
1 39  ILE n 
1 40  ALA n 
1 41  SER n 
1 42  GLU n 
1 43  GLY n 
1 44  ILE n 
1 45  GLY n 
1 46  LEU n 
1 47  ALA n 
1 48  ALA n 
1 49  ILE n 
1 50  GLN n 
1 51  VAL n 
1 52  GLY n 
1 53  LEU n 
1 54  PRO n 
1 55  LEU n 
1 56  ARG n 
1 57  MET n 
1 58  LEU n 
1 59  ILE n 
1 60  ILE n 
1 61  ASN n 
1 62  LEU n 
1 63  PRO n 
1 64  GLN n 
1 65  GLU n 
1 66  ASP n 
1 67  GLY n 
1 68  VAL n 
1 69  GLN n 
1 70  HIS n 
1 71  LYS n 
1 72  GLU n 
1 73  ASP n 
1 74  CYS n 
1 75  LEU n 
1 76  GLU n 
1 77  ILE n 
1 78  ILE n 
1 79  ASN n 
1 80  PRO n 
1 81  LYS n 
1 82  PHE n 
1 83  ILE n 
1 84  GLU n 
1 85  THR n 
1 86  GLY n 
1 87  GLY n 
1 88  SER n 
1 89  MET n 
1 90  MET n 
1 91  TYR n 
1 92  LYS n 
1 93  GLU n 
1 94  GLY n 
1 95  CYS n 
1 96  LEU n 
1 97  SER n 
1 98  VAL n 
1 99  PRO n 
1 100 GLY n 
1 101 PHE n 
1 102 TYR n 
1 103 GLU n 
1 104 GLU n 
1 105 VAL n 
1 106 GLU n 
1 107 ARG n 
1 108 PHE n 
1 109 GLU n 
1 110 LYS n 
1 111 VAL n 
1 112 LYS n 
1 113 ILE n 
1 114 GLU n 
1 115 TYR n 
1 116 GLN n 
1 117 ASN n 
1 118 ARG n 
1 119 PHE n 
1 120 ALA n 
1 121 GLU n 
1 122 VAL n 
1 123 LYS n 
1 124 VAL n 
1 125 LEU n 
1 126 GLU n 
1 127 ALA n 
1 128 SER n 
1 129 GLU n 
1 130 LEU n 
1 131 LEU n 
1 132 ALA n 
1 133 VAL n 
1 134 ALA n 
1 135 ILE n 
1 136 GLN n 
1 137 HIS n 
1 138 GLU n 
1 139 ILE n 
1 140 ASP n 
1 141 HIS n 
1 142 LEU n 
1 143 ASN n 
1 144 GLY n 
1 145 VAL n 
1 146 LEU n 
1 147 PHE n 
1 148 VAL n 
1 149 ASP n 
1 150 LYS n 
1 151 LEU n 
1 152 SER n 
1 153 ILE n 
1 154 LEU n 
1 155 LYS n 
1 156 ARG n 
1 157 LYS n 
1 158 LYS n 
1 159 PHE n 
1 160 GLU n 
1 161 LYS n 
1 162 GLU n 
1 163 LEU n 
1 164 LYS n 
1 165 GLU n 
1 166 LEU n 
1 167 GLN n 
1 168 LYS n 
1 169 LYS n 
1 170 GLN n 
1 171 LYS n 
1 172 HIS n 
1 173 LYS n 
1 174 LEU n 
1 175 GLU n 
1 176 HIS n 
1 177 HIS n 
1 178 HIS n 
1 179 HIS n 
1 180 HIS n 
1 181 HIS n 
# 
_entity_src_gen.entity_id                          1 
_entity_src_gen.pdbx_src_id                        1 
_entity_src_gen.pdbx_alt_source_flag               sample 
_entity_src_gen.pdbx_seq_type                      ? 
_entity_src_gen.pdbx_beg_seq_num                   ? 
_entity_src_gen.pdbx_end_seq_num                   ? 
_entity_src_gen.gene_src_common_name               ? 
_entity_src_gen.gene_src_genus                     ? 
_entity_src_gen.pdbx_gene_src_gene                 'def, def11' 
_entity_src_gen.gene_src_species                   ? 
_entity_src_gen.gene_src_strain                    ? 
_entity_src_gen.gene_src_tissue                    ? 
_entity_src_gen.gene_src_tissue_fraction           ? 
_entity_src_gen.gene_src_details                   ? 
_entity_src_gen.pdbx_gene_src_fragment             ? 
_entity_src_gen.pdbx_gene_src_scientific_name      'Helicobacter pylori' 
_entity_src_gen.pdbx_gene_src_ncbi_taxonomy_id     210 
_entity_src_gen.pdbx_gene_src_variant              ? 
_entity_src_gen.pdbx_gene_src_cell_line            ? 
_entity_src_gen.pdbx_gene_src_atcc                 ? 
_entity_src_gen.pdbx_gene_src_organ                ? 
_entity_src_gen.pdbx_gene_src_organelle            ? 
_entity_src_gen.pdbx_gene_src_cell                 ? 
_entity_src_gen.pdbx_gene_src_cellular_location    ? 
_entity_src_gen.host_org_common_name               ? 
_entity_src_gen.pdbx_host_org_scientific_name      'Escherichia coli' 
_entity_src_gen.pdbx_host_org_ncbi_taxonomy_id     562 
_entity_src_gen.host_org_genus                     ? 
_entity_src_gen.pdbx_host_org_gene                 ? 
_entity_src_gen.pdbx_host_org_organ                ? 
_entity_src_gen.host_org_species                   ? 
_entity_src_gen.pdbx_host_org_tissue               ? 
_entity_src_gen.pdbx_host_org_tissue_fraction      ? 
_entity_src_gen.pdbx_host_org_strain               'BL21(DE3)' 
_entity_src_gen.pdbx_host_org_variant              ? 
_entity_src_gen.pdbx_host_org_cell_line            ? 
_entity_src_gen.pdbx_host_org_atcc                 ? 
_entity_src_gen.pdbx_host_org_culture_collection   ? 
_entity_src_gen.pdbx_host_org_cell                 ? 
_entity_src_gen.pdbx_host_org_organelle            ? 
_entity_src_gen.pdbx_host_org_cellular_location    ? 
_entity_src_gen.pdbx_host_org_vector_type          Plasmid 
_entity_src_gen.pdbx_host_org_vector               ? 
_entity_src_gen.host_org_details                   ? 
_entity_src_gen.expression_system_id               ? 
_entity_src_gen.plasmid_name                       pET22b 
_entity_src_gen.plasmid_details                    ? 
_entity_src_gen.pdbx_description                   ? 
# 
loop_
_chem_comp.id 
_chem_comp.type 
_chem_comp.mon_nstd_flag 
_chem_comp.name 
_chem_comp.pdbx_synonyms 
_chem_comp.formula 
_chem_comp.formula_weight 
ALA 'L-peptide linking' y ALANINE                                               ? 'C3 H7 N O2'     89.093  
ARG 'L-peptide linking' y ARGININE                                              ? 'C6 H15 N4 O2 1' 175.209 
ASN 'L-peptide linking' y ASPARAGINE                                            ? 'C4 H8 N2 O3'    132.118 
ASP 'L-peptide linking' y 'ASPARTIC ACID'                                       ? 'C4 H7 N O4'     133.103 
BB2 non-polymer         . ACTINONIN                                             
'2-[(FORMYL-HYDROXY-AMINO)-METHYL]-HEPTANOIC ACID [1-(2-HYDROXYMETHYL-PYRROLIDINE-1-CARBONYL)-2-METHYL-PROPYL]-AMIDE' 
'C19 H35 N3 O5'  385.498 
CO  non-polymer         . 'COBALT (II) ION'                                     ? 'Co 2'           58.933  
CYS 'L-peptide linking' y CYSTEINE                                              ? 'C3 H7 N O2 S'   121.158 
DMS non-polymer         . 'DIMETHYL SULFOXIDE'                                  ? 'C2 H6 O S'      78.133  
EPE non-polymer         . '4-(2-HYDROXYETHYL)-1-PIPERAZINE ETHANESULFONIC ACID' HEPES 'C8 H18 N2 O4 S' 238.305 
GLN 'L-peptide linking' y GLUTAMINE                                             ? 'C5 H10 N2 O3'   146.144 
GLU 'L-peptide linking' y 'GLUTAMIC ACID'                                       ? 'C5 H9 N O4'     147.129 
GLY 'peptide linking'   y GLYCINE                                               ? 'C2 H5 N O2'     75.067  
HIS 'L-peptide linking' y HISTIDINE                                             ? 'C6 H10 N3 O2 1' 156.162 
HOH non-polymer         . WATER                                                 ? 'H2 O'           18.015  
ILE 'L-peptide linking' y ISOLEUCINE                                            ? 'C6 H13 N O2'    131.173 
LEU 'L-peptide linking' y LEUCINE                                               ? 'C6 H13 N O2'    131.173 
LYS 'L-peptide linking' y LYSINE                                                ? 'C6 H15 N2 O2 1' 147.195 
MET 'L-peptide linking' y METHIONINE                                            ? 'C5 H11 N O2 S'  149.211 
PHE 'L-peptide linking' y PHENYLALANINE                                         ? 'C9 H11 N O2'    165.189 
PRO 'L-peptide linking' y PROLINE                                               ? 'C5 H9 N O2'     115.130 
SER 'L-peptide linking' y SERINE                                                ? 'C3 H7 N O3'     105.093 
THR 'L-peptide linking' y THREONINE                                             ? 'C4 H9 N O3'     119.119 
TYR 'L-peptide linking' y TYROSINE                                              ? 'C9 H11 N O3'    181.189 
VAL 'L-peptide linking' y VALINE                                                ? 'C5 H11 N O2'    117.146 
# 
loop_
_pdbx_poly_seq_scheme.asym_id 
_pdbx_poly_seq_scheme.entity_id 
_pdbx_poly_seq_scheme.seq_id 
_pdbx_poly_seq_scheme.mon_id 
_pdbx_poly_seq_scheme.ndb_seq_num 
_pdbx_poly_seq_scheme.pdb_seq_num 
_pdbx_poly_seq_scheme.auth_seq_num 
_pdbx_poly_seq_scheme.pdb_mon_id 
_pdbx_poly_seq_scheme.auth_mon_id 
_pdbx_poly_seq_scheme.pdb_strand_id 
_pdbx_poly_seq_scheme.pdb_ins_code 
_pdbx_poly_seq_scheme.hetero 
A 1 1   ALA 1   2   2   ALA ALA A . n 
A 1 2   LEU 2   3   3   LEU LEU A . n 
A 1 3   LEU 3   4   4   LEU LEU A . n 
A 1 4   GLU 4   5   5   GLU GLU A . n 
A 1 5   ILE 5   6   6   ILE ILE A . n 
A 1 6   ILE 6   7   7   ILE ILE A . n 
A 1 7   HIS 7   8   8   HIS HIS A . n 
A 1 8   TYR 8   9   9   TYR TYR A . n 
A 1 9   PRO 9   10  10  PRO PRO A . n 
A 1 10  SER 10  11  11  SER SER A . n 
A 1 11  LYS 11  12  12  LYS LYS A . n 
A 1 12  ILE 12  13  13  ILE ILE A . n 
A 1 13  LEU 13  14  14  LEU LEU A . n 
A 1 14  ARG 14  15  15  ARG ARG A . n 
A 1 15  THR 15  16  16  THR THR A . n 
A 1 16  ILE 16  17  17  ILE ILE A . n 
A 1 17  SER 17  18  18  SER SER A . n 
A 1 18  LYS 18  19  19  LYS LYS A . n 
A 1 19  GLU 19  20  20  GLU GLU A . n 
A 1 20  VAL 20  21  21  VAL VAL A . n 
A 1 21  VAL 21  22  22  VAL VAL A . n 
A 1 22  SER 22  23  23  SER SER A . n 
A 1 23  PHE 23  24  24  PHE PHE A . n 
A 1 24  ASP 24  25  25  ASP ASP A . n 
A 1 25  ALA 25  26  26  ALA ALA A . n 
A 1 26  LYS 26  27  27  LYS LYS A . n 
A 1 27  LEU 27  28  28  LEU LEU A . n 
A 1 28  HIS 28  29  29  HIS HIS A . n 
A 1 29  GLN 29  30  30  GLN GLN A . n 
A 1 30  GLN 30  31  31  GLN GLN A . n 
A 1 31  LEU 31  32  32  LEU LEU A . n 
A 1 32  ASP 32  33  33  ASP ASP A . n 
A 1 33  ASP 33  34  34  ASP ASP A . n 
A 1 34  MET 34  35  35  MET MET A . n 
A 1 35  TYR 35  36  36  TYR TYR A . n 
A 1 36  GLU 36  37  37  GLU GLU A . n 
A 1 37  THR 37  38  38  THR THR A . n 
A 1 38  MET 38  39  39  MET MET A . n 
A 1 39  ILE 39  40  40  ILE ILE A . n 
A 1 40  ALA 40  41  41  ALA ALA A . n 
A 1 41  SER 41  42  42  SER SER A . n 
A 1 42  GLU 42  43  43  GLU GLU A . n 
A 1 43  GLY 43  44  44  GLY GLY A . n 
A 1 44  ILE 44  45  45  ILE ILE A . n 
A 1 45  GLY 45  46  46  GLY GLY A . n 
A 1 46  LEU 46  47  47  LEU LEU A . n 
A 1 47  ALA 47  48  48  ALA ALA A . n 
A 1 48  ALA 48  49  49  ALA ALA A . n 
A 1 49  ILE 49  50  50  ILE ILE A . n 
A 1 50  GLN 50  51  51  GLN GLN A . n 
A 1 51  VAL 51  52  52  VAL VAL A . n 
A 1 52  GLY 52  53  53  GLY GLY A . n 
A 1 53  LEU 53  54  54  LEU LEU A . n 
A 1 54  PRO 54  55  55  PRO PRO A . n 
A 1 55  LEU 55  56  56  LEU LEU A . n 
A 1 56  ARG 56  57  57  ARG ARG A . n 
A 1 57  MET 57  58  58  MET MET A . n 
A 1 58  LEU 58  59  59  LEU LEU A . n 
A 1 59  ILE 59  60  60  ILE ILE A . n 
A 1 60  ILE 60  61  61  ILE ILE A . n 
A 1 61  ASN 61  62  62  ASN ASN A . n 
A 1 62  LEU 62  63  63  LEU LEU A . n 
A 1 63  PRO 63  64  64  PRO PRO A . n 
A 1 64  GLN 64  65  65  GLN GLN A . n 
A 1 65  GLU 65  66  66  GLU GLU A . n 
A 1 66  ASP 66  67  67  ASP ASP A . n 
A 1 67  GLY 67  68  68  GLY GLY A . n 
A 1 68  VAL 68  69  69  VAL VAL A . n 
A 1 69  GLN 69  70  70  GLN GLN A . n 
A 1 70  HIS 70  71  71  HIS HIS A . n 
A 1 71  LYS 71  72  72  LYS LYS A . n 
A 1 72  GLU 72  73  73  GLU GLU A . n 
A 1 73  ASP 73  74  74  ASP ASP A . n 
A 1 74  CYS 74  75  75  CYS CYS A . n 
A 1 75  LEU 75  76  76  LEU LEU A . n 
A 1 76  GLU 76  77  77  GLU GLU A . n 
A 1 77  ILE 77  78  78  ILE ILE A . n 
A 1 78  ILE 78  79  79  ILE ILE A . n 
A 1 79  ASN 79  80  80  ASN ASN A . n 
A 1 80  PRO 80  81  81  PRO PRO A . n 
A 1 81  LYS 81  82  82  LYS LYS A . n 
A 1 82  PHE 82  83  83  PHE PHE A . n 
A 1 83  ILE 83  84  84  ILE ILE A . n 
A 1 84  GLU 84  85  85  GLU GLU A . n 
A 1 85  THR 85  86  86  THR THR A . n 
A 1 86  GLY 86  87  87  GLY GLY A . n 
A 1 87  GLY 87  88  88  GLY GLY A . n 
A 1 88  SER 88  89  89  SER SER A . n 
A 1 89  MET 89  90  90  MET MET A . n 
A 1 90  MET 90  91  91  MET MET A . n 
A 1 91  TYR 91  92  92  TYR TYR A . n 
A 1 92  LYS 92  93  93  LYS LYS A . n 
A 1 93  GLU 93  94  94  GLU GLU A . n 
A 1 94  GLY 94  95  95  GLY GLY A . n 
A 1 95  CYS 95  96  96  CYS CYS A . n 
A 1 96  LEU 96  97  97  LEU LEU A . n 
A 1 97  SER 97  98  98  SER SER A . n 
A 1 98  VAL 98  99  99  VAL VAL A . n 
A 1 99  PRO 99  100 100 PRO PRO A . n 
A 1 100 GLY 100 101 101 GLY GLY A . n 
A 1 101 PHE 101 102 102 PHE PHE A . n 
A 1 102 TYR 102 103 103 TYR TYR A . n 
A 1 103 GLU 103 104 104 GLU GLU A . n 
A 1 104 GLU 104 105 105 GLU GLU A . n 
A 1 105 VAL 105 106 106 VAL VAL A . n 
A 1 106 GLU 106 107 107 GLU GLU A . n 
A 1 107 ARG 107 108 108 ARG ARG A . n 
A 1 108 PHE 108 109 109 PHE PHE A . n 
A 1 109 GLU 109 110 110 GLU GLU A . n 
A 1 110 LYS 110 111 111 LYS LYS A . n 
A 1 111 VAL 111 112 112 VAL VAL A . n 
A 1 112 LYS 112 113 113 LYS LYS A . n 
A 1 113 ILE 113 114 114 ILE ILE A . n 
A 1 114 GLU 114 115 115 GLU GLU A . n 
A 1 115 TYR 115 116 116 TYR TYR A . n 
A 1 116 GLN 116 117 117 GLN GLN A . n 
A 1 117 ASN 117 118 118 ASN ASN A . n 
A 1 118 ARG 118 119 119 ARG ARG A . n 
A 1 119 PHE 119 120 120 PHE PHE A . n 
A 1 120 ALA 120 121 121 ALA ALA A . n 
A 1 121 GLU 121 122 122 GLU GLU A . n 
A 1 122 VAL 122 123 123 VAL VAL A . n 
A 1 123 LYS 123 124 124 LYS LYS A . n 
A 1 124 VAL 124 125 125 VAL VAL A . n 
A 1 125 LEU 125 126 126 LEU LEU A . n 
A 1 126 GLU 126 127 127 GLU GLU A . n 
A 1 127 ALA 127 128 128 ALA ALA A . n 
A 1 128 SER 128 129 129 SER SER A . n 
A 1 129 GLU 129 130 130 GLU GLU A . n 
A 1 130 LEU 130 131 131 LEU LEU A . n 
A 1 131 LEU 131 132 132 LEU LEU A . n 
A 1 132 ALA 132 133 133 ALA ALA A . n 
A 1 133 VAL 133 134 134 VAL VAL A . n 
A 1 134 ALA 134 135 135 ALA ALA A . n 
A 1 135 ILE 135 136 136 ILE ILE A . n 
A 1 136 GLN 136 137 137 GLN GLN A . n 
A 1 137 HIS 137 138 138 HIS HIS A . n 
A 1 138 GLU 138 139 139 GLU GLU A . n 
A 1 139 ILE 139 140 140 ILE ILE A . n 
A 1 140 ASP 140 141 141 ASP ASP A . n 
A 1 141 HIS 141 142 142 HIS HIS A . n 
A 1 142 LEU 142 143 143 LEU LEU A . n 
A 1 143 ASN 143 144 144 ASN ASN A . n 
A 1 144 GLY 144 145 145 GLY GLY A . n 
A 1 145 VAL 145 146 146 VAL VAL A . n 
A 1 146 LEU 146 147 147 LEU LEU A . n 
A 1 147 PHE 147 148 148 PHE PHE A . n 
A 1 148 VAL 148 149 149 VAL VAL A . n 
A 1 149 ASP 149 150 150 ASP ASP A . n 
A 1 150 LYS 150 151 151 LYS LYS A . n 
A 1 151 LEU 151 152 152 LEU LEU A . n 
A 1 152 SER 152 153 153 SER SER A . n 
A 1 153 ILE 153 154 154 ILE ILE A . n 
A 1 154 LEU 154 155 155 LEU LEU A . n 
A 1 155 LYS 155 156 156 LYS LYS A . n 
A 1 156 ARG 156 157 157 ARG ARG A . n 
A 1 157 LYS 157 158 158 LYS LYS A . n 
A 1 158 LYS 158 159 159 LYS LYS A . n 
A 1 159 PHE 159 160 160 PHE PHE A . n 
A 1 160 GLU 160 161 161 GLU GLU A . n 
A 1 161 LYS 161 162 162 LYS LYS A . n 
A 1 162 GLU 162 163 163 GLU GLU A . n 
A 1 163 LEU 163 164 164 LEU LEU A . n 
A 1 164 LYS 164 165 ?   ?   ?   A . n 
A 1 165 GLU 165 166 ?   ?   ?   A . n 
A 1 166 LEU 166 167 ?   ?   ?   A . n 
A 1 167 GLN 167 168 ?   ?   ?   A . n 
A 1 168 LYS 168 169 ?   ?   ?   A . n 
A 1 169 LYS 169 170 ?   ?   ?   A . n 
A 1 170 GLN 170 171 ?   ?   ?   A . n 
A 1 171 LYS 171 172 ?   ?   ?   A . n 
A 1 172 HIS 172 173 ?   ?   ?   A . n 
A 1 173 LYS 173 174 ?   ?   ?   A . n 
A 1 174 LEU 174 175 ?   ?   ?   A . n 
A 1 175 GLU 175 176 ?   ?   ?   A . n 
A 1 176 HIS 176 177 ?   ?   ?   A . n 
A 1 177 HIS 177 178 ?   ?   ?   A . n 
A 1 178 HIS 178 179 ?   ?   ?   A . n 
A 1 179 HIS 179 180 ?   ?   ?   A . n 
A 1 180 HIS 180 181 ?   ?   ?   A . n 
A 1 181 HIS 181 182 ?   ?   ?   A . n 
# 
loop_
_pdbx_nonpoly_scheme.asym_id 
_pdbx_nonpoly_scheme.entity_id 
_pdbx_nonpoly_scheme.mon_id 
_pdbx_nonpoly_scheme.ndb_seq_num 
_pdbx_nonpoly_scheme.pdb_seq_num 
_pdbx_nonpoly_scheme.auth_seq_num 
_pdbx_nonpoly_scheme.pdb_mon_id 
_pdbx_nonpoly_scheme.auth_mon_id 
_pdbx_nonpoly_scheme.pdb_strand_id 
_pdbx_nonpoly_scheme.pdb_ins_code 
B 2 CO  1  201 300  CO  CO  A . 
C 3 BB2 1  202 401  BB2 BB2 A . 
D 4 EPE 1  203 552  EPE EPE A . 
E 5 DMS 1  204 4001 DMS DMS A . 
F 5 DMS 1  205 4001 DMS DMS A . 
G 6 HOH 1  301 301  HOH HOH A . 
G 6 HOH 2  302 303  HOH HOH A . 
G 6 HOH 3  303 305  HOH HOH A . 
G 6 HOH 4  304 306  HOH HOH A . 
G 6 HOH 5  305 307  HOH HOH A . 
G 6 HOH 6  306 308  HOH HOH A . 
G 6 HOH 7  307 309  HOH HOH A . 
G 6 HOH 8  308 311  HOH HOH A . 
G 6 HOH 9  309 314  HOH HOH A . 
G 6 HOH 10 310 317  HOH HOH A . 
G 6 HOH 11 311 318  HOH HOH A . 
G 6 HOH 12 312 319  HOH HOH A . 
G 6 HOH 13 313 320  HOH HOH A . 
G 6 HOH 14 314 321  HOH HOH A . 
G 6 HOH 15 315 322  HOH HOH A . 
G 6 HOH 16 316 324  HOH HOH A . 
G 6 HOH 17 317 326  HOH HOH A . 
G 6 HOH 18 318 327  HOH HOH A . 
G 6 HOH 19 319 329  HOH HOH A . 
G 6 HOH 20 320 331  HOH HOH A . 
G 6 HOH 21 321 333  HOH HOH A . 
G 6 HOH 22 322 335  HOH HOH A . 
G 6 HOH 23 323 336  HOH HOH A . 
G 6 HOH 24 324 339  HOH HOH A . 
G 6 HOH 25 325 342  HOH HOH A . 
G 6 HOH 26 326 345  HOH HOH A . 
G 6 HOH 27 327 346  HOH HOH A . 
G 6 HOH 28 328 348  HOH HOH A . 
G 6 HOH 29 329 349  HOH HOH A . 
G 6 HOH 30 330 351  HOH HOH A . 
G 6 HOH 31 331 357  HOH HOH A . 
G 6 HOH 32 332 360  HOH HOH A . 
G 6 HOH 33 333 362  HOH HOH A . 
G 6 HOH 34 334 367  HOH HOH A . 
G 6 HOH 35 335 369  HOH HOH A . 
G 6 HOH 36 336 372  HOH HOH A . 
G 6 HOH 37 337 380  HOH HOH A . 
G 6 HOH 38 338 382  HOH HOH A . 
G 6 HOH 39 339 384  HOH HOH A . 
G 6 HOH 40 340 386  HOH HOH A . 
G 6 HOH 41 341 391  HOH HOH A . 
G 6 HOH 42 342 393  HOH HOH A . 
G 6 HOH 43 343 395  HOH HOH A . 
G 6 HOH 44 344 400  HOH HOH A . 
G 6 HOH 45 345 401  HOH HOH A . 
G 6 HOH 46 346 404  HOH HOH A . 
G 6 HOH 47 347 405  HOH HOH A . 
G 6 HOH 48 348 406  HOH HOH A . 
G 6 HOH 49 349 407  HOH HOH A . 
G 6 HOH 50 350 409  HOH HOH A . 
G 6 HOH 51 351 411  HOH HOH A . 
G 6 HOH 52 352 413  HOH HOH A . 
G 6 HOH 53 353 414  HOH HOH A . 
G 6 HOH 54 354 415  HOH HOH A . 
G 6 HOH 55 355 417  HOH HOH A . 
G 6 HOH 56 356 418  HOH HOH A . 
G 6 HOH 57 357 1    HOH HOH A . 
G 6 HOH 58 358 2    HOH HOH A . 
G 6 HOH 59 359 3    HOH HOH A . 
G 6 HOH 60 360 7    HOH HOH A . 
G 6 HOH 61 361 1    HOH HOH A . 
G 6 HOH 62 362 2    HOH HOH A . 
G 6 HOH 63 363 3    HOH HOH A . 
G 6 HOH 64 364 4    HOH HOH A . 
# 
loop_
_software.name 
_software.classification 
_software.version 
_software.citation_id 
_software.pdbx_ordinal 
HKL-2000 'data collection' .        ? 1 
REFMAC   refinement        5.6.0117 ? 2 
HKL-2000 'data reduction'  .        ? 3 
HKL-2000 'data scaling'    .        ? 4 
# 
_cell.entry_id           4E9B 
_cell.length_a           41.394 
_cell.length_b           51.779 
_cell.length_c           91.074 
_cell.angle_alpha        90.00 
_cell.angle_beta         90.00 
_cell.angle_gamma        90.00 
_cell.Z_PDB              4 
_cell.pdbx_unique_axis   ? 
_cell.length_a_esd       ? 
_cell.length_b_esd       ? 
_cell.length_c_esd       ? 
_cell.angle_alpha_esd    ? 
_cell.angle_beta_esd     ? 
_cell.angle_gamma_esd    ? 
# 
_symmetry.entry_id                         4E9B 
_symmetry.space_group_name_H-M             'P 21 21 21' 
_symmetry.pdbx_full_space_group_name_H-M   ? 
_symmetry.cell_setting                     ? 
_symmetry.Int_Tables_number                19 
_symmetry.space_group_name_Hall            ? 
# 
_exptl.entry_id          4E9B 
_exptl.method            'X-RAY DIFFRACTION' 
_exptl.crystals_number   1 
# 
_exptl_crystal.id                    1 
_exptl_crystal.density_meas          ? 
_exptl_crystal.density_Matthews      2.32 
_exptl_crystal.density_percent_sol   47.05 
_exptl_crystal.description           ? 
_exptl_crystal.F_000                 ? 
_exptl_crystal.preparation           ? 
# 
_exptl_crystal_grow.crystal_id      1 
_exptl_crystal_grow.method          EVAPORATION 
_exptl_crystal_grow.temp            290 
_exptl_crystal_grow.temp_details    ? 
_exptl_crystal_grow.pH              7.5 
_exptl_crystal_grow.pdbx_details    'HEPES, MPD, pH 7.5, EVAPORATION, temperature 290K' 
_exptl_crystal_grow.pdbx_pH_range   . 
# 
_diffrn.id                     1 
_diffrn.ambient_temp           ? 
_diffrn.ambient_temp_details   ? 
_diffrn.crystal_id             1 
# 
_diffrn_detector.diffrn_id              1 
_diffrn_detector.detector               CCD 
_diffrn_detector.type                   'ADSC QUANTUM 315r' 
_diffrn_detector.pdbx_collection_date   2011-11-22 
_diffrn_detector.details                ? 
# 
_diffrn_radiation.diffrn_id                        1 
_diffrn_radiation.wavelength_id                    1 
_diffrn_radiation.pdbx_monochromatic_or_laue_m_l   M 
_diffrn_radiation.monochromator                    ? 
_diffrn_radiation.pdbx_diffrn_protocol             'SINGLE WAVELENGTH' 
_diffrn_radiation.pdbx_scattering_type             x-ray 
# 
_diffrn_radiation_wavelength.id           1 
_diffrn_radiation_wavelength.wavelength   1 
_diffrn_radiation_wavelength.wt           1.0 
# 
_diffrn_source.diffrn_id                   1 
_diffrn_source.source                      SYNCHROTRON 
_diffrn_source.type                        'SSRF BEAMLINE BL17U' 
_diffrn_source.pdbx_synchrotron_site       SSRF 
_diffrn_source.pdbx_synchrotron_beamline   BL17U 
_diffrn_source.pdbx_wavelength             ? 
_diffrn_source.pdbx_wavelength_list        1 
# 
_reflns.entry_id                     4E9B 
_reflns.observed_criterion_sigma_I   ? 
_reflns.observed_criterion_sigma_F   ? 
_reflns.d_resolution_low             34.19 
_reflns.d_resolution_high            1.70 
_reflns.number_obs                   20879 
_reflns.number_all                   ? 
_reflns.percent_possible_obs         ? 
_reflns.pdbx_Rmerge_I_obs            ? 
_reflns.pdbx_Rsym_value              ? 
_reflns.pdbx_netI_over_sigmaI        ? 
_reflns.B_iso_Wilson_estimate        ? 
_reflns.pdbx_redundancy              ? 
_reflns.R_free_details               ? 
_reflns.limit_h_max                  ? 
_reflns.limit_h_min                  ? 
_reflns.limit_k_max                  ? 
_reflns.limit_k_min                  ? 
_reflns.limit_l_max                  ? 
_reflns.limit_l_min                  ? 
_reflns.observed_criterion_F_max     ? 
_reflns.observed_criterion_F_min     ? 
_reflns.pdbx_chi_squared             ? 
_reflns.pdbx_scaling_rejects         ? 
_reflns.pdbx_ordinal                 1 
_reflns.pdbx_diffrn_id               1 
# 
_refine.entry_id                                 4E9B 
_refine.ls_number_reflns_obs                     20879 
_refine.ls_number_reflns_all                     ? 
_refine.pdbx_ls_sigma_I                          ? 
_refine.pdbx_ls_sigma_F                          ? 
_refine.pdbx_data_cutoff_high_absF               ? 
_refine.pdbx_data_cutoff_low_absF                ? 
_refine.pdbx_data_cutoff_high_rms_absF           ? 
_refine.ls_d_res_low                             34.19 
_refine.ls_d_res_high                            1.70 
_refine.ls_percent_reflns_obs                    98.89 
_refine.ls_R_factor_obs                          0.18964 
_refine.ls_R_factor_all                          ? 
_refine.ls_R_factor_R_work                       0.18807 
_refine.ls_R_factor_R_free                       0.22024 
_refine.ls_R_factor_R_free_error                 ? 
_refine.ls_R_factor_R_free_error_details         ? 
_refine.ls_percent_reflns_R_free                 5.1 
_refine.ls_number_reflns_R_free                  1127 
_refine.ls_number_parameters                     ? 
_refine.ls_number_restraints                     ? 
_refine.occupancy_min                            ? 
_refine.occupancy_max                            ? 
_refine.correlation_coeff_Fo_to_Fc               0.953 
_refine.correlation_coeff_Fo_to_Fc_free          0.942 
_refine.B_iso_mean                               24.725 
_refine.aniso_B[1][1]                            -0.01 
_refine.aniso_B[2][2]                            0.00 
_refine.aniso_B[3][3]                            0.01 
_refine.aniso_B[1][2]                            -0.00 
_refine.aniso_B[1][3]                            0.00 
_refine.aniso_B[2][3]                            0.00 
_refine.solvent_model_details                    MASK 
_refine.solvent_model_param_ksol                 ? 
_refine.solvent_model_param_bsol                 ? 
_refine.pdbx_solvent_vdw_probe_radii             1.20 
_refine.pdbx_solvent_ion_probe_radii             0.80 
_refine.pdbx_solvent_shrinkage_radii             0.80 
_refine.pdbx_ls_cross_valid_method               THROUGHOUT 
_refine.details                                  'HYDROGENS HAVE BEEN USED IF PRESENT IN THE INPUT' 
_refine.pdbx_starting_model                      ? 
_refine.pdbx_method_to_determine_struct          'MOLECULAR REPLACEMENT' 
_refine.pdbx_isotropic_thermal_model             ? 
_refine.pdbx_stereochemistry_target_values       'MAXIMUM LIKELIHOOD' 
_refine.pdbx_stereochem_target_val_spec_case     ? 
_refine.pdbx_R_Free_selection_details            RANDOM 
_refine.pdbx_overall_ESU_R                       0.100 
_refine.pdbx_overall_ESU_R_Free                  0.100 
_refine.overall_SU_ML                            0.055 
_refine.pdbx_overall_phase_error                 ? 
_refine.overall_SU_B                             1.636 
_refine.overall_SU_R_Cruickshank_DPI             ? 
_refine.ls_redundancy_reflns_obs                 ? 
_refine.B_iso_min                                ? 
_refine.B_iso_max                                ? 
_refine.overall_SU_R_free                        ? 
_refine.ls_wR_factor_R_free                      ? 
_refine.ls_wR_factor_R_work                      ? 
_refine.overall_FOM_free_R_set                   ? 
_refine.overall_FOM_work_R_set                   ? 
_refine.pdbx_diffrn_id                           1 
_refine.pdbx_refine_id                           'X-RAY DIFFRACTION' 
_refine.pdbx_TLS_residual_ADP_flag               ? 
_refine.pdbx_overall_SU_R_free_Cruickshank_DPI   ? 
_refine.pdbx_overall_SU_R_Blow_DPI               ? 
_refine.pdbx_overall_SU_R_free_Blow_DPI          ? 
# 
_refine_hist.pdbx_refine_id                   'X-RAY DIFFRACTION' 
_refine_hist.cycle_id                         LAST 
_refine_hist.pdbx_number_atoms_protein        1308 
_refine_hist.pdbx_number_atoms_nucleic_acid   0 
_refine_hist.pdbx_number_atoms_ligand         51 
_refine_hist.number_atoms_solvent             64 
_refine_hist.number_atoms_total               1423 
_refine_hist.d_res_high                       1.70 
_refine_hist.d_res_low                        34.19 
# 
loop_
_refine_ls_restr.type 
_refine_ls_restr.dev_ideal 
_refine_ls_restr.dev_ideal_target 
_refine_ls_restr.weight 
_refine_ls_restr.number 
_refine_ls_restr.pdbx_restraint_function 
_refine_ls_restr.pdbx_refine_id 
r_bond_refined_d             0.010  0.019  ? 1377 ? 'X-RAY DIFFRACTION' 
r_bond_other_d               ?      ?      ? ?    ? 'X-RAY DIFFRACTION' 
r_angle_refined_deg          1.791  2.023  ? 1848 ? 'X-RAY DIFFRACTION' 
r_angle_other_deg            ?      ?      ? ?    ? 'X-RAY DIFFRACTION' 
r_dihedral_angle_1_deg       5.451  5.000  ? 162  ? 'X-RAY DIFFRACTION' 
r_dihedral_angle_2_deg       34.522 25.500 ? 60   ? 'X-RAY DIFFRACTION' 
r_dihedral_angle_3_deg       12.970 15.000 ? 265  ? 'X-RAY DIFFRACTION' 
r_dihedral_angle_4_deg       14.295 15.000 ? 5    ? 'X-RAY DIFFRACTION' 
r_chiral_restr               0.185  0.200  ? 214  ? 'X-RAY DIFFRACTION' 
r_gen_planes_refined         0.006  0.021  ? 980  ? 'X-RAY DIFFRACTION' 
r_gen_planes_other           ?      ?      ? ?    ? 'X-RAY DIFFRACTION' 
r_nbd_refined                ?      ?      ? ?    ? 'X-RAY DIFFRACTION' 
r_nbd_other                  ?      ?      ? ?    ? 'X-RAY DIFFRACTION' 
r_nbtor_refined              ?      ?      ? ?    ? 'X-RAY DIFFRACTION' 
r_nbtor_other                ?      ?      ? ?    ? 'X-RAY DIFFRACTION' 
r_xyhbond_nbd_refined        ?      ?      ? ?    ? 'X-RAY DIFFRACTION' 
r_xyhbond_nbd_other          ?      ?      ? ?    ? 'X-RAY DIFFRACTION' 
r_metal_ion_refined          ?      ?      ? ?    ? 'X-RAY DIFFRACTION' 
r_metal_ion_other            ?      ?      ? ?    ? 'X-RAY DIFFRACTION' 
r_symmetry_vdw_refined       ?      ?      ? ?    ? 'X-RAY DIFFRACTION' 
r_symmetry_vdw_other         ?      ?      ? ?    ? 'X-RAY DIFFRACTION' 
r_symmetry_hbond_refined     ?      ?      ? ?    ? 'X-RAY DIFFRACTION' 
r_symmetry_hbond_other       ?      ?      ? ?    ? 'X-RAY DIFFRACTION' 
r_symmetry_metal_ion_refined ?      ?      ? ?    ? 'X-RAY DIFFRACTION' 
r_symmetry_metal_ion_other   ?      ?      ? ?    ? 'X-RAY DIFFRACTION' 
r_mcbond_it                  ?      ?      ? ?    ? 'X-RAY DIFFRACTION' 
r_mcbond_other               ?      ?      ? ?    ? 'X-RAY DIFFRACTION' 
r_mcangle_it                 ?      ?      ? ?    ? 'X-RAY DIFFRACTION' 
r_scbond_it                  ?      ?      ? ?    ? 'X-RAY DIFFRACTION' 
r_scangle_it                 ?      ?      ? ?    ? 'X-RAY DIFFRACTION' 
r_rigid_bond_restr           ?      ?      ? ?    ? 'X-RAY DIFFRACTION' 
r_sphericity_free            ?      ?      ? ?    ? 'X-RAY DIFFRACTION' 
r_sphericity_bonded          ?      ?      ? ?    ? 'X-RAY DIFFRACTION' 
# 
_refine_ls_shell.pdbx_refine_id                   'X-RAY DIFFRACTION' 
_refine_ls_shell.pdbx_total_number_of_bins_used   20 
_refine_ls_shell.d_res_high                       1.700 
_refine_ls_shell.d_res_low                        1.744 
_refine_ls_shell.number_reflns_R_work             1352 
_refine_ls_shell.R_factor_R_work                  0.195 
_refine_ls_shell.percent_reflns_obs               96.59 
_refine_ls_shell.R_factor_R_free                  0.220 
_refine_ls_shell.R_factor_R_free_error            ? 
_refine_ls_shell.percent_reflns_R_free            ? 
_refine_ls_shell.number_reflns_R_free             93 
_refine_ls_shell.number_reflns_all                ? 
_refine_ls_shell.R_factor_all                     ? 
_refine_ls_shell.number_reflns_obs                ? 
_refine_ls_shell.redundancy_reflns_obs            ? 
# 
_struct.entry_id                  4E9B 
_struct.title                     'Structure of Peptide Deformylase form Helicobacter Pylori in complex with actinonin' 
_struct.pdbx_model_details        ? 
_struct.pdbx_CASP_flag            ? 
_struct.pdbx_model_type_details   ? 
# 
_struct_keywords.entry_id        4E9B 
_struct_keywords.pdbx_keywords   'HYDROLASE/HYDROLASE INHIBTIOR' 
_struct_keywords.text            'HYDROLASE-HYDROLASE INHIBTIOR complex' 
# 
loop_
_struct_asym.id 
_struct_asym.pdbx_blank_PDB_chainid_flag 
_struct_asym.pdbx_modified 
_struct_asym.entity_id 
_struct_asym.details 
A N N 1 ? 
B N N 2 ? 
C N N 3 ? 
D N N 4 ? 
E N N 5 ? 
F N N 5 ? 
G N N 6 ? 
# 
_struct_ref.id                         1 
_struct_ref.db_name                    UNP 
_struct_ref.db_code                    Q672W7_HELPX 
_struct_ref.pdbx_db_accession          Q672W7 
_struct_ref.entity_id                  1 
_struct_ref.pdbx_seq_one_letter_code   
;ALLEIIHYPSKILRTISKEVVSFDAKLHQQLDDMYETMIASEGIGLAAIQVGLPLRMLIINLPQEDGVQHKEDCLEIINP
KFIETGGSMMYKEGCLSVPGFYEEVERFEKVKIEYQNRFAEVKVLEASELLAVAIQHEIDHLNGVLFVDKLSILKRKKFE
KELKELQKKQKHK
;
_struct_ref.pdbx_align_begin           2 
_struct_ref.pdbx_db_isoform            ? 
# 
_struct_ref_seq.align_id                      1 
_struct_ref_seq.ref_id                        1 
_struct_ref_seq.pdbx_PDB_id_code              4E9B 
_struct_ref_seq.pdbx_strand_id                A 
_struct_ref_seq.seq_align_beg                 1 
_struct_ref_seq.pdbx_seq_align_beg_ins_code   ? 
_struct_ref_seq.seq_align_end                 163 
_struct_ref_seq.pdbx_seq_align_end_ins_code   ? 
_struct_ref_seq.pdbx_db_accession             Q672W7 
_struct_ref_seq.db_align_beg                  2 
_struct_ref_seq.pdbx_db_align_beg_ins_code    ? 
_struct_ref_seq.db_align_end                  164 
_struct_ref_seq.pdbx_db_align_end_ins_code    ? 
_struct_ref_seq.pdbx_auth_seq_align_beg       2 
_struct_ref_seq.pdbx_auth_seq_align_end       164 
# 
loop_
_struct_ref_seq_dif.align_id 
_struct_ref_seq_dif.pdbx_pdb_id_code 
_struct_ref_seq_dif.mon_id 
_struct_ref_seq_dif.pdbx_pdb_strand_id 
_struct_ref_seq_dif.seq_num 
_struct_ref_seq_dif.pdbx_pdb_ins_code 
_struct_ref_seq_dif.pdbx_seq_db_name 
_struct_ref_seq_dif.pdbx_seq_db_accession_code 
_struct_ref_seq_dif.db_mon_id 
_struct_ref_seq_dif.pdbx_seq_db_seq_num 
_struct_ref_seq_dif.details 
_struct_ref_seq_dif.pdbx_auth_seq_num 
_struct_ref_seq_dif.pdbx_ordinal 
1 4E9B LEU A 174 ? UNP Q672W7 ? ? 'expression tag' 175 1 
1 4E9B GLU A 175 ? UNP Q672W7 ? ? 'expression tag' 176 2 
1 4E9B HIS A 176 ? UNP Q672W7 ? ? 'expression tag' 177 3 
1 4E9B HIS A 177 ? UNP Q672W7 ? ? 'expression tag' 178 4 
1 4E9B HIS A 178 ? UNP Q672W7 ? ? 'expression tag' 179 5 
1 4E9B HIS A 179 ? UNP Q672W7 ? ? 'expression tag' 180 6 
1 4E9B HIS A 180 ? UNP Q672W7 ? ? 'expression tag' 181 7 
1 4E9B HIS A 181 ? UNP Q672W7 ? ? 'expression tag' 182 8 
# 
_pdbx_struct_assembly.id                   1 
_pdbx_struct_assembly.details              author_and_software_defined_assembly 
_pdbx_struct_assembly.method_details       PISA 
_pdbx_struct_assembly.oligomeric_details   monomeric 
_pdbx_struct_assembly.oligomeric_count     1 
# 
_pdbx_struct_assembly_gen.assembly_id       1 
_pdbx_struct_assembly_gen.oper_expression   1 
_pdbx_struct_assembly_gen.asym_id_list      A,B,C,D,E,F,G 
# 
_pdbx_struct_oper_list.id                   1 
_pdbx_struct_oper_list.type                 'identity operation' 
_pdbx_struct_oper_list.name                 1_555 
_pdbx_struct_oper_list.symmetry_operation   x,y,z 
_pdbx_struct_oper_list.matrix[1][1]         1.0000000000 
_pdbx_struct_oper_list.matrix[1][2]         0.0000000000 
_pdbx_struct_oper_list.matrix[1][3]         0.0000000000 
_pdbx_struct_oper_list.vector[1]            0.0000000000 
_pdbx_struct_oper_list.matrix[2][1]         0.0000000000 
_pdbx_struct_oper_list.matrix[2][2]         1.0000000000 
_pdbx_struct_oper_list.matrix[2][3]         0.0000000000 
_pdbx_struct_oper_list.vector[2]            0.0000000000 
_pdbx_struct_oper_list.matrix[3][1]         0.0000000000 
_pdbx_struct_oper_list.matrix[3][2]         0.0000000000 
_pdbx_struct_oper_list.matrix[3][3]         1.0000000000 
_pdbx_struct_oper_list.vector[3]            0.0000000000 
# 
_struct_biol.id        1 
_struct_biol.details   
;ALLEIIHYPSKILRTISKEVVSFDAKLHQQLDDMYETMIASEGIGLAAIQVGLPLRMLIINLPQEDGVQHKEDCLEIINPKFIETGGSMMYKEGCLSVPGFYEEVERFEKVKIEYQNRFAEVKVLEASELLAVAIQHEIDHLNGVLFVDKLSILKRKKFEKEL
;
# 
loop_
_struct_conf.conf_type_id 
_struct_conf.id 
_struct_conf.pdbx_PDB_helix_id 
_struct_conf.beg_label_comp_id 
_struct_conf.beg_label_asym_id 
_struct_conf.beg_label_seq_id 
_struct_conf.pdbx_beg_PDB_ins_code 
_struct_conf.end_label_comp_id 
_struct_conf.end_label_asym_id 
_struct_conf.end_label_seq_id 
_struct_conf.pdbx_end_PDB_ins_code 
_struct_conf.beg_auth_comp_id 
_struct_conf.beg_auth_asym_id 
_struct_conf.beg_auth_seq_id 
_struct_conf.end_auth_comp_id 
_struct_conf.end_auth_asym_id 
_struct_conf.end_auth_seq_id 
_struct_conf.pdbx_PDB_helix_class 
_struct_conf.details 
_struct_conf.pdbx_PDB_helix_length 
HELX_P HELX_P1 1 SER A 10  ? THR A 15  ? SER A 11  THR A 16  5 ? 6  
HELX_P HELX_P2 2 ASP A 24  ? SER A 41  ? ASP A 25  SER A 42  1 ? 18 
HELX_P HELX_P3 3 ILE A 49  ? GLY A 52  ? ILE A 50  GLY A 53  5 ? 4  
HELX_P HELX_P4 4 HIS A 70  ? CYS A 74  ? HIS A 71  CYS A 75  5 ? 5  
HELX_P HELX_P5 5 GLU A 129 ? ASN A 143 ? GLU A 130 ASN A 144 1 ? 15 
HELX_P HELX_P6 6 LEU A 146 ? LEU A 151 ? LEU A 147 LEU A 152 5 ? 6  
HELX_P HELX_P7 7 SER A 152 ? GLU A 162 ? SER A 153 GLU A 163 1 ? 11 
# 
_struct_conf_type.id          HELX_P 
_struct_conf_type.criteria    ? 
_struct_conf_type.reference   ? 
# 
loop_
_struct_conn.id 
_struct_conn.conn_type_id 
_struct_conn.pdbx_leaving_atom_flag 
_struct_conn.pdbx_PDB_id 
_struct_conn.ptnr1_label_asym_id 
_struct_conn.ptnr1_label_comp_id 
_struct_conn.ptnr1_label_seq_id 
_struct_conn.ptnr1_label_atom_id 
_struct_conn.pdbx_ptnr1_label_alt_id 
_struct_conn.pdbx_ptnr1_PDB_ins_code 
_struct_conn.pdbx_ptnr1_standard_comp_id 
_struct_conn.ptnr1_symmetry 
_struct_conn.ptnr2_label_asym_id 
_struct_conn.ptnr2_label_comp_id 
_struct_conn.ptnr2_label_seq_id 
_struct_conn.ptnr2_label_atom_id 
_struct_conn.pdbx_ptnr2_label_alt_id 
_struct_conn.pdbx_ptnr2_PDB_ins_code 
_struct_conn.ptnr1_auth_asym_id 
_struct_conn.ptnr1_auth_comp_id 
_struct_conn.ptnr1_auth_seq_id 
_struct_conn.ptnr2_auth_asym_id 
_struct_conn.ptnr2_auth_comp_id 
_struct_conn.ptnr2_auth_seq_id 
_struct_conn.ptnr2_symmetry 
_struct_conn.pdbx_ptnr3_label_atom_id 
_struct_conn.pdbx_ptnr3_label_seq_id 
_struct_conn.pdbx_ptnr3_label_comp_id 
_struct_conn.pdbx_ptnr3_label_asym_id 
_struct_conn.pdbx_ptnr3_label_alt_id 
_struct_conn.pdbx_ptnr3_PDB_ins_code 
_struct_conn.details 
_struct_conn.pdbx_dist_value 
_struct_conn.pdbx_value_order 
_struct_conn.pdbx_role 
metalc1 metalc ? ? A HIS 137 NE2 ? ? ? 1_555 B CO  . CO ? ? A HIS 138 A CO  201 1_555 ? ? ? ? ? ? ? 2.122 ? ? 
metalc2 metalc ? ? A HIS 141 NE2 ? ? ? 1_555 B CO  . CO ? ? A HIS 142 A CO  201 1_555 ? ? ? ? ? ? ? 2.115 ? ? 
metalc3 metalc ? ? B CO  .   CO  ? ? ? 1_555 C BB2 . O4 ? ? A CO  201 A BB2 202 1_555 ? ? ? ? ? ? ? 2.158 ? ? 
metalc4 metalc ? ? B CO  .   CO  ? ? ? 1_555 C BB2 . O2 ? ? A CO  201 A BB2 202 1_555 ? ? ? ? ? ? ? 2.167 ? ? 
# 
_struct_conn_type.id          metalc 
_struct_conn_type.criteria    ? 
_struct_conn_type.reference   ? 
# 
loop_
_pdbx_struct_conn_angle.id 
_pdbx_struct_conn_angle.ptnr1_label_atom_id 
_pdbx_struct_conn_angle.ptnr1_label_alt_id 
_pdbx_struct_conn_angle.ptnr1_label_asym_id 
_pdbx_struct_conn_angle.ptnr1_label_comp_id 
_pdbx_struct_conn_angle.ptnr1_label_seq_id 
_pdbx_struct_conn_angle.ptnr1_auth_atom_id 
_pdbx_struct_conn_angle.ptnr1_auth_asym_id 
_pdbx_struct_conn_angle.ptnr1_auth_comp_id 
_pdbx_struct_conn_angle.ptnr1_auth_seq_id 
_pdbx_struct_conn_angle.ptnr1_PDB_ins_code 
_pdbx_struct_conn_angle.ptnr1_symmetry 
_pdbx_struct_conn_angle.ptnr2_label_atom_id 
_pdbx_struct_conn_angle.ptnr2_label_alt_id 
_pdbx_struct_conn_angle.ptnr2_label_asym_id 
_pdbx_struct_conn_angle.ptnr2_label_comp_id 
_pdbx_struct_conn_angle.ptnr2_label_seq_id 
_pdbx_struct_conn_angle.ptnr2_auth_atom_id 
_pdbx_struct_conn_angle.ptnr2_auth_asym_id 
_pdbx_struct_conn_angle.ptnr2_auth_comp_id 
_pdbx_struct_conn_angle.ptnr2_auth_seq_id 
_pdbx_struct_conn_angle.ptnr2_PDB_ins_code 
_pdbx_struct_conn_angle.ptnr2_symmetry 
_pdbx_struct_conn_angle.ptnr3_label_atom_id 
_pdbx_struct_conn_angle.ptnr3_label_alt_id 
_pdbx_struct_conn_angle.ptnr3_label_asym_id 
_pdbx_struct_conn_angle.ptnr3_label_comp_id 
_pdbx_struct_conn_angle.ptnr3_label_seq_id 
_pdbx_struct_conn_angle.ptnr3_auth_atom_id 
_pdbx_struct_conn_angle.ptnr3_auth_asym_id 
_pdbx_struct_conn_angle.ptnr3_auth_comp_id 
_pdbx_struct_conn_angle.ptnr3_auth_seq_id 
_pdbx_struct_conn_angle.ptnr3_PDB_ins_code 
_pdbx_struct_conn_angle.ptnr3_symmetry 
_pdbx_struct_conn_angle.value 
_pdbx_struct_conn_angle.value_esd 
1 NE2 ? A HIS 137 ? A HIS 138 ? 1_555 CO ? B CO . ? A CO 201 ? 1_555 NE2 ? A HIS 141 ? A HIS 142 ? 1_555 101.5 ? 
2 NE2 ? A HIS 137 ? A HIS 138 ? 1_555 CO ? B CO . ? A CO 201 ? 1_555 O4  ? C BB2 .   ? A BB2 202 ? 1_555 104.5 ? 
3 NE2 ? A HIS 141 ? A HIS 142 ? 1_555 CO ? B CO . ? A CO 201 ? 1_555 O4  ? C BB2 .   ? A BB2 202 ? 1_555 145.1 ? 
4 NE2 ? A HIS 137 ? A HIS 138 ? 1_555 CO ? B CO . ? A CO 201 ? 1_555 O2  ? C BB2 .   ? A BB2 202 ? 1_555 91.5  ? 
5 NE2 ? A HIS 141 ? A HIS 142 ? 1_555 CO ? B CO . ? A CO 201 ? 1_555 O2  ? C BB2 .   ? A BB2 202 ? 1_555 83.1  ? 
6 O4  ? C BB2 .   ? A BB2 202 ? 1_555 CO ? B CO . ? A CO 201 ? 1_555 O2  ? C BB2 .   ? A BB2 202 ? 1_555 73.4  ? 
# 
_struct_mon_prot_cis.pdbx_id                1 
_struct_mon_prot_cis.label_comp_id          TYR 
_struct_mon_prot_cis.label_seq_id           8 
_struct_mon_prot_cis.label_asym_id          A 
_struct_mon_prot_cis.label_alt_id           . 
_struct_mon_prot_cis.pdbx_PDB_ins_code      ? 
_struct_mon_prot_cis.auth_comp_id           TYR 
_struct_mon_prot_cis.auth_seq_id            9 
_struct_mon_prot_cis.auth_asym_id           A 
_struct_mon_prot_cis.pdbx_label_comp_id_2   PRO 
_struct_mon_prot_cis.pdbx_label_seq_id_2    9 
_struct_mon_prot_cis.pdbx_label_asym_id_2   A 
_struct_mon_prot_cis.pdbx_PDB_ins_code_2    ? 
_struct_mon_prot_cis.pdbx_auth_comp_id_2    PRO 
_struct_mon_prot_cis.pdbx_auth_seq_id_2     10 
_struct_mon_prot_cis.pdbx_auth_asym_id_2    A 
_struct_mon_prot_cis.pdbx_PDB_model_num     1 
_struct_mon_prot_cis.pdbx_omega_angle       7.63 
# 
loop_
_struct_sheet.id 
_struct_sheet.type 
_struct_sheet.number_strands 
_struct_sheet.details 
A ? 5 ? 
B ? 2 ? 
# 
loop_
_struct_sheet_order.sheet_id 
_struct_sheet_order.range_id_1 
_struct_sheet_order.range_id_2 
_struct_sheet_order.offset 
_struct_sheet_order.sense 
A 1 2 ? anti-parallel 
A 2 3 ? anti-parallel 
A 3 4 ? anti-parallel 
A 4 5 ? anti-parallel 
B 1 2 ? anti-parallel 
# 
loop_
_struct_sheet_range.sheet_id 
_struct_sheet_range.id 
_struct_sheet_range.beg_label_comp_id 
_struct_sheet_range.beg_label_asym_id 
_struct_sheet_range.beg_label_seq_id 
_struct_sheet_range.pdbx_beg_PDB_ins_code 
_struct_sheet_range.end_label_comp_id 
_struct_sheet_range.end_label_asym_id 
_struct_sheet_range.end_label_seq_id 
_struct_sheet_range.pdbx_end_PDB_ins_code 
_struct_sheet_range.beg_auth_comp_id 
_struct_sheet_range.beg_auth_asym_id 
_struct_sheet_range.beg_auth_seq_id 
_struct_sheet_range.end_auth_comp_id 
_struct_sheet_range.end_auth_asym_id 
_struct_sheet_range.end_auth_seq_id 
A 1 GLY A 45  ? ALA A 47  ? GLY A 46  ALA A 48  
A 2 MET A 57  ? ILE A 60  ? MET A 58  ILE A 61  
A 3 LEU A 75  ? GLY A 86  ? LEU A 76  GLY A 87  
A 4 LYS A 110 ? GLN A 116 ? LYS A 111 GLN A 117 
A 5 VAL A 122 ? SER A 128 ? VAL A 123 SER A 129 
B 1 MET A 89  ? GLU A 93  ? MET A 90  GLU A 94  
B 2 GLU A 103 ? ARG A 107 ? GLU A 104 ARG A 108 
# 
loop_
_pdbx_struct_sheet_hbond.sheet_id 
_pdbx_struct_sheet_hbond.range_id_1 
_pdbx_struct_sheet_hbond.range_id_2 
_pdbx_struct_sheet_hbond.range_1_label_atom_id 
_pdbx_struct_sheet_hbond.range_1_label_comp_id 
_pdbx_struct_sheet_hbond.range_1_label_asym_id 
_pdbx_struct_sheet_hbond.range_1_label_seq_id 
_pdbx_struct_sheet_hbond.range_1_PDB_ins_code 
_pdbx_struct_sheet_hbond.range_1_auth_atom_id 
_pdbx_struct_sheet_hbond.range_1_auth_comp_id 
_pdbx_struct_sheet_hbond.range_1_auth_asym_id 
_pdbx_struct_sheet_hbond.range_1_auth_seq_id 
_pdbx_struct_sheet_hbond.range_2_label_atom_id 
_pdbx_struct_sheet_hbond.range_2_label_comp_id 
_pdbx_struct_sheet_hbond.range_2_label_asym_id 
_pdbx_struct_sheet_hbond.range_2_label_seq_id 
_pdbx_struct_sheet_hbond.range_2_PDB_ins_code 
_pdbx_struct_sheet_hbond.range_2_auth_atom_id 
_pdbx_struct_sheet_hbond.range_2_auth_comp_id 
_pdbx_struct_sheet_hbond.range_2_auth_asym_id 
_pdbx_struct_sheet_hbond.range_2_auth_seq_id 
A 1 2 N LEU A 46  ? N LEU A 47  O ILE A 59  ? O ILE A 60  
A 2 3 N LEU A 58  ? N LEU A 59  O ILE A 77  ? O ILE A 78  
A 3 4 N ILE A 83  ? N ILE A 84  O LYS A 112 ? O LYS A 113 
A 4 5 N TYR A 115 ? N TYR A 116 O LYS A 123 ? O LYS A 124 
B 1 2 N MET A 89  ? N MET A 90  O ARG A 107 ? O ARG A 108 
# 
loop_
_struct_site.id 
_struct_site.pdbx_evidence_code 
_struct_site.pdbx_auth_asym_id 
_struct_site.pdbx_auth_comp_id 
_struct_site.pdbx_auth_seq_id 
_struct_site.pdbx_auth_ins_code 
_struct_site.pdbx_num_residues 
_struct_site.details 
AC1 Software A CO  201 ? 5  'BINDING SITE FOR RESIDUE CO A 201'  
AC2 Software A BB2 202 ? 13 'BINDING SITE FOR RESIDUE BB2 A 202' 
AC3 Software A EPE 203 ? 5  'BINDING SITE FOR RESIDUE EPE A 203' 
AC4 Software A DMS 204 ? 3  'BINDING SITE FOR RESIDUE DMS A 204' 
AC5 Software A DMS 205 ? 3  'BINDING SITE FOR RESIDUE DMS A 205' 
# 
loop_
_struct_site_gen.id 
_struct_site_gen.site_id 
_struct_site_gen.pdbx_num_res 
_struct_site_gen.label_comp_id 
_struct_site_gen.label_asym_id 
_struct_site_gen.label_seq_id 
_struct_site_gen.pdbx_auth_ins_code 
_struct_site_gen.auth_comp_id 
_struct_site_gen.auth_asym_id 
_struct_site_gen.auth_seq_id 
_struct_site_gen.label_atom_id 
_struct_site_gen.label_alt_id 
_struct_site_gen.symmetry 
_struct_site_gen.details 
1  AC1 5  GLN A 50  ? GLN A 51  . ? 1_555 ? 
2  AC1 5  CYS A 95  ? CYS A 96  . ? 1_555 ? 
3  AC1 5  HIS A 137 ? HIS A 138 . ? 1_555 ? 
4  AC1 5  HIS A 141 ? HIS A 142 . ? 1_555 ? 
5  AC1 5  BB2 C .   ? BB2 A 202 . ? 1_555 ? 
6  AC2 13 GLY A 43  ? GLY A 44  . ? 1_555 ? 
7  AC2 13 ILE A 44  ? ILE A 45  . ? 1_555 ? 
8  AC2 13 GLY A 45  ? GLY A 46  . ? 1_555 ? 
9  AC2 13 GLN A 50  ? GLN A 51  . ? 1_555 ? 
10 AC2 13 LYS A 92  ? LYS A 93  . ? 1_555 ? 
11 AC2 13 GLU A 93  ? GLU A 94  . ? 1_555 ? 
12 AC2 13 GLY A 94  ? GLY A 95  . ? 1_555 ? 
13 AC2 13 CYS A 95  ? CYS A 96  . ? 1_555 ? 
14 AC2 13 LEU A 96  ? LEU A 97  . ? 1_555 ? 
15 AC2 13 HIS A 137 ? HIS A 138 . ? 1_555 ? 
16 AC2 13 GLU A 138 ? GLU A 139 . ? 1_555 ? 
17 AC2 13 HIS A 141 ? HIS A 142 . ? 1_555 ? 
18 AC2 13 CO  B .   ? CO  A 201 . ? 1_555 ? 
19 AC3 5  GLU A 19  ? GLU A 20  . ? 1_555 ? 
20 AC3 5  ARG A 56  ? ARG A 57  . ? 1_555 ? 
21 AC3 5  ASN A 143 ? ASN A 144 . ? 1_555 ? 
22 AC3 5  DMS F .   ? DMS A 205 . ? 1_555 ? 
23 AC3 5  HOH G .   ? HOH A 348 . ? 1_555 ? 
24 AC4 3  ASN A 61  ? ASN A 62  . ? 1_555 ? 
25 AC4 3  LEU A 62  ? LEU A 63  . ? 1_555 ? 
26 AC4 3  ASP A 73  ? ASP A 74  . ? 1_555 ? 
27 AC5 3  SER A 17  ? SER A 18  . ? 1_555 ? 
28 AC5 3  GLU A 19  ? GLU A 20  . ? 1_555 ? 
29 AC5 3  EPE D .   ? EPE A 203 . ? 1_555 ? 
# 
_pdbx_validate_symm_contact.id                1 
_pdbx_validate_symm_contact.PDB_model_num     1 
_pdbx_validate_symm_contact.auth_atom_id_1    O 
_pdbx_validate_symm_contact.auth_asym_id_1    A 
_pdbx_validate_symm_contact.auth_comp_id_1    HOH 
_pdbx_validate_symm_contact.auth_seq_id_1     339 
_pdbx_validate_symm_contact.PDB_ins_code_1    ? 
_pdbx_validate_symm_contact.label_alt_id_1    ? 
_pdbx_validate_symm_contact.site_symmetry_1   1_555 
_pdbx_validate_symm_contact.auth_atom_id_2    O 
_pdbx_validate_symm_contact.auth_asym_id_2    A 
_pdbx_validate_symm_contact.auth_comp_id_2    HOH 
_pdbx_validate_symm_contact.auth_seq_id_2     360 
_pdbx_validate_symm_contact.PDB_ins_code_2    ? 
_pdbx_validate_symm_contact.label_alt_id_2    ? 
_pdbx_validate_symm_contact.site_symmetry_2   3_956 
_pdbx_validate_symm_contact.dist              2.07 
# 
loop_
_pdbx_validate_torsion.id 
_pdbx_validate_torsion.PDB_model_num 
_pdbx_validate_torsion.auth_comp_id 
_pdbx_validate_torsion.auth_asym_id 
_pdbx_validate_torsion.auth_seq_id 
_pdbx_validate_torsion.PDB_ins_code 
_pdbx_validate_torsion.label_alt_id 
_pdbx_validate_torsion.phi 
_pdbx_validate_torsion.psi 
1 1 GLN A 65  ? ? -79.44 -160.93 
2 1 GLU A 130 ? ? 57.21  -138.97 
3 1 GLU A 163 ? ? -73.77 31.30   
# 
loop_
_pdbx_unobs_or_zero_occ_residues.id 
_pdbx_unobs_or_zero_occ_residues.PDB_model_num 
_pdbx_unobs_or_zero_occ_residues.polymer_flag 
_pdbx_unobs_or_zero_occ_residues.occupancy_flag 
_pdbx_unobs_or_zero_occ_residues.auth_asym_id 
_pdbx_unobs_or_zero_occ_residues.auth_comp_id 
_pdbx_unobs_or_zero_occ_residues.auth_seq_id 
_pdbx_unobs_or_zero_occ_residues.PDB_ins_code 
_pdbx_unobs_or_zero_occ_residues.label_asym_id 
_pdbx_unobs_or_zero_occ_residues.label_comp_id 
_pdbx_unobs_or_zero_occ_residues.label_seq_id 
1  1 Y 1 A LYS 165 ? A LYS 164 
2  1 Y 1 A GLU 166 ? A GLU 165 
3  1 Y 1 A LEU 167 ? A LEU 166 
4  1 Y 1 A GLN 168 ? A GLN 167 
5  1 Y 1 A LYS 169 ? A LYS 168 
6  1 Y 1 A LYS 170 ? A LYS 169 
7  1 Y 1 A GLN 171 ? A GLN 170 
8  1 Y 1 A LYS 172 ? A LYS 171 
9  1 Y 1 A HIS 173 ? A HIS 172 
10 1 Y 1 A LYS 174 ? A LYS 173 
11 1 Y 1 A LEU 175 ? A LEU 174 
12 1 Y 1 A GLU 176 ? A GLU 175 
13 1 Y 1 A HIS 177 ? A HIS 176 
14 1 Y 1 A HIS 178 ? A HIS 177 
15 1 Y 1 A HIS 179 ? A HIS 178 
16 1 Y 1 A HIS 180 ? A HIS 179 
17 1 Y 1 A HIS 181 ? A HIS 180 
18 1 Y 1 A HIS 182 ? A HIS 181 
# 
loop_
_chem_comp_atom.comp_id 
_chem_comp_atom.atom_id 
_chem_comp_atom.type_symbol 
_chem_comp_atom.pdbx_aromatic_flag 
_chem_comp_atom.pdbx_stereo_config 
_chem_comp_atom.pdbx_ordinal 
ALA N    N  N N 1   
ALA CA   C  N S 2   
ALA C    C  N N 3   
ALA O    O  N N 4   
ALA CB   C  N N 5   
ALA OXT  O  N N 6   
ALA H    H  N N 7   
ALA H2   H  N N 8   
ALA HA   H  N N 9   
ALA HB1  H  N N 10  
ALA HB2  H  N N 11  
ALA HB3  H  N N 12  
ALA HXT  H  N N 13  
ARG N    N  N N 14  
ARG CA   C  N S 15  
ARG C    C  N N 16  
ARG O    O  N N 17  
ARG CB   C  N N 18  
ARG CG   C  N N 19  
ARG CD   C  N N 20  
ARG NE   N  N N 21  
ARG CZ   C  N N 22  
ARG NH1  N  N N 23  
ARG NH2  N  N N 24  
ARG OXT  O  N N 25  
ARG H    H  N N 26  
ARG H2   H  N N 27  
ARG HA   H  N N 28  
ARG HB2  H  N N 29  
ARG HB3  H  N N 30  
ARG HG2  H  N N 31  
ARG HG3  H  N N 32  
ARG HD2  H  N N 33  
ARG HD3  H  N N 34  
ARG HE   H  N N 35  
ARG HH11 H  N N 36  
ARG HH12 H  N N 37  
ARG HH21 H  N N 38  
ARG HH22 H  N N 39  
ARG HXT  H  N N 40  
ASN N    N  N N 41  
ASN CA   C  N S 42  
ASN C    C  N N 43  
ASN O    O  N N 44  
ASN CB   C  N N 45  
ASN CG   C  N N 46  
ASN OD1  O  N N 47  
ASN ND2  N  N N 48  
ASN OXT  O  N N 49  
ASN H    H  N N 50  
ASN H2   H  N N 51  
ASN HA   H  N N 52  
ASN HB2  H  N N 53  
ASN HB3  H  N N 54  
ASN HD21 H  N N 55  
ASN HD22 H  N N 56  
ASN HXT  H  N N 57  
ASP N    N  N N 58  
ASP CA   C  N S 59  
ASP C    C  N N 60  
ASP O    O  N N 61  
ASP CB   C  N N 62  
ASP CG   C  N N 63  
ASP OD1  O  N N 64  
ASP OD2  O  N N 65  
ASP OXT  O  N N 66  
ASP H    H  N N 67  
ASP H2   H  N N 68  
ASP HA   H  N N 69  
ASP HB2  H  N N 70  
ASP HB3  H  N N 71  
ASP HD2  H  N N 72  
ASP HXT  H  N N 73  
BB2 C5   C  N N 74  
BB2 C3   C  N N 75  
BB2 O4   O  N N 76  
BB2 N1   N  N N 77  
BB2 O2   O  N N 78  
BB2 C6   C  N R 79  
BB2 C12  C  N N 80  
BB2 O13  O  N N 81  
BB2 C7   C  N N 82  
BB2 C8   C  N N 83  
BB2 C9   C  N N 84  
BB2 C10  C  N N 85  
BB2 C11  C  N N 86  
BB2 N14  N  N N 87  
BB2 C15  C  N S 88  
BB2 C16  C  N N 89  
BB2 C18  C  N N 90  
BB2 C17  C  N N 91  
BB2 C19  C  N N 92  
BB2 O20  O  N N 93  
BB2 N21  N  N N 94  
BB2 C22  C  N S 95  
BB2 C23  C  N N 96  
BB2 C24  C  N N 97  
BB2 C25  C  N N 98  
BB2 C26  C  N N 99  
BB2 O27  O  N N 100 
BB2 H51  H  N N 101 
BB2 H52  H  N N 102 
BB2 HN1  H  N N 103 
BB2 HO2  H  N N 104 
BB2 H6   H  N N 105 
BB2 H71  H  N N 106 
BB2 H72  H  N N 107 
BB2 H81  H  N N 108 
BB2 H82  H  N N 109 
BB2 H91  H  N N 110 
BB2 H92  H  N N 111 
BB2 H101 H  N N 112 
BB2 H102 H  N N 113 
BB2 H111 H  N N 114 
BB2 H112 H  N N 115 
BB2 H113 H  N N 116 
BB2 H14  H  N N 117 
BB2 H15  H  N N 118 
BB2 H16  H  N N 119 
BB2 H181 H  N N 120 
BB2 H182 H  N N 121 
BB2 H183 H  N N 122 
BB2 H171 H  N N 123 
BB2 H172 H  N N 124 
BB2 H173 H  N N 125 
BB2 H22  H  N N 126 
BB2 H231 H  N N 127 
BB2 H232 H  N N 128 
BB2 H241 H  N N 129 
BB2 H242 H  N N 130 
BB2 H251 H  N N 131 
BB2 H252 H  N N 132 
BB2 H261 H  N N 133 
BB2 H262 H  N N 134 
BB2 H27  H  N N 135 
CO  CO   CO N N 136 
CYS N    N  N N 137 
CYS CA   C  N R 138 
CYS C    C  N N 139 
CYS O    O  N N 140 
CYS CB   C  N N 141 
CYS SG   S  N N 142 
CYS OXT  O  N N 143 
CYS H    H  N N 144 
CYS H2   H  N N 145 
CYS HA   H  N N 146 
CYS HB2  H  N N 147 
CYS HB3  H  N N 148 
CYS HG   H  N N 149 
CYS HXT  H  N N 150 
DMS S    S  N N 151 
DMS O    O  N N 152 
DMS C1   C  N N 153 
DMS C2   C  N N 154 
DMS H11  H  N N 155 
DMS H12  H  N N 156 
DMS H13  H  N N 157 
DMS H21  H  N N 158 
DMS H22  H  N N 159 
DMS H23  H  N N 160 
EPE N1   N  N N 161 
EPE C2   C  N N 162 
EPE C3   C  N N 163 
EPE N4   N  N N 164 
EPE C5   C  N N 165 
EPE C6   C  N N 166 
EPE C7   C  N N 167 
EPE C8   C  N N 168 
EPE O8   O  N N 169 
EPE C9   C  N N 170 
EPE C10  C  N N 171 
EPE S    S  N N 172 
EPE O1S  O  N N 173 
EPE O2S  O  N N 174 
EPE O3S  O  N N 175 
EPE H21  H  N N 176 
EPE H22  H  N N 177 
EPE H31  H  N N 178 
EPE H32  H  N N 179 
EPE H51  H  N N 180 
EPE H52  H  N N 181 
EPE H61  H  N N 182 
EPE H62  H  N N 183 
EPE H71  H  N N 184 
EPE H72  H  N N 185 
EPE H81  H  N N 186 
EPE H82  H  N N 187 
EPE HO8  H  N N 188 
EPE H91  H  N N 189 
EPE H92  H  N N 190 
EPE H101 H  N N 191 
EPE H102 H  N N 192 
EPE HOS3 H  N N 193 
GLN N    N  N N 194 
GLN CA   C  N S 195 
GLN C    C  N N 196 
GLN O    O  N N 197 
GLN CB   C  N N 198 
GLN CG   C  N N 199 
GLN CD   C  N N 200 
GLN OE1  O  N N 201 
GLN NE2  N  N N 202 
GLN OXT  O  N N 203 
GLN H    H  N N 204 
GLN H2   H  N N 205 
GLN HA   H  N N 206 
GLN HB2  H  N N 207 
GLN HB3  H  N N 208 
GLN HG2  H  N N 209 
GLN HG3  H  N N 210 
GLN HE21 H  N N 211 
GLN HE22 H  N N 212 
GLN HXT  H  N N 213 
GLU N    N  N N 214 
GLU CA   C  N S 215 
GLU C    C  N N 216 
GLU O    O  N N 217 
GLU CB   C  N N 218 
GLU CG   C  N N 219 
GLU CD   C  N N 220 
GLU OE1  O  N N 221 
GLU OE2  O  N N 222 
GLU OXT  O  N N 223 
GLU H    H  N N 224 
GLU H2   H  N N 225 
GLU HA   H  N N 226 
GLU HB2  H  N N 227 
GLU HB3  H  N N 228 
GLU HG2  H  N N 229 
GLU HG3  H  N N 230 
GLU HE2  H  N N 231 
GLU HXT  H  N N 232 
GLY N    N  N N 233 
GLY CA   C  N N 234 
GLY C    C  N N 235 
GLY O    O  N N 236 
GLY OXT  O  N N 237 
GLY H    H  N N 238 
GLY H2   H  N N 239 
GLY HA2  H  N N 240 
GLY HA3  H  N N 241 
GLY HXT  H  N N 242 
HIS N    N  N N 243 
HIS CA   C  N S 244 
HIS C    C  N N 245 
HIS O    O  N N 246 
HIS CB   C  N N 247 
HIS CG   C  Y N 248 
HIS ND1  N  Y N 249 
HIS CD2  C  Y N 250 
HIS CE1  C  Y N 251 
HIS NE2  N  Y N 252 
HIS OXT  O  N N 253 
HIS H    H  N N 254 
HIS H2   H  N N 255 
HIS HA   H  N N 256 
HIS HB2  H  N N 257 
HIS HB3  H  N N 258 
HIS HD1  H  N N 259 
HIS HD2  H  N N 260 
HIS HE1  H  N N 261 
HIS HE2  H  N N 262 
HIS HXT  H  N N 263 
HOH O    O  N N 264 
HOH H1   H  N N 265 
HOH H2   H  N N 266 
ILE N    N  N N 267 
ILE CA   C  N S 268 
ILE C    C  N N 269 
ILE O    O  N N 270 
ILE CB   C  N S 271 
ILE CG1  C  N N 272 
ILE CG2  C  N N 273 
ILE CD1  C  N N 274 
ILE OXT  O  N N 275 
ILE H    H  N N 276 
ILE H2   H  N N 277 
ILE HA   H  N N 278 
ILE HB   H  N N 279 
ILE HG12 H  N N 280 
ILE HG13 H  N N 281 
ILE HG21 H  N N 282 
ILE HG22 H  N N 283 
ILE HG23 H  N N 284 
ILE HD11 H  N N 285 
ILE HD12 H  N N 286 
ILE HD13 H  N N 287 
ILE HXT  H  N N 288 
LEU N    N  N N 289 
LEU CA   C  N S 290 
LEU C    C  N N 291 
LEU O    O  N N 292 
LEU CB   C  N N 293 
LEU CG   C  N N 294 
LEU CD1  C  N N 295 
LEU CD2  C  N N 296 
LEU OXT  O  N N 297 
LEU H    H  N N 298 
LEU H2   H  N N 299 
LEU HA   H  N N 300 
LEU HB2  H  N N 301 
LEU HB3  H  N N 302 
LEU HG   H  N N 303 
LEU HD11 H  N N 304 
LEU HD12 H  N N 305 
LEU HD13 H  N N 306 
LEU HD21 H  N N 307 
LEU HD22 H  N N 308 
LEU HD23 H  N N 309 
LEU HXT  H  N N 310 
LYS N    N  N N 311 
LYS CA   C  N S 312 
LYS C    C  N N 313 
LYS O    O  N N 314 
LYS CB   C  N N 315 
LYS CG   C  N N 316 
LYS CD   C  N N 317 
LYS CE   C  N N 318 
LYS NZ   N  N N 319 
LYS OXT  O  N N 320 
LYS H    H  N N 321 
LYS H2   H  N N 322 
LYS HA   H  N N 323 
LYS HB2  H  N N 324 
LYS HB3  H  N N 325 
LYS HG2  H  N N 326 
LYS HG3  H  N N 327 
LYS HD2  H  N N 328 
LYS HD3  H  N N 329 
LYS HE2  H  N N 330 
LYS HE3  H  N N 331 
LYS HZ1  H  N N 332 
LYS HZ2  H  N N 333 
LYS HZ3  H  N N 334 
LYS HXT  H  N N 335 
MET N    N  N N 336 
MET CA   C  N S 337 
MET C    C  N N 338 
MET O    O  N N 339 
MET CB   C  N N 340 
MET CG   C  N N 341 
MET SD   S  N N 342 
MET CE   C  N N 343 
MET OXT  O  N N 344 
MET H    H  N N 345 
MET H2   H  N N 346 
MET HA   H  N N 347 
MET HB2  H  N N 348 
MET HB3  H  N N 349 
MET HG2  H  N N 350 
MET HG3  H  N N 351 
MET HE1  H  N N 352 
MET HE2  H  N N 353 
MET HE3  H  N N 354 
MET HXT  H  N N 355 
PHE N    N  N N 356 
PHE CA   C  N S 357 
PHE C    C  N N 358 
PHE O    O  N N 359 
PHE CB   C  N N 360 
PHE CG   C  Y N 361 
PHE CD1  C  Y N 362 
PHE CD2  C  Y N 363 
PHE CE1  C  Y N 364 
PHE CE2  C  Y N 365 
PHE CZ   C  Y N 366 
PHE OXT  O  N N 367 
PHE H    H  N N 368 
PHE H2   H  N N 369 
PHE HA   H  N N 370 
PHE HB2  H  N N 371 
PHE HB3  H  N N 372 
PHE HD1  H  N N 373 
PHE HD2  H  N N 374 
PHE HE1  H  N N 375 
PHE HE2  H  N N 376 
PHE HZ   H  N N 377 
PHE HXT  H  N N 378 
PRO N    N  N N 379 
PRO CA   C  N S 380 
PRO C    C  N N 381 
PRO O    O  N N 382 
PRO CB   C  N N 383 
PRO CG   C  N N 384 
PRO CD   C  N N 385 
PRO OXT  O  N N 386 
PRO H    H  N N 387 
PRO HA   H  N N 388 
PRO HB2  H  N N 389 
PRO HB3  H  N N 390 
PRO HG2  H  N N 391 
PRO HG3  H  N N 392 
PRO HD2  H  N N 393 
PRO HD3  H  N N 394 
PRO HXT  H  N N 395 
SER N    N  N N 396 
SER CA   C  N S 397 
SER C    C  N N 398 
SER O    O  N N 399 
SER CB   C  N N 400 
SER OG   O  N N 401 
SER OXT  O  N N 402 
SER H    H  N N 403 
SER H2   H  N N 404 
SER HA   H  N N 405 
SER HB2  H  N N 406 
SER HB3  H  N N 407 
SER HG   H  N N 408 
SER HXT  H  N N 409 
THR N    N  N N 410 
THR CA   C  N S 411 
THR C    C  N N 412 
THR O    O  N N 413 
THR CB   C  N R 414 
THR OG1  O  N N 415 
THR CG2  C  N N 416 
THR OXT  O  N N 417 
THR H    H  N N 418 
THR H2   H  N N 419 
THR HA   H  N N 420 
THR HB   H  N N 421 
THR HG1  H  N N 422 
THR HG21 H  N N 423 
THR HG22 H  N N 424 
THR HG23 H  N N 425 
THR HXT  H  N N 426 
TYR N    N  N N 427 
TYR CA   C  N S 428 
TYR C    C  N N 429 
TYR O    O  N N 430 
TYR CB   C  N N 431 
TYR CG   C  Y N 432 
TYR CD1  C  Y N 433 
TYR CD2  C  Y N 434 
TYR CE1  C  Y N 435 
TYR CE2  C  Y N 436 
TYR CZ   C  Y N 437 
TYR OH   O  N N 438 
TYR OXT  O  N N 439 
TYR H    H  N N 440 
TYR H2   H  N N 441 
TYR HA   H  N N 442 
TYR HB2  H  N N 443 
TYR HB3  H  N N 444 
TYR HD1  H  N N 445 
TYR HD2  H  N N 446 
TYR HE1  H  N N 447 
TYR HE2  H  N N 448 
TYR HH   H  N N 449 
TYR HXT  H  N N 450 
VAL N    N  N N 451 
VAL CA   C  N S 452 
VAL C    C  N N 453 
VAL O    O  N N 454 
VAL CB   C  N N 455 
VAL CG1  C  N N 456 
VAL CG2  C  N N 457 
VAL OXT  O  N N 458 
VAL H    H  N N 459 
VAL H2   H  N N 460 
VAL HA   H  N N 461 
VAL HB   H  N N 462 
VAL HG11 H  N N 463 
VAL HG12 H  N N 464 
VAL HG13 H  N N 465 
VAL HG21 H  N N 466 
VAL HG22 H  N N 467 
VAL HG23 H  N N 468 
VAL HXT  H  N N 469 
# 
loop_
_chem_comp_bond.comp_id 
_chem_comp_bond.atom_id_1 
_chem_comp_bond.atom_id_2 
_chem_comp_bond.value_order 
_chem_comp_bond.pdbx_aromatic_flag 
_chem_comp_bond.pdbx_stereo_config 
_chem_comp_bond.pdbx_ordinal 
ALA N   CA   sing N N 1   
ALA N   H    sing N N 2   
ALA N   H2   sing N N 3   
ALA CA  C    sing N N 4   
ALA CA  CB   sing N N 5   
ALA CA  HA   sing N N 6   
ALA C   O    doub N N 7   
ALA C   OXT  sing N N 8   
ALA CB  HB1  sing N N 9   
ALA CB  HB2  sing N N 10  
ALA CB  HB3  sing N N 11  
ALA OXT HXT  sing N N 12  
ARG N   CA   sing N N 13  
ARG N   H    sing N N 14  
ARG N   H2   sing N N 15  
ARG CA  C    sing N N 16  
ARG CA  CB   sing N N 17  
ARG CA  HA   sing N N 18  
ARG C   O    doub N N 19  
ARG C   OXT  sing N N 20  
ARG CB  CG   sing N N 21  
ARG CB  HB2  sing N N 22  
ARG CB  HB3  sing N N 23  
ARG CG  CD   sing N N 24  
ARG CG  HG2  sing N N 25  
ARG CG  HG3  sing N N 26  
ARG CD  NE   sing N N 27  
ARG CD  HD2  sing N N 28  
ARG CD  HD3  sing N N 29  
ARG NE  CZ   sing N N 30  
ARG NE  HE   sing N N 31  
ARG CZ  NH1  sing N N 32  
ARG CZ  NH2  doub N N 33  
ARG NH1 HH11 sing N N 34  
ARG NH1 HH12 sing N N 35  
ARG NH2 HH21 sing N N 36  
ARG NH2 HH22 sing N N 37  
ARG OXT HXT  sing N N 38  
ASN N   CA   sing N N 39  
ASN N   H    sing N N 40  
ASN N   H2   sing N N 41  
ASN CA  C    sing N N 42  
ASN CA  CB   sing N N 43  
ASN CA  HA   sing N N 44  
ASN C   O    doub N N 45  
ASN C   OXT  sing N N 46  
ASN CB  CG   sing N N 47  
ASN CB  HB2  sing N N 48  
ASN CB  HB3  sing N N 49  
ASN CG  OD1  doub N N 50  
ASN CG  ND2  sing N N 51  
ASN ND2 HD21 sing N N 52  
ASN ND2 HD22 sing N N 53  
ASN OXT HXT  sing N N 54  
ASP N   CA   sing N N 55  
ASP N   H    sing N N 56  
ASP N   H2   sing N N 57  
ASP CA  C    sing N N 58  
ASP CA  CB   sing N N 59  
ASP CA  HA   sing N N 60  
ASP C   O    doub N N 61  
ASP C   OXT  sing N N 62  
ASP CB  CG   sing N N 63  
ASP CB  HB2  sing N N 64  
ASP CB  HB3  sing N N 65  
ASP CG  OD1  doub N N 66  
ASP CG  OD2  sing N N 67  
ASP OD2 HD2  sing N N 68  
ASP OXT HXT  sing N N 69  
BB2 C5  C3   sing N N 70  
BB2 C5  C6   sing N N 71  
BB2 C5  H51  sing N N 72  
BB2 C5  H52  sing N N 73  
BB2 C3  O4   doub N N 74  
BB2 C3  N1   sing N N 75  
BB2 N1  O2   sing N N 76  
BB2 N1  HN1  sing N N 77  
BB2 O2  HO2  sing N N 78  
BB2 C6  C12  sing N N 79  
BB2 C6  C7   sing N N 80  
BB2 C6  H6   sing N N 81  
BB2 C12 O13  doub N N 82  
BB2 C12 N14  sing N N 83  
BB2 C7  C8   sing N N 84  
BB2 C7  H71  sing N N 85  
BB2 C7  H72  sing N N 86  
BB2 C8  C9   sing N N 87  
BB2 C8  H81  sing N N 88  
BB2 C8  H82  sing N N 89  
BB2 C9  C10  sing N N 90  
BB2 C9  H91  sing N N 91  
BB2 C9  H92  sing N N 92  
BB2 C10 C11  sing N N 93  
BB2 C10 H101 sing N N 94  
BB2 C10 H102 sing N N 95  
BB2 C11 H111 sing N N 96  
BB2 C11 H112 sing N N 97  
BB2 C11 H113 sing N N 98  
BB2 N14 C15  sing N N 99  
BB2 N14 H14  sing N N 100 
BB2 C15 C16  sing N N 101 
BB2 C15 C19  sing N N 102 
BB2 C15 H15  sing N N 103 
BB2 C16 C18  sing N N 104 
BB2 C16 C17  sing N N 105 
BB2 C16 H16  sing N N 106 
BB2 C18 H181 sing N N 107 
BB2 C18 H182 sing N N 108 
BB2 C18 H183 sing N N 109 
BB2 C17 H171 sing N N 110 
BB2 C17 H172 sing N N 111 
BB2 C17 H173 sing N N 112 
BB2 C19 O20  doub N N 113 
BB2 C19 N21  sing N N 114 
BB2 N21 C22  sing N N 115 
BB2 N21 C23  sing N N 116 
BB2 C22 C25  sing N N 117 
BB2 C22 C26  sing N N 118 
BB2 C22 H22  sing N N 119 
BB2 C23 C24  sing N N 120 
BB2 C23 H231 sing N N 121 
BB2 C23 H232 sing N N 122 
BB2 C24 C25  sing N N 123 
BB2 C24 H241 sing N N 124 
BB2 C24 H242 sing N N 125 
BB2 C25 H251 sing N N 126 
BB2 C25 H252 sing N N 127 
BB2 C26 O27  sing N N 128 
BB2 C26 H261 sing N N 129 
BB2 C26 H262 sing N N 130 
BB2 O27 H27  sing N N 131 
CYS N   CA   sing N N 132 
CYS N   H    sing N N 133 
CYS N   H2   sing N N 134 
CYS CA  C    sing N N 135 
CYS CA  CB   sing N N 136 
CYS CA  HA   sing N N 137 
CYS C   O    doub N N 138 
CYS C   OXT  sing N N 139 
CYS CB  SG   sing N N 140 
CYS CB  HB2  sing N N 141 
CYS CB  HB3  sing N N 142 
CYS SG  HG   sing N N 143 
CYS OXT HXT  sing N N 144 
DMS S   O    doub N N 145 
DMS S   C1   sing N N 146 
DMS S   C2   sing N N 147 
DMS C1  H11  sing N N 148 
DMS C1  H12  sing N N 149 
DMS C1  H13  sing N N 150 
DMS C2  H21  sing N N 151 
DMS C2  H22  sing N N 152 
DMS C2  H23  sing N N 153 
EPE N1  C2   sing N N 154 
EPE N1  C6   sing N N 155 
EPE N1  C9   sing N N 156 
EPE C2  C3   sing N N 157 
EPE C2  H21  sing N N 158 
EPE C2  H22  sing N N 159 
EPE C3  N4   sing N N 160 
EPE C3  H31  sing N N 161 
EPE C3  H32  sing N N 162 
EPE N4  C5   sing N N 163 
EPE N4  C7   sing N N 164 
EPE C5  C6   sing N N 165 
EPE C5  H51  sing N N 166 
EPE C5  H52  sing N N 167 
EPE C6  H61  sing N N 168 
EPE C6  H62  sing N N 169 
EPE C7  C8   sing N N 170 
EPE C7  H71  sing N N 171 
EPE C7  H72  sing N N 172 
EPE C8  O8   sing N N 173 
EPE C8  H81  sing N N 174 
EPE C8  H82  sing N N 175 
EPE O8  HO8  sing N N 176 
EPE C9  C10  sing N N 177 
EPE C9  H91  sing N N 178 
EPE C9  H92  sing N N 179 
EPE C10 S    sing N N 180 
EPE C10 H101 sing N N 181 
EPE C10 H102 sing N N 182 
EPE S   O1S  doub N N 183 
EPE S   O2S  doub N N 184 
EPE S   O3S  sing N N 185 
EPE O3S HOS3 sing N N 186 
GLN N   CA   sing N N 187 
GLN N   H    sing N N 188 
GLN N   H2   sing N N 189 
GLN CA  C    sing N N 190 
GLN CA  CB   sing N N 191 
GLN CA  HA   sing N N 192 
GLN C   O    doub N N 193 
GLN C   OXT  sing N N 194 
GLN CB  CG   sing N N 195 
GLN CB  HB2  sing N N 196 
GLN CB  HB3  sing N N 197 
GLN CG  CD   sing N N 198 
GLN CG  HG2  sing N N 199 
GLN CG  HG3  sing N N 200 
GLN CD  OE1  doub N N 201 
GLN CD  NE2  sing N N 202 
GLN NE2 HE21 sing N N 203 
GLN NE2 HE22 sing N N 204 
GLN OXT HXT  sing N N 205 
GLU N   CA   sing N N 206 
GLU N   H    sing N N 207 
GLU N   H2   sing N N 208 
GLU CA  C    sing N N 209 
GLU CA  CB   sing N N 210 
GLU CA  HA   sing N N 211 
GLU C   O    doub N N 212 
GLU C   OXT  sing N N 213 
GLU CB  CG   sing N N 214 
GLU CB  HB2  sing N N 215 
GLU CB  HB3  sing N N 216 
GLU CG  CD   sing N N 217 
GLU CG  HG2  sing N N 218 
GLU CG  HG3  sing N N 219 
GLU CD  OE1  doub N N 220 
GLU CD  OE2  sing N N 221 
GLU OE2 HE2  sing N N 222 
GLU OXT HXT  sing N N 223 
GLY N   CA   sing N N 224 
GLY N   H    sing N N 225 
GLY N   H2   sing N N 226 
GLY CA  C    sing N N 227 
GLY CA  HA2  sing N N 228 
GLY CA  HA3  sing N N 229 
GLY C   O    doub N N 230 
GLY C   OXT  sing N N 231 
GLY OXT HXT  sing N N 232 
HIS N   CA   sing N N 233 
HIS N   H    sing N N 234 
HIS N   H2   sing N N 235 
HIS CA  C    sing N N 236 
HIS CA  CB   sing N N 237 
HIS CA  HA   sing N N 238 
HIS C   O    doub N N 239 
HIS C   OXT  sing N N 240 
HIS CB  CG   sing N N 241 
HIS CB  HB2  sing N N 242 
HIS CB  HB3  sing N N 243 
HIS CG  ND1  sing Y N 244 
HIS CG  CD2  doub Y N 245 
HIS ND1 CE1  doub Y N 246 
HIS ND1 HD1  sing N N 247 
HIS CD2 NE2  sing Y N 248 
HIS CD2 HD2  sing N N 249 
HIS CE1 NE2  sing Y N 250 
HIS CE1 HE1  sing N N 251 
HIS NE2 HE2  sing N N 252 
HIS OXT HXT  sing N N 253 
HOH O   H1   sing N N 254 
HOH O   H2   sing N N 255 
ILE N   CA   sing N N 256 
ILE N   H    sing N N 257 
ILE N   H2   sing N N 258 
ILE CA  C    sing N N 259 
ILE CA  CB   sing N N 260 
ILE CA  HA   sing N N 261 
ILE C   O    doub N N 262 
ILE C   OXT  sing N N 263 
ILE CB  CG1  sing N N 264 
ILE CB  CG2  sing N N 265 
ILE CB  HB   sing N N 266 
ILE CG1 CD1  sing N N 267 
ILE CG1 HG12 sing N N 268 
ILE CG1 HG13 sing N N 269 
ILE CG2 HG21 sing N N 270 
ILE CG2 HG22 sing N N 271 
ILE CG2 HG23 sing N N 272 
ILE CD1 HD11 sing N N 273 
ILE CD1 HD12 sing N N 274 
ILE CD1 HD13 sing N N 275 
ILE OXT HXT  sing N N 276 
LEU N   CA   sing N N 277 
LEU N   H    sing N N 278 
LEU N   H2   sing N N 279 
LEU CA  C    sing N N 280 
LEU CA  CB   sing N N 281 
LEU CA  HA   sing N N 282 
LEU C   O    doub N N 283 
LEU C   OXT  sing N N 284 
LEU CB  CG   sing N N 285 
LEU CB  HB2  sing N N 286 
LEU CB  HB3  sing N N 287 
LEU CG  CD1  sing N N 288 
LEU CG  CD2  sing N N 289 
LEU CG  HG   sing N N 290 
LEU CD1 HD11 sing N N 291 
LEU CD1 HD12 sing N N 292 
LEU CD1 HD13 sing N N 293 
LEU CD2 HD21 sing N N 294 
LEU CD2 HD22 sing N N 295 
LEU CD2 HD23 sing N N 296 
LEU OXT HXT  sing N N 297 
LYS N   CA   sing N N 298 
LYS N   H    sing N N 299 
LYS N   H2   sing N N 300 
LYS CA  C    sing N N 301 
LYS CA  CB   sing N N 302 
LYS CA  HA   sing N N 303 
LYS C   O    doub N N 304 
LYS C   OXT  sing N N 305 
LYS CB  CG   sing N N 306 
LYS CB  HB2  sing N N 307 
LYS CB  HB3  sing N N 308 
LYS CG  CD   sing N N 309 
LYS CG  HG2  sing N N 310 
LYS CG  HG3  sing N N 311 
LYS CD  CE   sing N N 312 
LYS CD  HD2  sing N N 313 
LYS CD  HD3  sing N N 314 
LYS CE  NZ   sing N N 315 
LYS CE  HE2  sing N N 316 
LYS CE  HE3  sing N N 317 
LYS NZ  HZ1  sing N N 318 
LYS NZ  HZ2  sing N N 319 
LYS NZ  HZ3  sing N N 320 
LYS OXT HXT  sing N N 321 
MET N   CA   sing N N 322 
MET N   H    sing N N 323 
MET N   H2   sing N N 324 
MET CA  C    sing N N 325 
MET CA  CB   sing N N 326 
MET CA  HA   sing N N 327 
MET C   O    doub N N 328 
MET C   OXT  sing N N 329 
MET CB  CG   sing N N 330 
MET CB  HB2  sing N N 331 
MET CB  HB3  sing N N 332 
MET CG  SD   sing N N 333 
MET CG  HG2  sing N N 334 
MET CG  HG3  sing N N 335 
MET SD  CE   sing N N 336 
MET CE  HE1  sing N N 337 
MET CE  HE2  sing N N 338 
MET CE  HE3  sing N N 339 
MET OXT HXT  sing N N 340 
PHE N   CA   sing N N 341 
PHE N   H    sing N N 342 
PHE N   H2   sing N N 343 
PHE CA  C    sing N N 344 
PHE CA  CB   sing N N 345 
PHE CA  HA   sing N N 346 
PHE C   O    doub N N 347 
PHE C   OXT  sing N N 348 
PHE CB  CG   sing N N 349 
PHE CB  HB2  sing N N 350 
PHE CB  HB3  sing N N 351 
PHE CG  CD1  doub Y N 352 
PHE CG  CD2  sing Y N 353 
PHE CD1 CE1  sing Y N 354 
PHE CD1 HD1  sing N N 355 
PHE CD2 CE2  doub Y N 356 
PHE CD2 HD2  sing N N 357 
PHE CE1 CZ   doub Y N 358 
PHE CE1 HE1  sing N N 359 
PHE CE2 CZ   sing Y N 360 
PHE CE2 HE2  sing N N 361 
PHE CZ  HZ   sing N N 362 
PHE OXT HXT  sing N N 363 
PRO N   CA   sing N N 364 
PRO N   CD   sing N N 365 
PRO N   H    sing N N 366 
PRO CA  C    sing N N 367 
PRO CA  CB   sing N N 368 
PRO CA  HA   sing N N 369 
PRO C   O    doub N N 370 
PRO C   OXT  sing N N 371 
PRO CB  CG   sing N N 372 
PRO CB  HB2  sing N N 373 
PRO CB  HB3  sing N N 374 
PRO CG  CD   sing N N 375 
PRO CG  HG2  sing N N 376 
PRO CG  HG3  sing N N 377 
PRO CD  HD2  sing N N 378 
PRO CD  HD3  sing N N 379 
PRO OXT HXT  sing N N 380 
SER N   CA   sing N N 381 
SER N   H    sing N N 382 
SER N   H2   sing N N 383 
SER CA  C    sing N N 384 
SER CA  CB   sing N N 385 
SER CA  HA   sing N N 386 
SER C   O    doub N N 387 
SER C   OXT  sing N N 388 
SER CB  OG   sing N N 389 
SER CB  HB2  sing N N 390 
SER CB  HB3  sing N N 391 
SER OG  HG   sing N N 392 
SER OXT HXT  sing N N 393 
THR N   CA   sing N N 394 
THR N   H    sing N N 395 
THR N   H2   sing N N 396 
THR CA  C    sing N N 397 
THR CA  CB   sing N N 398 
THR CA  HA   sing N N 399 
THR C   O    doub N N 400 
THR C   OXT  sing N N 401 
THR CB  OG1  sing N N 402 
THR CB  CG2  sing N N 403 
THR CB  HB   sing N N 404 
THR OG1 HG1  sing N N 405 
THR CG2 HG21 sing N N 406 
THR CG2 HG22 sing N N 407 
THR CG2 HG23 sing N N 408 
THR OXT HXT  sing N N 409 
TYR N   CA   sing N N 410 
TYR N   H    sing N N 411 
TYR N   H2   sing N N 412 
TYR CA  C    sing N N 413 
TYR CA  CB   sing N N 414 
TYR CA  HA   sing N N 415 
TYR C   O    doub N N 416 
TYR C   OXT  sing N N 417 
TYR CB  CG   sing N N 418 
TYR CB  HB2  sing N N 419 
TYR CB  HB3  sing N N 420 
TYR CG  CD1  doub Y N 421 
TYR CG  CD2  sing Y N 422 
TYR CD1 CE1  sing Y N 423 
TYR CD1 HD1  sing N N 424 
TYR CD2 CE2  doub Y N 425 
TYR CD2 HD2  sing N N 426 
TYR CE1 CZ   doub Y N 427 
TYR CE1 HE1  sing N N 428 
TYR CE2 CZ   sing Y N 429 
TYR CE2 HE2  sing N N 430 
TYR CZ  OH   sing N N 431 
TYR OH  HH   sing N N 432 
TYR OXT HXT  sing N N 433 
VAL N   CA   sing N N 434 
VAL N   H    sing N N 435 
VAL N   H2   sing N N 436 
VAL CA  C    sing N N 437 
VAL CA  CB   sing N N 438 
VAL CA  HA   sing N N 439 
VAL C   O    doub N N 440 
VAL C   OXT  sing N N 441 
VAL CB  CG1  sing N N 442 
VAL CB  CG2  sing N N 443 
VAL CB  HB   sing N N 444 
VAL CG1 HG11 sing N N 445 
VAL CG1 HG12 sing N N 446 
VAL CG1 HG13 sing N N 447 
VAL CG2 HG21 sing N N 448 
VAL CG2 HG22 sing N N 449 
VAL CG2 HG23 sing N N 450 
VAL OXT HXT  sing N N 451 
# 
_atom_sites.entry_id                    4E9B 
_atom_sites.fract_transf_matrix[1][1]   -0.00244097 
_atom_sites.fract_transf_matrix[1][2]   0.01960100 
_atom_sites.fract_transf_matrix[1][3]   0.01390868 
_atom_sites.fract_transf_matrix[2][1]   -0.01701584 
_atom_sites.fract_transf_matrix[2][2]   -0.00660050 
_atom_sites.fract_transf_matrix[2][3]   0.00631558 
_atom_sites.fract_transf_matrix[3][1]   0.00507379 
_atom_sites.fract_transf_matrix[3][2]   -0.00520689 
_atom_sites.fract_transf_matrix[3][3]   0.00822833 
_atom_sites.fract_transf_vector[1]      1.943258 
_atom_sites.fract_transf_vector[2]      1.691290 
_atom_sites.fract_transf_vector[3]      0.649105 
# 
loop_
_atom_type.symbol 
C  
CO 
N  
O  
S  
# 
loop_
_atom_site.group_PDB 
_atom_site.id 
_atom_site.type_symbol 
_atom_site.label_atom_id 
_atom_site.label_alt_id 
_atom_site.label_comp_id 
_atom_site.label_asym_id 
_atom_site.label_entity_id 
_atom_site.label_seq_id 
_atom_site.pdbx_PDB_ins_code 
_atom_site.Cartn_x 
_atom_site.Cartn_y 
_atom_site.Cartn_z 
_atom_site.occupancy 
_atom_site.B_iso_or_equiv 
_atom_site.pdbx_formal_charge 
_atom_site.auth_seq_id 
_atom_site.auth_comp_id 
_atom_site.auth_asym_id 
_atom_site.auth_atom_id 
_atom_site.pdbx_PDB_model_num 
ATOM   1    N  N   . ALA A 1 1   ? -9.824  15.853  4.874   1.00 27.57 ? 2   ALA A N   1 
ATOM   2    C  CA  . ALA A 1 1   ? -9.298  16.624  3.712   1.00 26.01 ? 2   ALA A CA  1 
ATOM   3    C  C   . ALA A 1 1   ? -8.806  15.692  2.603   1.00 25.30 ? 2   ALA A C   1 
ATOM   4    O  O   . ALA A 1 1   ? -8.359  14.572  2.871   1.00 26.36 ? 2   ALA A O   1 
ATOM   5    C  CB  . ALA A 1 1   ? -8.163  17.526  4.175   1.00 29.40 ? 2   ALA A CB  1 
ATOM   6    N  N   . LEU A 1 2   ? -8.903  16.145  1.362   1.00 23.71 ? 3   LEU A N   1 
ATOM   7    C  CA  . LEU A 1 2   ? -8.404  15.385  0.234   1.00 24.45 ? 3   LEU A CA  1 
ATOM   8    C  C   . LEU A 1 2   ? -6.963  15.813  -0.034  1.00 24.45 ? 3   LEU A C   1 
ATOM   9    O  O   . LEU A 1 2   ? -6.678  17.006  -0.120  1.00 25.54 ? 3   LEU A O   1 
ATOM   10   C  CB  . LEU A 1 2   ? -9.310  15.628  -0.973  1.00 27.83 ? 3   LEU A CB  1 
ATOM   11   C  CG  . LEU A 1 2   ? -9.037  15.001  -2.325  1.00 30.19 ? 3   LEU A CG  1 
ATOM   12   C  CD1 . LEU A 1 2   ? -9.317  13.508  -2.306  1.00 31.56 ? 3   LEU A CD1 1 
ATOM   13   C  CD2 . LEU A 1 2   ? -9.913  15.688  -3.365  1.00 30.30 ? 3   LEU A CD2 1 
ATOM   14   N  N   . LEU A 1 3   ? -6.054  14.844  -0.129  1.00 21.01 ? 4   LEU A N   1 
ATOM   15   C  CA  . LEU A 1 3   ? -4.632  15.136  -0.285  1.00 20.07 ? 4   LEU A CA  1 
ATOM   16   C  C   . LEU A 1 3   ? -4.189  14.833  -1.710  1.00 20.15 ? 4   LEU A C   1 
ATOM   17   O  O   . LEU A 1 3   ? -4.806  14.029  -2.393  1.00 22.65 ? 4   LEU A O   1 
ATOM   18   C  CB  . LEU A 1 3   ? -3.822  14.303  0.708   1.00 19.67 ? 4   LEU A CB  1 
ATOM   19   C  CG  . LEU A 1 3   ? -4.214  14.366  2.187   1.00 19.90 ? 4   LEU A CG  1 
ATOM   20   C  CD1 . LEU A 1 3   ? -3.333  13.411  2.986   1.00 20.81 ? 4   LEU A CD1 1 
ATOM   21   C  CD2 . LEU A 1 3   ? -4.113  15.776  2.749   1.00 20.61 ? 4   LEU A CD2 1 
ATOM   22   N  N   . GLU A 1 4   ? -3.133  15.480  -2.169  1.00 19.94 ? 5   GLU A N   1 
ATOM   23   C  CA  . GLU A 1 4   ? -2.633  15.208  -3.506  1.00 20.27 ? 5   GLU A CA  1 
ATOM   24   C  C   . GLU A 1 4   ? -1.819  13.905  -3.483  1.00 19.08 ? 5   GLU A C   1 
ATOM   25   O  O   . GLU A 1 4   ? -1.003  13.699  -2.592  1.00 19.09 ? 5   GLU A O   1 
ATOM   26   C  CB  . GLU A 1 4   ? -1.756  16.365  -3.982  1.00 25.14 ? 5   GLU A CB  1 
ATOM   27   C  CG  . GLU A 1 4   ? -0.982  16.099  -5.266  1.00 29.16 ? 5   GLU A CG  1 
ATOM   28   C  CD  . GLU A 1 4   ? 0.050   17.176  -5.536  1.00 35.90 ? 5   GLU A CD  1 
ATOM   29   O  OE1 . GLU A 1 4   ? 0.026   18.215  -4.838  1.00 37.91 ? 5   GLU A OE1 1 
ATOM   30   O  OE2 . GLU A 1 4   ? 0.883   16.988  -6.451  1.00 39.02 ? 5   GLU A OE2 1 
ATOM   31   N  N   . ILE A 1 5   ? -2.075  13.035  -4.447  1.00 18.48 ? 6   ILE A N   1 
ATOM   32   C  CA  . ILE A 1 5   ? -1.300  11.806  -4.620  1.00 18.08 ? 6   ILE A CA  1 
ATOM   33   C  C   . ILE A 1 5   ? -0.065  12.106  -5.454  1.00 18.66 ? 6   ILE A C   1 
ATOM   34   O  O   . ILE A 1 5   ? -0.156  12.750  -6.510  1.00 20.03 ? 6   ILE A O   1 
ATOM   35   C  CB  . ILE A 1 5   ? -2.174  10.685  -5.222  1.00 18.34 ? 6   ILE A CB  1 
ATOM   36   C  CG1 . ILE A 1 5   ? -3.257  10.307  -4.205  1.00 20.73 ? 6   ILE A CG1 1 
ATOM   37   C  CG2 . ILE A 1 5   ? -1.348  9.452   -5.620  1.00 18.91 ? 6   ILE A CG2 1 
ATOM   38   C  CD1 . ILE A 1 5   ? -4.225  9.237   -4.675  1.00 22.59 ? 6   ILE A CD1 1 
ATOM   39   N  N   . ILE A 1 6   ? 1.095   11.664  -4.973  1.00 16.58 ? 7   ILE A N   1 
ATOM   40   C  CA  . ILE A 1 6   ? 2.354   11.835  -5.704  1.00 18.07 ? 7   ILE A CA  1 
ATOM   41   C  C   . ILE A 1 6   ? 2.521   10.783  -6.811  1.00 18.68 ? 7   ILE A C   1 
ATOM   42   O  O   . ILE A 1 6   ? 2.313   9.596   -6.578  1.00 18.54 ? 7   ILE A O   1 
ATOM   43   C  CB  . ILE A 1 6   ? 3.553   11.769  -4.735  1.00 18.29 ? 7   ILE A CB  1 
ATOM   44   C  CG1 . ILE A 1 6   ? 3.428   12.901  -3.701  1.00 20.67 ? 7   ILE A CG1 1 
ATOM   45   C  CG2 . ILE A 1 6   ? 4.879   11.858  -5.508  1.00 18.66 ? 7   ILE A CG2 1 
ATOM   46   C  CD1 . ILE A 1 6   ? 4.545   12.883  -2.678  1.00 22.23 ? 7   ILE A CD1 1 
ATOM   47   N  N   . HIS A 1 7   ? 2.911   11.215  -8.016  1.00 19.67 ? 8   HIS A N   1 
ATOM   48   C  CA  . HIS A 1 7   ? 3.080   10.288  -9.137  1.00 18.92 ? 8   HIS A CA  1 
ATOM   49   C  C   . HIS A 1 7   ? 4.511   10.108  -9.537  1.00 18.66 ? 8   HIS A C   1 
ATOM   50   O  O   . HIS A 1 7   ? 5.344   11.025  -9.420  1.00 18.41 ? 8   HIS A O   1 
ATOM   51   C  CB  . HIS A 1 7   ? 2.363   10.783  -10.407 1.00 21.12 ? 8   HIS A CB  1 
ATOM   52   C  CG  . HIS A 1 7   ? 0.878   10.997  -10.269 1.00 24.31 ? 8   HIS A CG  1 
ATOM   53   N  ND1 . HIS A 1 7   ? 0.102   10.291  -9.434  1.00 25.17 ? 8   HIS A ND1 1 
ATOM   54   C  CD2 . HIS A 1 7   ? 0.019   11.834  -10.988 1.00 26.38 ? 8   HIS A CD2 1 
ATOM   55   C  CE1 . HIS A 1 7   ? -1.186  10.690  -9.567  1.00 24.68 ? 8   HIS A CE1 1 
ATOM   56   N  NE2 . HIS A 1 7   ? -1.234  11.622  -10.524 1.00 28.69 ? 8   HIS A NE2 1 
ATOM   57   N  N   . TYR A 1 8   ? 4.786   8.915   -10.035 1.00 18.75 ? 9   TYR A N   1 
ATOM   58   C  CA  . TYR A 1 8   ? 5.981   8.620   -10.790 1.00 21.09 ? 9   TYR A CA  1 
ATOM   59   C  C   . TYR A 1 8   ? 6.122   9.682   -11.900 1.00 21.91 ? 9   TYR A C   1 
ATOM   60   O  O   . TYR A 1 8   ? 5.131   10.040  -12.534 1.00 22.61 ? 9   TYR A O   1 
ATOM   61   C  CB  . TYR A 1 8   ? 5.842   7.216   -11.379 1.00 23.04 ? 9   TYR A CB  1 
ATOM   62   C  CG  . TYR A 1 8   ? 7.024   6.771   -12.223 1.00 25.45 ? 9   TYR A CG  1 
ATOM   63   C  CD1 . TYR A 1 8   ? 8.057   6.027   -11.657 1.00 27.09 ? 9   TYR A CD1 1 
ATOM   64   C  CD2 . TYR A 1 8   ? 7.100   7.098   -13.578 1.00 27.32 ? 9   TYR A CD2 1 
ATOM   65   C  CE1 . TYR A 1 8   ? 9.138   5.604   -12.422 1.00 30.16 ? 9   TYR A CE1 1 
ATOM   66   C  CE2 . TYR A 1 8   ? 8.186   6.698   -14.354 1.00 29.77 ? 9   TYR A CE2 1 
ATOM   67   C  CZ  . TYR A 1 8   ? 9.197   5.953   -13.768 1.00 32.15 ? 9   TYR A CZ  1 
ATOM   68   O  OH  . TYR A 1 8   ? 10.271  5.539   -14.520 1.00 35.69 ? 9   TYR A OH  1 
ATOM   69   N  N   . PRO A 1 9   ? 7.346   10.174  -12.151 1.00 22.64 ? 10  PRO A N   1 
ATOM   70   C  CA  . PRO A 1 9   ? 8.643   9.762   -11.634 1.00 23.03 ? 10  PRO A CA  1 
ATOM   71   C  C   . PRO A 1 9   ? 9.188   10.522  -10.426 1.00 22.49 ? 10  PRO A C   1 
ATOM   72   O  O   . PRO A 1 9   ? 10.411  10.597  -10.260 1.00 24.18 ? 10  PRO A O   1 
ATOM   73   C  CB  . PRO A 1 9   ? 9.560   10.009  -12.837 1.00 24.78 ? 10  PRO A CB  1 
ATOM   74   C  CG  . PRO A 1 9   ? 8.980   11.228  -13.472 1.00 25.44 ? 10  PRO A CG  1 
ATOM   75   C  CD  . PRO A 1 9   ? 7.486   11.183  -13.227 1.00 25.01 ? 10  PRO A CD  1 
ATOM   76   N  N   . SER A 1 10  ? 8.326   11.084  -9.588  1.00 22.00 ? 11  SER A N   1 
ATOM   77   C  CA  . SER A 1 10  ? 8.814   11.821  -8.424  1.00 20.20 ? 11  SER A CA  1 
ATOM   78   C  C   . SER A 1 10  ? 9.768   10.992  -7.550  1.00 20.75 ? 11  SER A C   1 
ATOM   79   O  O   . SER A 1 10  ? 9.449   9.878   -7.146  1.00 20.39 ? 11  SER A O   1 
ATOM   80   C  CB  . SER A 1 10  ? 7.653   12.318  -7.569  1.00 20.09 ? 11  SER A CB  1 
ATOM   81   O  OG  . SER A 1 10  ? 8.135   12.937  -6.382  1.00 18.95 ? 11  SER A OG  1 
ATOM   82   N  N   . LYS A 1 11  ? 10.919  11.574  -7.226  1.00 20.78 ? 12  LYS A N   1 
ATOM   83   C  CA  . LYS A 1 11  ? 11.881  10.947  -6.328  1.00 21.98 ? 12  LYS A CA  1 
ATOM   84   C  C   . LYS A 1 11  ? 11.354  10.798  -4.879  1.00 20.34 ? 12  LYS A C   1 
ATOM   85   O  O   . LYS A 1 11  ? 11.898  10.029  -4.079  1.00 19.73 ? 12  LYS A O   1 
ATOM   86   C  CB  . LYS A 1 11  ? 13.183  11.762  -6.348  1.00 26.94 ? 12  LYS A CB  1 
ATOM   87   C  CG  . LYS A 1 11  ? 14.403  10.970  -5.923  1.00 34.60 ? 12  LYS A CG  1 
ATOM   88   C  CD  . LYS A 1 11  ? 14.776  9.968   -7.000  1.00 39.75 ? 12  LYS A CD  1 
ATOM   89   C  CE  . LYS A 1 11  ? 16.268  10.011  -7.279  1.00 43.00 ? 12  LYS A CE  1 
ATOM   90   N  NZ  . LYS A 1 11  ? 16.751  11.406  -7.529  1.00 45.33 ? 12  LYS A NZ  1 
ATOM   91   N  N   . ILE A 1 12  ? 10.300  11.524  -4.533  1.00 18.78 ? 13  ILE A N   1 
ATOM   92   C  CA  . ILE A 1 12  ? 9.683   11.356  -3.203  1.00 18.05 ? 13  ILE A CA  1 
ATOM   93   C  C   . ILE A 1 12  ? 9.278   9.888   -2.992  1.00 15.94 ? 13  ILE A C   1 
ATOM   94   O  O   . ILE A 1 12  ? 9.342   9.371   -1.887  1.00 15.37 ? 13  ILE A O   1 
ATOM   95   C  CB  . ILE A 1 12  ? 8.460   12.276  -3.010  1.00 18.99 ? 13  ILE A CB  1 
ATOM   96   C  CG1 . ILE A 1 12  ? 8.888   13.754  -3.024  1.00 20.34 ? 13  ILE A CG1 1 
ATOM   97   C  CG2 . ILE A 1 12  ? 7.721   11.978  -1.695  1.00 19.20 ? 13  ILE A CG2 1 
ATOM   98   C  CD1 . ILE A 1 12  ? 7.718   14.694  -3.271  1.00 21.71 ? 13  ILE A CD1 1 
ATOM   99   N  N   . LEU A 1 13  ? 8.888   9.221   -4.070  1.00 15.90 ? 14  LEU A N   1 
ATOM   100  C  CA  . LEU A 1 13  ? 8.402   7.848   -3.974  1.00 14.62 ? 14  LEU A CA  1 
ATOM   101  C  C   . LEU A 1 13  ? 9.518   6.842   -3.689  1.00 15.32 ? 14  LEU A C   1 
ATOM   102  O  O   . LEU A 1 13  ? 9.221   5.691   -3.435  1.00 15.93 ? 14  LEU A O   1 
ATOM   103  C  CB  . LEU A 1 13  ? 7.645   7.455   -5.248  1.00 15.22 ? 14  LEU A CB  1 
ATOM   104  C  CG  . LEU A 1 13  ? 6.351   8.264   -5.426  1.00 15.68 ? 14  LEU A CG  1 
ATOM   105  C  CD1 . LEU A 1 13  ? 5.830   8.026   -6.840  1.00 16.05 ? 14  LEU A CD1 1 
ATOM   106  C  CD2 . LEU A 1 13  ? 5.273   7.908   -4.396  1.00 16.08 ? 14  LEU A CD2 1 
ATOM   107  N  N   . ARG A 1 14  ? 10.779  7.285   -3.758  1.00 14.84 ? 15  ARG A N   1 
ATOM   108  C  CA  . ARG A 1 14  ? 11.937  6.439   -3.411  1.00 15.15 ? 15  ARG A CA  1 
ATOM   109  C  C   . ARG A 1 14  ? 12.353  6.599   -1.957  1.00 14.63 ? 15  ARG A C   1 
ATOM   110  O  O   . ARG A 1 14  ? 13.327  5.973   -1.521  1.00 15.48 ? 15  ARG A O   1 
ATOM   111  C  CB  . ARG A 1 14  ? 13.139  6.793   -4.286  1.00 16.73 ? 15  ARG A CB  1 
ATOM   112  C  CG  . ARG A 1 14  ? 12.905  6.561   -5.756  1.00 19.23 ? 15  ARG A CG  1 
ATOM   113  C  CD  . ARG A 1 14  ? 12.527  5.139   -6.008  1.00 22.08 ? 15  ARG A CD  1 
ATOM   114  N  NE  . ARG A 1 14  ? 12.300  4.888   -7.439  1.00 23.70 ? 15  ARG A NE  1 
ATOM   115  C  CZ  . ARG A 1 14  ? 11.590  3.861   -7.885  1.00 23.73 ? 15  ARG A CZ  1 
ATOM   116  N  NH1 . ARG A 1 14  ? 11.029  3.048   -7.009  1.00 21.70 ? 15  ARG A NH1 1 
ATOM   117  N  NH2 . ARG A 1 14  ? 11.448  3.637   -9.204  1.00 21.82 ? 15  ARG A NH2 1 
ATOM   118  N  N   . THR A 1 15  ? 11.652  7.449   -1.216  1.00 14.50 ? 16  THR A N   1 
ATOM   119  C  CA  . THR A 1 15  ? 11.944  7.659   0.212   1.00 14.91 ? 16  THR A CA  1 
ATOM   120  C  C   . THR A 1 15  ? 11.719  6.389   1.018   1.00 14.97 ? 16  THR A C   1 
ATOM   121  O  O   . THR A 1 15  ? 10.793  5.630   0.757   1.00 16.95 ? 16  THR A O   1 
ATOM   122  C  CB  . THR A 1 15  ? 11.019  8.769   0.770   1.00 15.63 ? 16  THR A CB  1 
ATOM   123  O  OG1 . THR A 1 15  ? 11.225  9.963   0.031   1.00 18.44 ? 16  THR A OG1 1 
ATOM   124  C  CG2 . THR A 1 15  ? 11.280  9.047   2.264   1.00 16.96 ? 16  THR A CG2 1 
ATOM   125  N  N   . ILE A 1 16  ? 12.621  6.103   1.957   1.00 13.99 ? 17  ILE A N   1 
ATOM   126  C  CA  . ILE A 1 16  ? 12.360  5.095   2.953   1.00 15.07 ? 17  ILE A CA  1 
ATOM   127  C  C   . ILE A 1 16  ? 11.616  5.788   4.085   1.00 14.51 ? 17  ILE A C   1 
ATOM   128  O  O   . ILE A 1 16  ? 12.124  6.736   4.686   1.00 14.68 ? 17  ILE A O   1 
ATOM   129  C  CB  . ILE A 1 16  ? 13.674  4.471   3.457   1.00 16.10 ? 17  ILE A CB  1 
ATOM   130  C  CG1 . ILE A 1 16  ? 14.331  3.696   2.303   1.00 17.94 ? 17  ILE A CG1 1 
ATOM   131  C  CG2 . ILE A 1 16  ? 13.399  3.527   4.644   1.00 16.56 ? 17  ILE A CG2 1 
ATOM   132  C  CD1 . ILE A 1 16  ? 15.730  3.204   2.641   1.00 20.34 ? 17  ILE A CD1 1 
ATOM   133  N  N   . SER A 1 17  ? 10.379  5.345   4.347   1.00 13.91 ? 18  SER A N   1 
ATOM   134  C  CA  . SER A 1 17  ? 9.573   5.947   5.402   1.00 13.64 ? 18  SER A CA  1 
ATOM   135  C  C   . SER A 1 17  ? 10.079  5.531   6.779   1.00 13.56 ? 18  SER A C   1 
ATOM   136  O  O   . SER A 1 17  ? 10.689  4.476   6.933   1.00 13.58 ? 18  SER A O   1 
ATOM   137  C  CB  . SER A 1 17  ? 8.087   5.564   5.228   1.00 14.02 ? 18  SER A CB  1 
ATOM   138  O  OG  . SER A 1 17  ? 7.570   6.227   4.064   1.00 13.80 ? 18  SER A OG  1 
ATOM   139  N  N   . LYS A 1 18  ? 9.756   6.371   7.764   1.00 15.22 ? 19  LYS A N   1 
ATOM   140  C  CA  . LYS A 1 18  ? 10.222  6.250   9.146   1.00 16.17 ? 19  LYS A CA  1 
ATOM   141  C  C   . LYS A 1 18  ? 9.147   5.746   10.083  1.00 16.25 ? 19  LYS A C   1 
ATOM   142  O  O   . LYS A 1 18  ? 7.972   6.040   9.906   1.00 15.33 ? 19  LYS A O   1 
ATOM   143  C  CB  . LYS A 1 18  ? 10.648  7.647   9.631   1.00 18.81 ? 19  LYS A CB  1 
ATOM   144  C  CG  . LYS A 1 18  ? 11.786  8.262   8.824   1.00 22.55 ? 19  LYS A CG  1 
ATOM   145  C  CD  . LYS A 1 18  ? 13.051  7.473   9.105   1.00 26.95 ? 19  LYS A CD  1 
ATOM   146  C  CE  . LYS A 1 18  ? 14.270  8.244   8.654   1.00 28.16 ? 19  LYS A CE  1 
ATOM   147  N  NZ  . LYS A 1 18  ? 15.419  7.927   9.548   1.00 30.70 ? 19  LYS A NZ  1 
ATOM   148  N  N   . GLU A 1 19  ? 9.558   4.985   11.095  1.00 16.50 ? 20  GLU A N   1 
ATOM   149  C  CA  . GLU A 1 19  ? 8.601   4.476   12.083  1.00 17.40 ? 20  GLU A CA  1 
ATOM   150  C  C   . GLU A 1 19  ? 7.762   5.548   12.791  1.00 17.29 ? 20  GLU A C   1 
ATOM   151  O  O   . GLU A 1 19  ? 8.224   6.653   13.066  1.00 18.39 ? 20  GLU A O   1 
ATOM   152  C  CB  . GLU A 1 19  ? 9.341   3.644   13.121  1.00 18.88 ? 20  GLU A CB  1 
ATOM   153  C  CG  . GLU A 1 19  ? 9.760   2.275   12.620  1.00 23.52 ? 20  GLU A CG  1 
ATOM   154  C  CD  . GLU A 1 19  ? 11.013  2.291   11.760  1.00 25.69 ? 20  GLU A CD  1 
ATOM   155  O  OE1 . GLU A 1 19  ? 11.645  3.365   11.589  1.00 29.54 ? 20  GLU A OE1 1 
ATOM   156  O  OE2 . GLU A 1 19  ? 11.375  1.197   11.278  1.00 28.73 ? 20  GLU A OE2 1 
ATOM   157  N  N   . VAL A 1 20  ? 6.515   5.201   13.070  1.00 16.23 ? 21  VAL A N   1 
ATOM   158  C  CA  . VAL A 1 20  ? 5.619   6.055   13.840  1.00 16.76 ? 21  VAL A CA  1 
ATOM   159  C  C   . VAL A 1 20  ? 5.899   5.808   15.301  1.00 17.65 ? 21  VAL A C   1 
ATOM   160  O  O   . VAL A 1 20  ? 5.993   4.657   15.733  1.00 18.26 ? 21  VAL A O   1 
ATOM   161  C  CB  . VAL A 1 20  ? 4.144   5.744   13.509  1.00 15.93 ? 21  VAL A CB  1 
ATOM   162  C  CG1 . VAL A 1 20  ? 3.179   6.493   14.432  1.00 16.13 ? 21  VAL A CG1 1 
ATOM   163  C  CG2 . VAL A 1 20  ? 3.875   6.157   12.083  1.00 16.60 ? 21  VAL A CG2 1 
ATOM   164  N  N   . VAL A 1 21  ? 6.056   6.883   16.069  1.00 19.67 ? 22  VAL A N   1 
ATOM   165  C  CA  . VAL A 1 21  ? 6.380   6.695   17.483  1.00 20.67 ? 22  VAL A CA  1 
ATOM   166  C  C   . VAL A 1 21  ? 5.284   7.285   18.376  1.00 23.07 ? 22  VAL A C   1 
ATOM   167  O  O   . VAL A 1 21  ? 5.076   6.829   19.502  1.00 25.08 ? 22  VAL A O   1 
ATOM   168  C  CB  . VAL A 1 21  ? 7.795   7.231   17.832  1.00 24.43 ? 22  VAL A CB  1 
ATOM   169  C  CG1 . VAL A 1 21  ? 8.866   6.407   17.122  1.00 23.28 ? 22  VAL A CG1 1 
ATOM   170  C  CG2 . VAL A 1 21  ? 7.936   8.684   17.432  1.00 24.98 ? 22  VAL A CG2 1 
ATOM   171  N  N   . SER A 1 22  ? 4.548   8.252   17.848  1.00 20.42 ? 23  SER A N   1 
ATOM   172  C  CA  . SER A 1 22  ? 3.497   8.917   18.599  1.00 21.17 ? 23  SER A CA  1 
ATOM   173  C  C   . SER A 1 22  ? 2.145   8.603   17.987  1.00 21.12 ? 23  SER A C   1 
ATOM   174  O  O   . SER A 1 22  ? 1.842   8.988   16.839  1.00 20.67 ? 23  SER A O   1 
ATOM   175  C  CB  . SER A 1 22  ? 3.731   10.432  18.681  1.00 23.67 ? 23  SER A CB  1 
ATOM   176  O  OG  . SER A 1 22  ? 2.731   11.024  19.514  1.00 27.54 ? 23  SER A OG  1 
ATOM   177  N  N   . PHE A 1 23  ? 1.335   7.882   18.747  1.00 19.64 ? 24  PHE A N   1 
ATOM   178  C  CA  . PHE A 1 23  ? 0.027   7.491   18.256  1.00 19.18 ? 24  PHE A CA  1 
ATOM   179  C  C   . PHE A 1 23  ? -1.031  8.420   18.801  1.00 21.34 ? 24  PHE A C   1 
ATOM   180  O  O   . PHE A 1 23  ? -1.718  8.104   19.792  1.00 24.89 ? 24  PHE A O   1 
ATOM   181  C  CB  . PHE A 1 23  ? -0.272  6.045   18.627  1.00 18.46 ? 24  PHE A CB  1 
ATOM   182  C  CG  . PHE A 1 23  ? 0.597   5.053   17.916  1.00 17.58 ? 24  PHE A CG  1 
ATOM   183  C  CD1 . PHE A 1 23  ? 0.073   4.235   16.913  1.00 16.68 ? 24  PHE A CD1 1 
ATOM   184  C  CD2 . PHE A 1 23  ? 1.950   4.932   18.240  1.00 18.50 ? 24  PHE A CD2 1 
ATOM   185  C  CE1 . PHE A 1 23  ? 0.883   3.306   16.275  1.00 15.86 ? 24  PHE A CE1 1 
ATOM   186  C  CE2 . PHE A 1 23  ? 2.765   4.010   17.592  1.00 17.61 ? 24  PHE A CE2 1 
ATOM   187  C  CZ  . PHE A 1 23  ? 2.227   3.215   16.597  1.00 16.76 ? 24  PHE A CZ  1 
ATOM   188  N  N   . ASP A 1 24  ? -1.172  9.565   18.148  1.00 19.62 ? 25  ASP A N   1 
ATOM   189  C  CA  . ASP A 1 24  ? -1.901  10.685  18.718  1.00 18.76 ? 25  ASP A CA  1 
ATOM   190  C  C   . ASP A 1 24  ? -2.915  11.249  17.739  1.00 18.92 ? 25  ASP A C   1 
ATOM   191  O  O   . ASP A 1 24  ? -3.206  10.646  16.692  1.00 17.29 ? 25  ASP A O   1 
ATOM   192  C  CB  . ASP A 1 24  ? -0.891  11.779  19.107  1.00 19.36 ? 25  ASP A CB  1 
ATOM   193  C  CG  . ASP A 1 24  ? 0.034   12.172  17.943  1.00 21.02 ? 25  ASP A CG  1 
ATOM   194  O  OD1 . ASP A 1 24  ? -0.296  11.927  16.758  1.00 19.63 ? 25  ASP A OD1 1 
ATOM   195  O  OD2 . ASP A 1 24  ? 1.108   12.731  18.219  1.00 22.82 ? 25  ASP A OD2 1 
ATOM   196  N  N   . ALA A 1 25  ? -3.503  12.389  18.101  1.00 16.72 ? 26  ALA A N   1 
ATOM   197  C  CA  . ALA A 1 25  ? -4.527  12.999  17.268  1.00 17.18 ? 26  ALA A CA  1 
ATOM   198  C  C   . ALA A 1 25  ? -4.009  13.323  15.879  1.00 17.06 ? 26  ALA A C   1 
ATOM   199  O  O   . ALA A 1 25  ? -4.741  13.164  14.902  1.00 17.63 ? 26  ALA A O   1 
ATOM   200  C  CB  . ALA A 1 25  ? -5.070  14.280  17.911  1.00 17.41 ? 26  ALA A CB  1 
ATOM   201  N  N   . LYS A 1 26  ? -2.755  13.773  15.782  1.00 16.15 ? 27  LYS A N   1 
ATOM   202  C  CA  . LYS A 1 26  ? -2.216  14.133  14.474  1.00 16.51 ? 27  LYS A CA  1 
ATOM   203  C  C   . LYS A 1 26  ? -2.144  12.860  13.598  1.00 15.70 ? 27  LYS A C   1 
ATOM   204  O  O   . LYS A 1 26  ? -2.471  12.893  12.418  1.00 15.37 ? 27  LYS A O   1 
ATOM   205  C  CB  . LYS A 1 26  ? -0.828  14.732  14.613  1.00 17.62 ? 27  LYS A CB  1 
ATOM   206  C  CG  . LYS A 1 26  ? -0.207  15.135  13.291  1.00 20.14 ? 27  LYS A CG  1 
ATOM   207  C  CD  . LYS A 1 26  ? 0.993   16.036  13.504  1.00 24.23 ? 27  LYS A CD  1 
ATOM   208  C  CE  . LYS A 1 26  ? 2.237   15.261  13.854  1.00 30.34 ? 27  LYS A CE  1 
ATOM   209  N  NZ  . LYS A 1 26  ? 2.905   14.809  12.596  1.00 34.37 ? 27  LYS A NZ  1 
ATOM   210  N  N   . LEU A 1 27  ? -1.708  11.756  14.181  1.00 14.76 ? 28  LEU A N   1 
ATOM   211  C  CA  . LEU A 1 27  ? -1.677  10.490  13.414  1.00 15.06 ? 28  LEU A CA  1 
ATOM   212  C  C   . LEU A 1 27  ? -3.077  10.129  12.914  1.00 15.63 ? 28  LEU A C   1 
ATOM   213  O  O   . LEU A 1 27  ? -3.256  9.716   11.770  1.00 15.05 ? 28  LEU A O   1 
ATOM   214  C  CB  . LEU A 1 27  ? -1.123  9.367   14.294  1.00 15.44 ? 28  LEU A CB  1 
ATOM   215  C  CG  . LEU A 1 27  ? -1.291  7.954   13.710  1.00 17.66 ? 28  LEU A CG  1 
ATOM   216  C  CD1 . LEU A 1 27  ? -0.446  7.880   12.484  1.00 19.26 ? 28  LEU A CD1 1 
ATOM   217  C  CD2 . LEU A 1 27  ? -0.923  6.841   14.678  1.00 17.23 ? 28  LEU A CD2 1 
ATOM   218  N  N   . HIS A 1 28  ? -4.074  10.283  13.780  1.00 15.53 ? 29  HIS A N   1 
ATOM   219  C  CA  . HIS A 1 28  ? -5.440  9.936   13.407  1.00 15.97 ? 29  HIS A CA  1 
ATOM   220  C  C   . HIS A 1 28  ? -5.958  10.855  12.340  1.00 15.67 ? 29  HIS A C   1 
ATOM   221  O  O   . HIS A 1 28  ? -6.639  10.427  11.415  1.00 16.28 ? 29  HIS A O   1 
ATOM   222  C  CB  . HIS A 1 28  ? -6.330  9.948   14.631  1.00 16.76 ? 29  HIS A CB  1 
ATOM   223  C  CG  . HIS A 1 28  ? -5.908  8.959   15.684  1.00 18.40 ? 29  HIS A CG  1 
ATOM   224  N  ND1 . HIS A 1 28  ? -6.498  8.886   16.889  1.00 20.34 ? 29  HIS A ND1 1 
ATOM   225  C  CD2 . HIS A 1 28  ? -4.906  7.994   15.679  1.00 19.12 ? 29  HIS A CD2 1 
ATOM   226  C  CE1 . HIS A 1 28  ? -5.904  7.926   17.622  1.00 20.58 ? 29  HIS A CE1 1 
ATOM   227  N  NE2 . HIS A 1 28  ? -4.939  7.373   16.881  1.00 20.90 ? 29  HIS A NE2 1 
ATOM   228  N  N   . GLN A 1 29  ? -5.597  12.133  12.426  1.00 15.41 ? 30  GLN A N   1 
ATOM   229  C  CA  . GLN A 1 29  ? -5.981  13.111  11.376  1.00 15.53 ? 30  GLN A CA  1 
ATOM   230  C  C   . GLN A 1 29  ? -5.390  12.686  10.015  1.00 15.22 ? 30  GLN A C   1 
ATOM   231  O  O   . GLN A 1 29  ? -6.068  12.749  8.970   1.00 14.43 ? 30  GLN A O   1 
ATOM   232  C  CB  . GLN A 1 29  ? -5.464  14.518  11.740  1.00 16.69 ? 30  GLN A CB  1 
ATOM   233  C  CG  . GLN A 1 29  ? -6.146  15.122  12.967  1.00 17.47 ? 30  GLN A CG  1 
ATOM   234  C  CD  . GLN A 1 29  ? -5.540  16.449  13.409  1.00 19.65 ? 30  GLN A CD  1 
ATOM   235  O  OE1 . GLN A 1 29  ? -4.335  16.576  13.564  1.00 20.41 ? 30  GLN A OE1 1 
ATOM   236  N  NE2 . GLN A 1 29  ? -6.397  17.455  13.599  1.00 23.01 ? 30  GLN A NE2 1 
ATOM   237  N  N   . GLN A 1 30  ? -4.116  12.301  10.038  1.00 15.17 ? 31  GLN A N   1 
ATOM   238  C  CA  . GLN A 1 30  ? -3.409  11.859  8.819   1.00 14.87 ? 31  GLN A CA  1 
ATOM   239  C  C   . GLN A 1 30  ? -4.052  10.600  8.250   1.00 15.01 ? 31  GLN A C   1 
ATOM   240  O  O   . GLN A 1 30  ? -4.303  10.524  7.041   1.00 15.21 ? 31  GLN A O   1 
ATOM   241  C  CB  . GLN A 1 30  ? -1.938  11.626  9.131   1.00 16.08 ? 31  GLN A CB  1 
ATOM   242  C  CG  . GLN A 1 30  ? -1.216  12.951  9.377   1.00 16.32 ? 31  GLN A CG  1 
ATOM   243  C  CD  . GLN A 1 30  ? 0.189   12.760  9.864   1.00 17.74 ? 31  GLN A CD  1 
ATOM   244  O  OE1 . GLN A 1 30  ? 0.499   11.764  10.510  1.00 19.31 ? 31  GLN A OE1 1 
ATOM   245  N  NE2 . GLN A 1 30  ? 1.049   13.745  9.587   1.00 19.82 ? 31  GLN A NE2 1 
ATOM   246  N  N   . LEU A 1 31  ? -4.354  9.640   9.117   1.00 14.40 ? 32  LEU A N   1 
ATOM   247  C  CA  . LEU A 1 31  ? -5.015  8.408   8.652   1.00 15.33 ? 32  LEU A CA  1 
ATOM   248  C  C   . LEU A 1 31  ? -6.403  8.679   8.078   1.00 15.89 ? 32  LEU A C   1 
ATOM   249  O  O   . LEU A 1 31  ? -6.790  8.059   7.096   1.00 15.83 ? 32  LEU A O   1 
ATOM   250  C  CB  . LEU A 1 31  ? -5.129  7.393   9.783   1.00 16.03 ? 32  LEU A CB  1 
ATOM   251  C  CG  . LEU A 1 31  ? -3.807  6.786   10.259  1.00 15.92 ? 32  LEU A CG  1 
ATOM   252  C  CD1 . LEU A 1 31  ? -4.011  6.083   11.609  1.00 16.71 ? 32  LEU A CD1 1 
ATOM   253  C  CD2 . LEU A 1 31  ? -3.237  5.811   9.223   1.00 17.25 ? 32  LEU A CD2 1 
ATOM   254  N  N   . ASP A 1 32  ? -7.158  9.589   8.698   1.00 16.81 ? 33  ASP A N   1 
ATOM   255  C  CA  . ASP A 1 32  ? -8.482  9.931   8.178   1.00 18.82 ? 33  ASP A CA  1 
ATOM   256  C  C   . ASP A 1 32  ? -8.359  10.565  6.803   1.00 17.74 ? 33  ASP A C   1 
ATOM   257  O  O   . ASP A 1 32  ? -9.167  10.267  5.882   1.00 17.59 ? 33  ASP A O   1 
ATOM   258  C  CB  . ASP A 1 32  ? -9.199  10.893  9.136   1.00 19.47 ? 33  ASP A CB  1 
ATOM   259  C  CG  . ASP A 1 32  ? -9.690  10.217  10.416  1.00 22.42 ? 33  ASP A CG  1 
ATOM   260  O  OD1 . ASP A 1 32  ? -9.689  8.964   10.519  1.00 21.79 ? 33  ASP A OD1 1 
ATOM   261  O  OD2 . ASP A 1 32  ? -10.101 10.986  11.335  1.00 24.30 ? 33  ASP A OD2 1 
ATOM   262  N  N   . ASP A 1 33  ? -7.344  11.425  6.627   1.00 17.59 ? 34  ASP A N   1 
ATOM   263  C  CA  . ASP A 1 33  ? -7.181  12.106  5.341   1.00 17.99 ? 34  ASP A CA  1 
ATOM   264  C  C   . ASP A 1 33  ? -6.721  11.100  4.283   1.00 17.17 ? 34  ASP A C   1 
ATOM   265  O  O   . ASP A 1 33  ? -7.127  11.161  3.128   1.00 16.31 ? 34  ASP A O   1 
ATOM   266  C  CB  . ASP A 1 33  ? -6.180  13.242  5.441   1.00 19.83 ? 34  ASP A CB  1 
ATOM   267  C  CG  . ASP A 1 33  ? -6.729  14.451  6.219   1.00 23.01 ? 34  ASP A CG  1 
ATOM   268  O  OD1 . ASP A 1 33  ? -7.944  14.522  6.496   1.00 24.45 ? 34  ASP A OD1 1 
ATOM   269  O  OD2 . ASP A 1 33  ? -5.917  15.327  6.554   1.00 26.03 ? 34  ASP A OD2 1 
ATOM   270  N  N   . MET A 1 34  ? -5.917  10.134  4.701   1.00 15.75 ? 35  MET A N   1 
ATOM   271  C  CA  . MET A 1 34  ? -5.487  9.102   3.760   1.00 14.84 ? 35  MET A CA  1 
ATOM   272  C  C   . MET A 1 34  ? -6.700  8.286   3.307   1.00 14.76 ? 35  MET A C   1 
ATOM   273  O  O   . MET A 1 34  ? -6.795  7.923   2.143   1.00 14.16 ? 35  MET A O   1 
ATOM   274  C  CB  . MET A 1 34  ? -4.430  8.205   4.404   1.00 14.60 ? 35  MET A CB  1 
ATOM   275  C  CG  . MET A 1 34  ? -3.044  8.836   4.484   1.00 15.41 ? 35  MET A CG  1 
ATOM   276  S  SD  . MET A 1 34  ? -1.933  7.750   5.405   1.00 16.78 ? 35  MET A SD  1 
ATOM   277  C  CE  . MET A 1 34  ? -1.843  6.270   4.364   1.00 16.54 ? 35  MET A CE  1 
ATOM   278  N  N   . TYR A 1 35  ? -7.615  7.997   4.229   1.00 16.37 ? 36  TYR A N   1 
ATOM   279  C  CA  . TYR A 1 35  ? -8.766  7.184   3.872   1.00 15.80 ? 36  TYR A CA  1 
ATOM   280  C  C   . TYR A 1 35  ? -9.624  7.955   2.872   1.00 16.68 ? 36  TYR A C   1 
ATOM   281  O  O   . TYR A 1 35  ? -10.035 7.428   1.857   1.00 16.20 ? 36  TYR A O   1 
ATOM   282  C  CB  . TYR A 1 35  ? -9.603  6.804   5.097   1.00 17.25 ? 36  TYR A CB  1 
ATOM   283  C  CG  . TYR A 1 35  ? -10.702 5.842   4.745   1.00 17.52 ? 36  TYR A CG  1 
ATOM   284  C  CD1 . TYR A 1 35  ? -10.424 4.497   4.581   1.00 18.54 ? 36  TYR A CD1 1 
ATOM   285  C  CD2 . TYR A 1 35  ? -12.018 6.271   4.529   1.00 18.97 ? 36  TYR A CD2 1 
ATOM   286  C  CE1 . TYR A 1 35  ? -11.410 3.584   4.220   1.00 19.28 ? 36  TYR A CE1 1 
ATOM   287  C  CE2 . TYR A 1 35  ? -13.011 5.356   4.186   1.00 19.25 ? 36  TYR A CE2 1 
ATOM   288  C  CZ  . TYR A 1 35  ? -12.699 4.015   4.039   1.00 19.83 ? 36  TYR A CZ  1 
ATOM   289  O  OH  . TYR A 1 35  ? -13.652 3.100   3.690   1.00 20.20 ? 36  TYR A OH  1 
ATOM   290  N  N   . GLU A 1 36  ? -9.888  9.214   3.185   1.00 16.90 ? 37  GLU A N   1 
ATOM   291  C  CA  . GLU A 1 36  ? -10.680 10.053  2.300   1.00 17.99 ? 37  GLU A CA  1 
ATOM   292  C  C   . GLU A 1 36  ? -10.072 10.093  0.894   1.00 17.86 ? 37  GLU A C   1 
ATOM   293  O  O   . GLU A 1 36  ? -10.786 10.035  -0.122  1.00 17.97 ? 37  GLU A O   1 
ATOM   294  C  CB  . GLU A 1 36  ? -10.722 11.460  2.908   1.00 20.48 ? 37  GLU A CB  1 
ATOM   295  C  CG  . GLU A 1 36  ? -11.735 12.409  2.295   1.00 23.82 ? 37  GLU A CG  1 
ATOM   296  C  CD  . GLU A 1 36  ? -11.851 13.713  3.088   1.00 24.47 ? 37  GLU A CD  1 
ATOM   297  O  OE1 . GLU A 1 36  ? -12.216 14.752  2.510   1.00 28.70 ? 37  GLU A OE1 1 
ATOM   298  O  OE2 . GLU A 1 36  ? -11.579 13.705  4.287   1.00 27.82 ? 37  GLU A OE2 1 
ATOM   299  N  N   . THR A 1 37  ? -8.747  10.218  0.833   1.00 17.02 ? 38  THR A N   1 
ATOM   300  C  CA  . THR A 1 37  ? -8.034  10.349  -0.429  1.00 16.27 ? 38  THR A CA  1 
ATOM   301  C  C   . THR A 1 37  ? -8.056  9.035   -1.199  1.00 16.42 ? 38  THR A C   1 
ATOM   302  O  O   . THR A 1 37  ? -8.205  9.022   -2.434  1.00 16.31 ? 38  THR A O   1 
ATOM   303  C  CB  . THR A 1 37  ? -6.581  10.765  -0.144  1.00 16.62 ? 38  THR A CB  1 
ATOM   304  O  OG1 . THR A 1 37  ? -6.603  12.041  0.514   1.00 17.24 ? 38  THR A OG1 1 
ATOM   305  C  CG2 . THR A 1 37  ? -5.758  10.844  -1.422  1.00 16.44 ? 38  THR A CG2 1 
ATOM   306  N  N   . MET A 1 38  ? -7.881  7.926   -0.479  1.00 15.54 ? 39  MET A N   1 
ATOM   307  C  CA  . MET A 1 38  ? -7.888  6.608   -1.115  1.00 15.36 ? 39  MET A CA  1 
ATOM   308  C  C   . MET A 1 38  ? -9.251  6.324   -1.736  1.00 16.89 ? 39  MET A C   1 
ATOM   309  O  O   . MET A 1 38  ? -9.317  5.889   -2.886  1.00 16.59 ? 39  MET A O   1 
ATOM   310  C  CB  . MET A 1 38  ? -7.570  5.515   -0.096  1.00 16.51 ? 39  MET A CB  1 
ATOM   311  C  CG  . MET A 1 38  ? -7.635  4.116   -0.693  1.00 17.16 ? 39  MET A CG  1 
ATOM   312  S  SD  . MET A 1 38  ? -7.437  2.858   0.607   1.00 19.35 ? 39  MET A SD  1 
ATOM   313  C  CE  . MET A 1 38  ? -9.004  2.940   1.440   1.00 20.06 ? 39  MET A CE  1 
ATOM   314  N  N   . ILE A 1 39  ? -10.316 6.580   -0.984  1.00 16.47 ? 40  ILE A N   1 
ATOM   315  C  CA  . ILE A 1 39  ? -11.680 6.313   -1.512  1.00 17.63 ? 40  ILE A CA  1 
ATOM   316  C  C   . ILE A 1 39  ? -11.985 7.244   -2.689  1.00 18.04 ? 40  ILE A C   1 
ATOM   317  O  O   . ILE A 1 39  ? -12.516 6.797   -3.688  1.00 18.38 ? 40  ILE A O   1 
ATOM   318  C  CB  . ILE A 1 39  ? -12.770 6.475   -0.430  1.00 18.58 ? 40  ILE A CB  1 
ATOM   319  C  CG1 . ILE A 1 39  ? -12.571 5.480   0.714   1.00 20.52 ? 40  ILE A CG1 1 
ATOM   320  C  CG2 . ILE A 1 39  ? -14.168 6.304   -1.023  1.00 19.13 ? 40  ILE A CG2 1 
ATOM   321  C  CD1 . ILE A 1 39  ? -12.696 4.012   0.336   1.00 21.99 ? 40  ILE A CD1 1 
ATOM   322  N  N   . ALA A 1 40  ? -11.642 8.527   -2.576  1.00 18.20 ? 41  ALA A N   1 
ATOM   323  C  CA  . ALA A 1 40  ? -11.914 9.482   -3.667  1.00 19.31 ? 41  ALA A CA  1 
ATOM   324  C  C   . ALA A 1 40  ? -11.195 9.089   -4.947  1.00 20.58 ? 41  ALA A C   1 
ATOM   325  O  O   . ALA A 1 40  ? -11.684 9.358   -6.061  1.00 21.06 ? 41  ALA A O   1 
ATOM   326  C  CB  . ALA A 1 40  ? -11.524 10.883  -3.256  1.00 19.10 ? 41  ALA A CB  1 
ATOM   327  N  N   . SER A 1 41  ? -10.026 8.457   -4.789  1.00 19.78 ? 42  SER A N   1 
ATOM   328  C  CA  . SER A 1 41  ? -9.238  7.977   -5.914  1.00 21.43 ? 42  SER A CA  1 
ATOM   329  C  C   . SER A 1 41  ? -9.537  6.548   -6.386  1.00 20.36 ? 42  SER A C   1 
ATOM   330  O  O   . SER A 1 41  ? -8.911  6.087   -7.326  1.00 20.68 ? 42  SER A O   1 
ATOM   331  C  CB  . SER A 1 41  ? -7.752  8.092   -5.573  1.00 24.84 ? 42  SER A CB  1 
ATOM   332  O  OG  . SER A 1 41  ? -7.310  9.400   -5.877  1.00 31.90 ? 42  SER A OG  1 
ATOM   333  N  N   . GLU A 1 42  ? -10.477 5.872   -5.727  1.00 21.04 ? 43  GLU A N   1 
ATOM   334  C  CA  . GLU A 1 42  ? -10.932 4.515   -6.041  1.00 21.61 ? 43  GLU A CA  1 
ATOM   335  C  C   . GLU A 1 42  ? -9.784  3.506   -5.928  1.00 22.29 ? 43  GLU A C   1 
ATOM   336  O  O   . GLU A 1 42  ? -9.639  2.586   -6.735  1.00 23.45 ? 43  GLU A O   1 
ATOM   337  C  CB  . GLU A 1 42  ? -11.686 4.472   -7.393  1.00 27.49 ? 43  GLU A CB  1 
ATOM   338  C  CG  . GLU A 1 42  ? -12.837 5.492   -7.409  1.00 30.16 ? 43  GLU A CG  1 
ATOM   339  C  CD  . GLU A 1 42  ? -13.486 5.705   -8.771  1.00 38.20 ? 43  GLU A CD  1 
ATOM   340  O  OE1 . GLU A 1 42  ? -13.407 4.798   -9.631  1.00 39.08 ? 43  GLU A OE1 1 
ATOM   341  O  OE2 . GLU A 1 42  ? -14.088 6.793   -8.974  1.00 38.46 ? 43  GLU A OE2 1 
ATOM   342  N  N   . GLY A 1 43  ? -8.964  3.704   -4.899  1.00 17.89 ? 44  GLY A N   1 
ATOM   343  C  CA  . GLY A 1 43  ? -7.930  2.716   -4.574  1.00 16.46 ? 44  GLY A CA  1 
ATOM   344  C  C   . GLY A 1 43  ? -8.452  1.762   -3.514  1.00 15.79 ? 44  GLY A C   1 
ATOM   345  O  O   . GLY A 1 43  ? -9.480  2.017   -2.867  1.00 15.67 ? 44  GLY A O   1 
ATOM   346  N  N   . ILE A 1 44  ? -7.751  0.658   -3.341  1.00 14.54 ? 45  ILE A N   1 
ATOM   347  C  CA  . ILE A 1 44  ? -8.065  -0.272  -2.258  1.00 14.79 ? 45  ILE A CA  1 
ATOM   348  C  C   . ILE A 1 44  ? -6.987  -0.278  -1.190  1.00 14.92 ? 45  ILE A C   1 
ATOM   349  O  O   . ILE A 1 44  ? -7.107  -1.004  -0.202  1.00 14.79 ? 45  ILE A O   1 
ATOM   350  C  CB  . ILE A 1 44  ? -8.292  -1.717  -2.758  1.00 15.78 ? 45  ILE A CB  1 
ATOM   351  C  CG1 . ILE A 1 44  ? -7.047  -2.269  -3.474  1.00 16.45 ? 45  ILE A CG1 1 
ATOM   352  C  CG2 . ILE A 1 44  ? -9.499  -1.720  -3.698  1.00 16.49 ? 45  ILE A CG2 1 
ATOM   353  C  CD1 . ILE A 1 44  ? -7.101  -3.787  -3.718  1.00 17.60 ? 45  ILE A CD1 1 
ATOM   354  N  N   . GLY A 1 45  ? -5.945  0.517   -1.413  1.00 15.28 ? 46  GLY A N   1 
ATOM   355  C  CA  . GLY A 1 45  ? -4.946  0.710   -0.372  1.00 15.20 ? 46  GLY A CA  1 
ATOM   356  C  C   . GLY A 1 45  ? -4.296  2.050   -0.599  1.00 15.45 ? 46  GLY A C   1 
ATOM   357  O  O   . GLY A 1 45  ? -4.475  2.668   -1.647  1.00 14.36 ? 46  GLY A O   1 
ATOM   358  N  N   . LEU A 1 46  ? -3.527  2.502   0.381   1.00 13.97 ? 47  LEU A N   1 
ATOM   359  C  CA  . LEU A 1 46  ? -2.713  3.714   0.204   1.00 13.39 ? 47  LEU A CA  1 
ATOM   360  C  C   . LEU A 1 46  ? -1.596  3.724   1.243   1.00 13.31 ? 47  LEU A C   1 
ATOM   361  O  O   . LEU A 1 46  ? -1.854  3.408   2.397   1.00 13.75 ? 47  LEU A O   1 
ATOM   362  C  CB  . LEU A 1 46  ? -3.582  4.986   0.393   1.00 14.55 ? 47  LEU A CB  1 
ATOM   363  C  CG  . LEU A 1 46  ? -2.925  6.303   -0.059  1.00 15.72 ? 47  LEU A CG  1 
ATOM   364  C  CD1 . LEU A 1 46  ? -2.763  6.383   -1.564  1.00 17.11 ? 47  LEU A CD1 1 
ATOM   365  C  CD2 . LEU A 1 46  ? -3.793  7.456   0.440   1.00 17.09 ? 47  LEU A CD2 1 
ATOM   366  N  N   . ALA A 1 47  ? -0.386  4.124   0.835   1.00 12.75 ? 48  ALA A N   1 
ATOM   367  C  CA  . ALA A 1 47  ? 0.754   4.247   1.757   1.00 12.16 ? 48  ALA A CA  1 
ATOM   368  C  C   . ALA A 1 47  ? 0.962   5.728   2.020   1.00 12.54 ? 48  ALA A C   1 
ATOM   369  O  O   . ALA A 1 47  ? 0.741   6.571   1.132   1.00 12.82 ? 48  ALA A O   1 
ATOM   370  C  CB  . ALA A 1 47  ? 2.022   3.632   1.126   1.00 12.40 ? 48  ALA A CB  1 
ATOM   371  N  N   . ALA A 1 48  ? 1.431   6.063   3.210   1.00 12.20 ? 49  ALA A N   1 
ATOM   372  C  CA  . ALA A 1 48  ? 1.553   7.479   3.578   1.00 12.98 ? 49  ALA A CA  1 
ATOM   373  C  C   . ALA A 1 48  ? 2.473   8.261   2.613   1.00 12.63 ? 49  ALA A C   1 
ATOM   374  O  O   . ALA A 1 48  ? 2.211   9.413   2.299   1.00 13.29 ? 49  ALA A O   1 
ATOM   375  C  CB  . ALA A 1 48  ? 2.037   7.552   5.015   1.00 13.80 ? 49  ALA A CB  1 
ATOM   376  N  N   . ILE A 1 49  ? 3.521   7.629   2.084   1.00 12.39 ? 50  ILE A N   1 
ATOM   377  C  CA  . ILE A 1 49  ? 4.467   8.343   1.179   1.00 13.09 ? 50  ILE A CA  1 
ATOM   378  C  C   . ILE A 1 49  ? 3.772   8.810   -0.104  1.00 12.96 ? 50  ILE A C   1 
ATOM   379  O  O   . ILE A 1 49  ? 4.167   9.794   -0.737  1.00 14.16 ? 50  ILE A O   1 
ATOM   380  C  CB  . ILE A 1 49  ? 5.724   7.470   0.858   1.00 13.37 ? 50  ILE A CB  1 
ATOM   381  C  CG1 . ILE A 1 49  ? 6.861   8.305   0.218   1.00 13.12 ? 50  ILE A CG1 1 
ATOM   382  C  CG2 . ILE A 1 49  ? 5.368   6.232   0.008   1.00 13.95 ? 50  ILE A CG2 1 
ATOM   383  C  CD1 . ILE A 1 49  ? 7.349   9.460   1.100   1.00 14.06 ? 50  ILE A CD1 1 
ATOM   384  N  N   . GLN A 1 50  ? 2.715   8.101   -0.479  1.00 13.37 ? 51  GLN A N   1 
ATOM   385  C  CA  . GLN A 1 50  ? 1.950   8.475   -1.668  1.00 14.07 ? 51  GLN A CA  1 
ATOM   386  C  C   . GLN A 1 50  ? 1.258   9.841   -1.532  1.00 15.22 ? 51  GLN A C   1 
ATOM   387  O  O   . GLN A 1 50  ? 0.903   10.451  -2.555  1.00 16.92 ? 51  GLN A O   1 
ATOM   388  C  CB  . GLN A 1 50  ? 0.939   7.389   -2.031  1.00 14.64 ? 51  GLN A CB  1 
ATOM   389  C  CG  . GLN A 1 50  ? 1.613   6.094   -2.465  1.00 14.75 ? 51  GLN A CG  1 
ATOM   390  C  CD  . GLN A 1 50  ? 0.590   5.054   -2.822  1.00 15.98 ? 51  GLN A CD  1 
ATOM   391  O  OE1 . GLN A 1 50  ? 0.094   4.311   -1.962  1.00 15.89 ? 51  GLN A OE1 1 
ATOM   392  N  NE2 . GLN A 1 50  ? 0.224   5.026   -4.104  1.00 15.56 ? 51  GLN A NE2 1 
ATOM   393  N  N   . VAL A 1 51  ? 1.054   10.314  -0.305  1.00 14.93 ? 52  VAL A N   1 
ATOM   394  C  CA  . VAL A 1 51  ? 0.549   11.686  -0.089  1.00 15.65 ? 52  VAL A CA  1 
ATOM   395  C  C   . VAL A 1 51  ? 1.616   12.589  0.521   1.00 17.26 ? 52  VAL A C   1 
ATOM   396  O  O   . VAL A 1 51  ? 1.301   13.628  1.111   1.00 19.12 ? 52  VAL A O   1 
ATOM   397  C  CB  . VAL A 1 51  ? -0.775  11.727  0.706   1.00 16.27 ? 52  VAL A CB  1 
ATOM   398  C  CG1 . VAL A 1 51  ? -1.879  11.059  -0.124  1.00 16.19 ? 52  VAL A CG1 1 
ATOM   399  C  CG2 . VAL A 1 51  ? -0.641  11.051  2.073   1.00 16.81 ? 52  VAL A CG2 1 
ATOM   400  N  N   . GLY A 1 52  ? 2.874   12.169  0.402   1.00 16.83 ? 53  GLY A N   1 
ATOM   401  C  CA  . GLY A 1 52  ? 3.999   13.005  0.837   1.00 17.51 ? 53  GLY A CA  1 
ATOM   402  C  C   . GLY A 1 52  ? 4.410   12.892  2.292   1.00 18.35 ? 53  GLY A C   1 
ATOM   403  O  O   . GLY A 1 52  ? 5.141   13.751  2.798   1.00 19.19 ? 53  GLY A O   1 
ATOM   404  N  N   . LEU A 1 53  ? 3.944   11.859  2.982   1.00 17.86 ? 54  LEU A N   1 
ATOM   405  C  CA  . LEU A 1 53  ? 4.191   11.703  4.420   1.00 17.61 ? 54  LEU A CA  1 
ATOM   406  C  C   . LEU A 1 53  ? 5.106   10.489  4.591   1.00 16.94 ? 54  LEU A C   1 
ATOM   407  O  O   . LEU A 1 53  ? 4.658   9.344   4.419   1.00 15.45 ? 54  LEU A O   1 
ATOM   408  C  CB  . LEU A 1 53  ? 2.825   11.486  5.094   1.00 20.37 ? 54  LEU A CB  1 
ATOM   409  C  CG  . LEU A 1 53  ? 2.571   11.320  6.576   1.00 26.13 ? 54  LEU A CG  1 
ATOM   410  C  CD1 . LEU A 1 53  ? 1.103   11.622  6.809   1.00 28.90 ? 54  LEU A CD1 1 
ATOM   411  C  CD2 . LEU A 1 53  ? 2.832   9.881   6.921   1.00 30.16 ? 54  LEU A CD2 1 
ATOM   412  N  N   . PRO A 1 54  ? 6.397   10.719  4.917   1.00 15.63 ? 55  PRO A N   1 
ATOM   413  C  CA  . PRO A 1 54  ? 7.325   9.593   4.955   1.00 15.19 ? 55  PRO A CA  1 
ATOM   414  C  C   . PRO A 1 54  ? 7.228   8.819   6.264   1.00 14.16 ? 55  PRO A C   1 
ATOM   415  O  O   . PRO A 1 54  ? 8.193   8.750   7.045   1.00 14.36 ? 55  PRO A O   1 
ATOM   416  C  CB  . PRO A 1 54  ? 8.699   10.260  4.781   1.00 15.90 ? 55  PRO A CB  1 
ATOM   417  C  CG  . PRO A 1 54  ? 8.502   11.613  5.422   1.00 17.40 ? 55  PRO A CG  1 
ATOM   418  C  CD  . PRO A 1 54  ? 7.065   12.011  5.190   1.00 16.80 ? 55  PRO A CD  1 
ATOM   419  N  N   . LEU A 1 55  ? 6.051   8.245   6.515   1.00 13.95 ? 56  LEU A N   1 
ATOM   420  C  CA  . LEU A 1 55  ? 5.812   7.484   7.735   1.00 13.85 ? 56  LEU A CA  1 
ATOM   421  C  C   . LEU A 1 55  ? 5.418   6.053   7.394   1.00 13.18 ? 56  LEU A C   1 
ATOM   422  O  O   . LEU A 1 55  ? 4.750   5.828   6.377   1.00 12.25 ? 56  LEU A O   1 
ATOM   423  C  CB  . LEU A 1 55  ? 4.676   8.129   8.505   1.00 15.20 ? 56  LEU A CB  1 
ATOM   424  C  CG  . LEU A 1 55  ? 5.004   9.517   9.074   1.00 17.14 ? 56  LEU A CG  1 
ATOM   425  C  CD1 . LEU A 1 55  ? 3.760   10.095  9.741   1.00 20.10 ? 56  LEU A CD1 1 
ATOM   426  C  CD2 . LEU A 1 55  ? 6.135   9.383   10.065  1.00 18.42 ? 56  LEU A CD2 1 
ATOM   427  N  N   . ARG A 1 56  ? 5.835   5.097   8.232   1.00 12.36 ? 57  ARG A N   1 
ATOM   428  C  CA  . ARG A 1 56  ? 5.570   3.685   7.970   1.00 12.53 ? 57  ARG A CA  1 
ATOM   429  C  C   . ARG A 1 56  ? 4.139   3.319   8.366   1.00 13.68 ? 57  ARG A C   1 
ATOM   430  O  O   . ARG A 1 56  ? 3.879   2.684   9.374   1.00 13.61 ? 57  ARG A O   1 
ATOM   431  C  CB  . ARG A 1 56  ? 6.624   2.785   8.639   1.00 13.00 ? 57  ARG A CB  1 
ATOM   432  C  CG  . ARG A 1 56  ? 8.015   3.045   8.057   1.00 12.63 ? 57  ARG A CG  1 
ATOM   433  C  CD  . ARG A 1 56  ? 9.075   2.082   8.603   1.00 13.79 ? 57  ARG A CD  1 
ATOM   434  N  NE  . ARG A 1 56  ? 9.045   0.816   7.881   1.00 13.98 ? 57  ARG A NE  1 
ATOM   435  C  CZ  . ARG A 1 56  ? 9.555   0.636   6.661   1.00 13.60 ? 57  ARG A CZ  1 
ATOM   436  N  NH1 . ARG A 1 56  ? 10.103  1.674   6.006   1.00 13.03 ? 57  ARG A NH1 1 
ATOM   437  N  NH2 . ARG A 1 56  ? 9.465   -0.559  6.099   1.00 13.91 ? 57  ARG A NH2 1 
ATOM   438  N  N   . MET A 1 57  ? 3.211   3.757   7.541   1.00 13.84 ? 58  MET A N   1 
ATOM   439  C  CA  . MET A 1 57  ? 1.810   3.478   7.797   1.00 14.28 ? 58  MET A CA  1 
ATOM   440  C  C   . MET A 1 57  ? 1.082   3.423   6.469   1.00 13.93 ? 58  MET A C   1 
ATOM   441  O  O   . MET A 1 57  ? 1.439   4.118   5.516   1.00 14.62 ? 58  MET A O   1 
ATOM   442  C  CB  . MET A 1 57  ? 1.199   4.520   8.741   1.00 16.72 ? 58  MET A CB  1 
ATOM   443  C  CG  . MET A 1 57  ? 1.005   5.878   8.134   1.00 17.49 ? 58  MET A CG  1 
ATOM   444  S  SD  . MET A 1 57  ? 0.705   7.041   9.501   1.00 24.26 ? 58  MET A SD  1 
ATOM   445  C  CE  . MET A 1 57  ? 0.163   8.446   8.576   1.00 20.66 ? 58  MET A CE  1 
ATOM   446  N  N   . LEU A 1 58  ? 0.083   2.547   6.423   1.00 13.75 ? 59  LEU A N   1 
ATOM   447  C  CA  . LEU A 1 58  ? -0.646  2.277   5.207   1.00 13.21 ? 59  LEU A CA  1 
ATOM   448  C  C   . LEU A 1 58  ? -2.047  1.874   5.587   1.00 13.48 ? 59  LEU A C   1 
ATOM   449  O  O   . LEU A 1 58  ? -2.293  1.436   6.718   1.00 13.48 ? 59  LEU A O   1 
ATOM   450  C  CB  . LEU A 1 58  ? 0.058   1.166   4.401   1.00 12.99 ? 59  LEU A CB  1 
ATOM   451  C  CG  . LEU A 1 58  ? 0.208   -0.167  5.152   1.00 13.14 ? 59  LEU A CG  1 
ATOM   452  C  CD1 . LEU A 1 58  ? -0.893  -1.150  4.713   1.00 13.11 ? 59  LEU A CD1 1 
ATOM   453  C  CD2 . LEU A 1 58  ? 1.590   -0.778  4.943   1.00 13.70 ? 59  LEU A CD2 1 
ATOM   454  N  N   . ILE A 1 59  ? -2.987  2.014   4.656   1.00 13.23 ? 60  ILE A N   1 
ATOM   455  C  CA  . ILE A 1 59  ? -4.334  1.549   4.905   1.00 13.80 ? 60  ILE A CA  1 
ATOM   456  C  C   . ILE A 1 59  ? -4.740  0.603   3.775   1.00 14.25 ? 60  ILE A C   1 
ATOM   457  O  O   . ILE A 1 59  ? -4.237  0.737   2.652   1.00 14.47 ? 60  ILE A O   1 
ATOM   458  C  CB  . ILE A 1 59  ? -5.329  2.716   5.018   1.00 14.84 ? 60  ILE A CB  1 
ATOM   459  C  CG1 . ILE A 1 59  ? -5.345  3.558   3.744   1.00 15.46 ? 60  ILE A CG1 1 
ATOM   460  C  CG2 . ILE A 1 59  ? -4.986  3.590   6.230   1.00 16.53 ? 60  ILE A CG2 1 
ATOM   461  C  CD1 . ILE A 1 59  ? -6.362  4.676   3.782   1.00 16.67 ? 60  ILE A CD1 1 
ATOM   462  N  N   . ILE A 1 60  ? -5.645  -0.335  4.067   1.00 13.86 ? 61  ILE A N   1 
ATOM   463  C  CA  . ILE A 1 60  ? -6.147  -1.256  3.047   1.00 14.58 ? 61  ILE A CA  1 
ATOM   464  C  C   . ILE A 1 60  ? -7.630  -1.416  3.300   1.00 14.87 ? 61  ILE A C   1 
ATOM   465  O  O   . ILE A 1 60  ? -8.031  -1.625  4.422   1.00 15.46 ? 61  ILE A O   1 
ATOM   466  C  CB  . ILE A 1 60  ? -5.464  -2.655  3.103   1.00 15.06 ? 61  ILE A CB  1 
ATOM   467  C  CG1 . ILE A 1 60  ? -3.978  -2.542  2.719   1.00 16.71 ? 61  ILE A CG1 1 
ATOM   468  C  CG2 . ILE A 1 60  ? -6.166  -3.649  2.156   1.00 15.08 ? 61  ILE A CG2 1 
ATOM   469  C  CD1 . ILE A 1 60  ? -3.164  -3.806  2.927   1.00 17.33 ? 61  ILE A CD1 1 
ATOM   470  N  N   . ASN A 1 61  ? -8.441  -1.265  2.269   1.00 15.10 ? 62  ASN A N   1 
ATOM   471  C  CA  . ASN A 1 61  ? -9.856  -1.576  2.439   1.00 16.76 ? 62  ASN A CA  1 
ATOM   472  C  C   . ASN A 1 61  ? -10.361 -2.246  1.198   1.00 17.11 ? 62  ASN A C   1 
ATOM   473  O  O   . ASN A 1 61  ? -10.575 -1.588  0.194   1.00 18.01 ? 62  ASN A O   1 
ATOM   474  C  CB  . ASN A 1 61  ? -10.694 -0.324  2.743   1.00 17.36 ? 62  ASN A CB  1 
ATOM   475  C  CG  . ASN A 1 61  ? -12.048 -0.688  3.335   1.00 21.06 ? 62  ASN A CG  1 
ATOM   476  O  OD1 . ASN A 1 61  ? -12.317 -1.868  3.615   1.00 25.60 ? 62  ASN A OD1 1 
ATOM   477  N  ND2 . ASN A 1 61  ? -12.868 0.300   3.566   1.00 21.44 ? 62  ASN A ND2 1 
ATOM   478  N  N   . LEU A 1 62  ? -10.517 -3.565  1.273   1.00 17.98 ? 63  LEU A N   1 
ATOM   479  C  CA  . LEU A 1 62  ? -11.005 -4.343  0.124   1.00 20.78 ? 63  LEU A CA  1 
ATOM   480  C  C   . LEU A 1 62  ? -12.530 -4.281  0.068   1.00 23.06 ? 63  LEU A C   1 
ATOM   481  O  O   . LEU A 1 62  ? -13.193 -4.275  1.100   1.00 24.33 ? 63  LEU A O   1 
ATOM   482  C  CB  . LEU A 1 62  ? -10.530 -5.795  0.209   1.00 19.83 ? 63  LEU A CB  1 
ATOM   483  C  CG  . LEU A 1 62  ? -9.040  -6.056  0.418   1.00 21.65 ? 63  LEU A CG  1 
ATOM   484  C  CD1 . LEU A 1 62  ? -8.769  -7.557  0.344   1.00 21.31 ? 63  LEU A CD1 1 
ATOM   485  C  CD2 . LEU A 1 62  ? -8.199  -5.332  -0.610  1.00 20.59 ? 63  LEU A CD2 1 
ATOM   486  N  N   . PRO A 1 63  ? -13.092 -4.198  -1.147  1.00 25.12 ? 64  PRO A N   1 
ATOM   487  C  CA  . PRO A 1 63  ? -14.544 -4.078  -1.225  1.00 28.59 ? 64  PRO A CA  1 
ATOM   488  C  C   . PRO A 1 63  ? -15.230 -5.388  -0.849  1.00 31.72 ? 64  PRO A C   1 
ATOM   489  O  O   . PRO A 1 63  ? -14.629 -6.464  -0.983  1.00 31.12 ? 64  PRO A O   1 
ATOM   490  C  CB  . PRO A 1 63  ? -14.799 -3.764  -2.706  1.00 27.35 ? 64  PRO A CB  1 
ATOM   491  C  CG  . PRO A 1 63  ? -13.601 -4.267  -3.425  1.00 29.06 ? 64  PRO A CG  1 
ATOM   492  C  CD  . PRO A 1 63  ? -12.445 -4.093  -2.463  1.00 26.63 ? 64  PRO A CD  1 
ATOM   493  N  N   . GLN A 1 64  ? -16.468 -5.279  -0.385  1.00 36.26 ? 65  GLN A N   1 
ATOM   494  C  CA  . GLN A 1 64  ? -17.273 -6.453  -0.063  1.00 44.17 ? 65  GLN A CA  1 
ATOM   495  C  C   . GLN A 1 64  ? -17.885 -7.091  -1.310  1.00 49.30 ? 65  GLN A C   1 
ATOM   496  O  O   . GLN A 1 64  ? -17.425 -6.859  -2.439  1.00 46.85 ? 65  GLN A O   1 
ATOM   497  C  CB  . GLN A 1 64  ? -18.364 -6.086  0.931   1.00 44.37 ? 65  GLN A CB  1 
ATOM   498  C  CG  . GLN A 1 64  ? -17.852 -5.926  2.349   1.00 46.56 ? 65  GLN A CG  1 
ATOM   499  C  CD  . GLN A 1 64  ? -18.965 -5.820  3.370   1.00 49.57 ? 65  GLN A CD  1 
ATOM   500  O  OE1 . GLN A 1 64  ? -18.724 -5.472  4.528   1.00 49.42 ? 65  GLN A OE1 1 
ATOM   501  N  NE2 . GLN A 1 64  ? -20.195 -6.119  2.948   1.00 50.20 ? 65  GLN A NE2 1 
ATOM   502  N  N   . GLU A 1 65  ? -18.924 -7.895  -1.084  1.00 54.56 ? 66  GLU A N   1 
ATOM   503  C  CA  . GLU A 1 65  ? -19.634 -8.603  -2.143  1.00 60.32 ? 66  GLU A CA  1 
ATOM   504  C  C   . GLU A 1 65  ? -20.493 -7.644  -2.967  1.00 59.32 ? 66  GLU A C   1 
ATOM   505  O  O   . GLU A 1 65  ? -20.640 -7.817  -4.175  1.00 63.35 ? 66  GLU A O   1 
ATOM   506  C  CB  . GLU A 1 65  ? -20.476 -9.740  -1.547  1.00 62.55 ? 66  GLU A CB  1 
ATOM   507  C  CG  . GLU A 1 65  ? -19.655 -10.905 -0.984  1.00 67.85 ? 66  GLU A CG  1 
ATOM   508  C  CD  . GLU A 1 65  ? -18.920 -10.578 0.317   1.00 70.48 ? 66  GLU A CD  1 
ATOM   509  O  OE1 . GLU A 1 65  ? -19.460 -9.813  1.146   1.00 72.61 ? 66  GLU A OE1 1 
ATOM   510  O  OE2 . GLU A 1 65  ? -17.796 -11.096 0.518   1.00 70.19 ? 66  GLU A OE2 1 
ATOM   511  N  N   . ASP A 1 66  ? -21.039 -6.622  -2.312  1.00 60.11 ? 67  ASP A N   1 
ATOM   512  C  CA  . ASP A 1 66  ? -21.764 -5.560  -3.010  1.00 61.07 ? 67  ASP A CA  1 
ATOM   513  C  C   . ASP A 1 66  ? -20.824 -4.614  -3.771  1.00 59.29 ? 67  ASP A C   1 
ATOM   514  O  O   . ASP A 1 66  ? -21.249 -3.564  -4.270  1.00 60.67 ? 67  ASP A O   1 
ATOM   515  C  CB  . ASP A 1 66  ? -22.657 -4.779  -2.031  1.00 63.16 ? 67  ASP A CB  1 
ATOM   516  C  CG  . ASP A 1 66  ? -21.878 -4.157  -0.876  1.00 65.69 ? 67  ASP A CG  1 
ATOM   517  O  OD1 . ASP A 1 66  ? -20.641 -4.346  -0.798  1.00 66.86 ? 67  ASP A OD1 1 
ATOM   518  O  OD2 . ASP A 1 66  ? -22.511 -3.472  -0.043  1.00 63.69 ? 67  ASP A OD2 1 
ATOM   519  N  N   . GLY A 1 67  ? -19.547 -4.990  -3.842  1.00 57.13 ? 68  GLY A N   1 
ATOM   520  C  CA  . GLY A 1 67  ? -18.538 -4.244  -4.580  1.00 50.45 ? 68  GLY A CA  1 
ATOM   521  C  C   . GLY A 1 67  ? -18.146 -2.903  -3.988  1.00 46.25 ? 68  GLY A C   1 
ATOM   522  O  O   . GLY A 1 67  ? -17.339 -2.184  -4.576  1.00 49.39 ? 68  GLY A O   1 
ATOM   523  N  N   . VAL A 1 68  ? -18.708 -2.558  -2.832  1.00 41.78 ? 69  VAL A N   1 
ATOM   524  C  CA  . VAL A 1 68  ? -18.394 -1.287  -2.178  1.00 40.32 ? 69  VAL A CA  1 
ATOM   525  C  C   . VAL A 1 68  ? -17.471 -1.484  -0.968  1.00 35.09 ? 69  VAL A C   1 
ATOM   526  O  O   . VAL A 1 68  ? -17.398 -2.571  -0.385  1.00 33.99 ? 69  VAL A O   1 
ATOM   527  C  CB  . VAL A 1 68  ? -19.650 -0.482  -1.744  1.00 41.43 ? 69  VAL A CB  1 
ATOM   528  C  CG1 . VAL A 1 68  ? -20.673 -0.383  -2.876  1.00 43.03 ? 69  VAL A CG1 1 
ATOM   529  C  CG2 . VAL A 1 68  ? -20.284 -1.078  -0.499  1.00 44.16 ? 69  VAL A CG2 1 
ATOM   530  N  N   . GLN A 1 69  ? -16.783 -0.411  -0.605  1.00 33.51 ? 70  GLN A N   1 
ATOM   531  C  CA  . GLN A 1 69  ? -15.887 -0.408  0.543   1.00 29.98 ? 70  GLN A CA  1 
ATOM   532  C  C   . GLN A 1 69  ? -16.569 0.129   1.789   1.00 30.96 ? 70  GLN A C   1 
ATOM   533  O  O   . GLN A 1 69  ? -16.986 1.288   1.838   1.00 34.72 ? 70  GLN A O   1 
ATOM   534  C  CB  . GLN A 1 69  ? -14.654 0.427   0.237   1.00 28.04 ? 70  GLN A CB  1 
ATOM   535  C  CG  . GLN A 1 69  ? -13.787 -0.195  -0.832  1.00 26.42 ? 70  GLN A CG  1 
ATOM   536  C  CD  . GLN A 1 69  ? -12.889 0.817   -1.497  1.00 26.11 ? 70  GLN A CD  1 
ATOM   537  O  OE1 . GLN A 1 69  ? -13.367 1.744   -2.163  1.00 25.11 ? 70  GLN A OE1 1 
ATOM   538  N  NE2 . GLN A 1 69  ? -11.574 0.656   -1.314  1.00 23.56 ? 70  GLN A NE2 1 
ATOM   539  N  N   . HIS A 1 70  ? -16.675 -0.725  2.799   1.00 27.89 ? 71  HIS A N   1 
ATOM   540  C  CA  . HIS A 1 70  ? -17.207 -0.319  4.081   1.00 29.91 ? 71  HIS A CA  1 
ATOM   541  C  C   . HIS A 1 70  ? -16.085 0.051   4.981   1.00 29.49 ? 71  HIS A C   1 
ATOM   542  O  O   . HIS A 1 70  ? -15.145 -0.715  5.149   1.00 27.22 ? 71  HIS A O   1 
ATOM   543  C  CB  . HIS A 1 70  ? -18.036 -1.440  4.684   1.00 33.89 ? 71  HIS A CB  1 
ATOM   544  C  CG  . HIS A 1 70  ? -19.223 -1.821  3.841   1.00 37.08 ? 71  HIS A CG  1 
ATOM   545  N  ND1 . HIS A 1 70  ? -20.442 -1.269  4.019   1.00 40.03 ? 71  HIS A ND1 1 
ATOM   546  C  CD2 . HIS A 1 70  ? -19.338 -2.691  2.762   1.00 38.31 ? 71  HIS A CD2 1 
ATOM   547  C  CE1 . HIS A 1 70  ? -21.299 -1.777  3.114   1.00 40.35 ? 71  HIS A CE1 1 
ATOM   548  N  NE2 . HIS A 1 70  ? -20.626 -2.654  2.348   1.00 41.05 ? 71  HIS A NE2 1 
ATOM   549  N  N   . LYS A 1 71  ? -16.187 1.234   5.574   1.00 26.53 ? 72  LYS A N   1 
ATOM   550  C  CA  . LYS A 1 71  ? -15.141 1.776   6.409   1.00 27.92 ? 72  LYS A CA  1 
ATOM   551  C  C   . LYS A 1 71  ? -14.758 0.864   7.581   1.00 28.10 ? 72  LYS A C   1 
ATOM   552  O  O   . LYS A 1 71  ? -13.601 0.818   7.989   1.00 25.29 ? 72  LYS A O   1 
ATOM   553  C  CB  . LYS A 1 71  ? -15.548 3.151   6.918   1.00 31.92 ? 72  LYS A CB  1 
ATOM   554  C  CG  . LYS A 1 71  ? -14.363 4.003   7.324   1.00 34.99 ? 72  LYS A CG  1 
ATOM   555  C  CD  . LYS A 1 71  ? -14.773 5.428   7.672   1.00 39.58 ? 72  LYS A CD  1 
ATOM   556  C  CE  . LYS A 1 71  ? -13.565 6.180   8.210   1.00 41.51 ? 72  LYS A CE  1 
ATOM   557  N  NZ  . LYS A 1 71  ? -12.877 5.366   9.255   1.00 43.54 ? 72  LYS A NZ  1 
ATOM   558  N  N   . GLU A 1 72  ? -15.730 0.129   8.108   1.00 28.81 ? 73  GLU A N   1 
ATOM   559  C  CA  . GLU A 1 72  ? -15.457 -0.809  9.208   1.00 29.18 ? 73  GLU A CA  1 
ATOM   560  C  C   . GLU A 1 72  ? -14.523 -1.964  8.818   1.00 26.47 ? 73  GLU A C   1 
ATOM   561  O  O   . GLU A 1 72  ? -13.983 -2.644  9.700   1.00 26.72 ? 73  GLU A O   1 
ATOM   562  C  CB  . GLU A 1 72  ? -16.765 -1.371  9.786   1.00 33.93 ? 73  GLU A CB  1 
ATOM   563  C  CG  . GLU A 1 72  ? -17.618 -2.106  8.769   1.00 36.80 ? 73  GLU A CG  1 
ATOM   564  C  CD  . GLU A 1 72  ? -18.735 -1.243  8.200   1.00 41.11 ? 73  GLU A CD  1 
ATOM   565  O  OE1 . GLU A 1 72  ? -18.495 -0.084  7.751   1.00 42.45 ? 73  GLU A OE1 1 
ATOM   566  O  OE2 . GLU A 1 72  ? -19.879 -1.741  8.194   1.00 46.67 ? 73  GLU A OE2 1 
ATOM   567  N  N   . ASP A 1 73  ? -14.336 -2.199  7.519   1.00 24.23 ? 74  ASP A N   1 
ATOM   568  C  CA  . ASP A 1 73  ? -13.453 -3.273  7.051   1.00 23.67 ? 74  ASP A CA  1 
ATOM   569  C  C   . ASP A 1 73  ? -12.022 -2.763  6.819   1.00 21.66 ? 74  ASP A C   1 
ATOM   570  O  O   . ASP A 1 73  ? -11.155 -3.534  6.428   1.00 22.39 ? 74  ASP A O   1 
ATOM   571  C  CB  . ASP A 1 73  ? -13.961 -3.894  5.743   1.00 26.05 ? 74  ASP A CB  1 
ATOM   572  C  CG  . ASP A 1 73  ? -15.314 -4.578  5.900   1.00 30.79 ? 74  ASP A CG  1 
ATOM   573  O  OD1 . ASP A 1 73  ? -15.584 -5.129  6.988   1.00 31.70 ? 74  ASP A OD1 1 
ATOM   574  O  OD2 . ASP A 1 73  ? -16.113 -4.547  4.934   1.00 31.25 ? 74  ASP A OD2 1 
ATOM   575  N  N   . CYS A 1 74  ? -11.785 -1.466  7.025   1.00 20.43 ? 75  CYS A N   1 
ATOM   576  C  CA  . CYS A 1 74  ? -10.465 -0.890  6.734   1.00 19.50 ? 75  CYS A CA  1 
ATOM   577  C  C   . CYS A 1 74  ? -9.426  -1.374  7.752   1.00 19.86 ? 75  CYS A C   1 
ATOM   578  O  O   . CYS A 1 74  ? -9.719  -1.453  8.960   1.00 21.55 ? 75  CYS A O   1 
ATOM   579  C  CB  . CYS A 1 74  ? -10.540 0.646   6.737   1.00 20.84 ? 75  CYS A CB  1 
ATOM   580  S  SG  . CYS A 1 74  ? -9.036  1.481   6.123   1.00 23.71 ? 75  CYS A SG  1 
ATOM   581  N  N   . LEU A 1 75  ? -8.229  -1.733  7.258   1.00 17.04 ? 76  LEU A N   1 
ATOM   582  C  CA  . LEU A 1 75  ? -7.073  -2.005  8.113   1.00 16.69 ? 76  LEU A CA  1 
ATOM   583  C  C   . LEU A 1 75  ? -6.141  -0.826  8.091   1.00 16.54 ? 76  LEU A C   1 
ATOM   584  O  O   . LEU A 1 75  ? -5.854  -0.274  7.027   1.00 16.71 ? 76  LEU A O   1 
ATOM   585  C  CB  . LEU A 1 75  ? -6.305  -3.225  7.599   1.00 17.83 ? 76  LEU A CB  1 
ATOM   586  C  CG  . LEU A 1 75  ? -7.083  -4.537  7.592   1.00 19.02 ? 76  LEU A CG  1 
ATOM   587  C  CD1 . LEU A 1 75  ? -6.282  -5.609  6.854   1.00 18.96 ? 76  LEU A CD1 1 
ATOM   588  C  CD2 . LEU A 1 75  ? -7.373  -4.983  9.013   1.00 21.12 ? 76  LEU A CD2 1 
ATOM   589  N  N   . GLU A 1 76  ? -5.735  -0.390  9.279   1.00 15.62 ? 77  GLU A N   1 
ATOM   590  C  CA  . GLU A 1 76  ? -4.720  0.663   9.423   1.00 16.37 ? 77  GLU A CA  1 
ATOM   591  C  C   . GLU A 1 76  ? -3.480  -0.003  9.973   1.00 16.20 ? 77  GLU A C   1 
ATOM   592  O  O   . GLU A 1 76  ? -3.474  -0.504  11.115  1.00 18.04 ? 77  GLU A O   1 
ATOM   593  C  CB  . GLU A 1 76  ? -5.230  1.736   10.376  1.00 16.52 ? 77  GLU A CB  1 
ATOM   594  C  CG  . GLU A 1 76  ? -6.493  2.431   9.855   1.00 19.10 ? 77  GLU A CG  1 
ATOM   595  C  CD  . GLU A 1 76  ? -6.999  3.537   10.773  1.00 20.71 ? 77  GLU A CD  1 
ATOM   596  O  OE1 . GLU A 1 76  ? -7.492  4.568   10.247  1.00 23.23 ? 77  GLU A OE1 1 
ATOM   597  O  OE2 . GLU A 1 76  ? -6.906  3.383   12.006  1.00 20.45 ? 77  GLU A OE2 1 
ATOM   598  N  N   . ILE A 1 77  ? -2.419  -0.023  9.168   1.00 14.24 ? 78  ILE A N   1 
ATOM   599  C  CA  . ILE A 1 77  ? -1.279  -0.895  9.441   1.00 12.82 ? 78  ILE A CA  1 
ATOM   600  C  C   . ILE A 1 77  ? -0.074  -0.006  9.631   1.00 13.24 ? 78  ILE A C   1 
ATOM   601  O  O   . ILE A 1 77  ? 0.358   0.664   8.685   1.00 11.95 ? 78  ILE A O   1 
ATOM   602  C  CB  . ILE A 1 77  ? -1.092  -1.934  8.286   1.00 13.06 ? 78  ILE A CB  1 
ATOM   603  C  CG1 . ILE A 1 77  ? -2.195  -3.003  8.380   1.00 13.26 ? 78  ILE A CG1 1 
ATOM   604  C  CG2 . ILE A 1 77  ? 0.299   -2.595  8.322   1.00 13.01 ? 78  ILE A CG2 1 
ATOM   605  C  CD1 . ILE A 1 77  ? -2.374  -3.828  7.092   1.00 14.21 ? 78  ILE A CD1 1 
ATOM   606  N  N   . ILE A 1 78  ? 0.470   0.017   10.862  1.00 12.67 ? 79  ILE A N   1 
ATOM   607  C  CA  . ILE A 1 78  ? 1.546   0.985   11.201  1.00 13.18 ? 79  ILE A CA  1 
ATOM   608  C  C   . ILE A 1 78  ? 2.757   0.199   11.692  1.00 13.12 ? 79  ILE A C   1 
ATOM   609  O  O   . ILE A 1 78  ? 2.596   -0.803  12.388  1.00 12.92 ? 79  ILE A O   1 
ATOM   610  C  CB  . ILE A 1 78  ? 1.056   1.956   12.290  1.00 13.56 ? 79  ILE A CB  1 
ATOM   611  C  CG1 . ILE A 1 78  ? -0.147  2.741   11.757  1.00 14.79 ? 79  ILE A CG1 1 
ATOM   612  C  CG2 . ILE A 1 78  ? 2.146   2.953   12.703  1.00 13.80 ? 79  ILE A CG2 1 
ATOM   613  C  CD1 . ILE A 1 78  ? -0.965  3.364   12.872  1.00 16.08 ? 79  ILE A CD1 1 
ATOM   614  N  N   . ASN A 1 79  ? 3.958   0.633   11.280  1.00 13.03 ? 80  ASN A N   1 
ATOM   615  C  CA  . ASN A 1 79  ? 5.190   -0.054  11.577  1.00 13.60 ? 80  ASN A CA  1 
ATOM   616  C  C   . ASN A 1 79  ? 5.133   -1.573  11.315  1.00 13.39 ? 80  ASN A C   1 
ATOM   617  O  O   . ASN A 1 79  ? 5.523   -2.373  12.176  1.00 13.19 ? 80  ASN A O   1 
ATOM   618  C  CB  . ASN A 1 79  ? 5.579   0.200   13.039  1.00 14.39 ? 80  ASN A CB  1 
ATOM   619  C  CG  . ASN A 1 79  ? 5.691   1.667   13.363  1.00 15.08 ? 80  ASN A CG  1 
ATOM   620  O  OD1 . ASN A 1 79  ? 6.064   2.482   12.512  1.00 15.53 ? 80  ASN A OD1 1 
ATOM   621  N  ND2 . ASN A 1 79  ? 5.368   2.025   14.613  1.00 15.93 ? 80  ASN A ND2 1 
ATOM   622  N  N   . PRO A 1 80  ? 4.690   -1.978  10.117  1.00 13.38 ? 81  PRO A N   1 
ATOM   623  C  CA  . PRO A 1 80  ? 4.586   -3.426  9.859   1.00 13.50 ? 81  PRO A CA  1 
ATOM   624  C  C   . PRO A 1 80  ? 5.947   -4.093  9.664   1.00 13.94 ? 81  PRO A C   1 
ATOM   625  O  O   . PRO A 1 80  ? 6.924   -3.435  9.230   1.00 13.84 ? 81  PRO A O   1 
ATOM   626  C  CB  . PRO A 1 80  ? 3.826   -3.480  8.534   1.00 13.61 ? 81  PRO A CB  1 
ATOM   627  C  CG  . PRO A 1 80  ? 4.266   -2.236  7.826   1.00 12.93 ? 81  PRO A CG  1 
ATOM   628  C  CD  . PRO A 1 80  ? 4.362   -1.177  8.920   1.00 13.09 ? 81  PRO A CD  1 
ATOM   629  N  N   . LYS A 1 81  ? 5.988   -5.384  9.966   1.00 15.75 ? 82  LYS A N   1 
ATOM   630  C  CA  . LYS A 1 81  ? 7.169   -6.219  9.844   1.00 17.17 ? 82  LYS A CA  1 
ATOM   631  C  C   . LYS A 1 81  ? 6.656   -7.551  9.318   1.00 17.09 ? 82  LYS A C   1 
ATOM   632  O  O   . LYS A 1 81  ? 5.617   -8.034  9.770   1.00 16.07 ? 82  LYS A O   1 
ATOM   633  C  CB  . LYS A 1 81  ? 7.723   -6.406  11.259  1.00 21.78 ? 82  LYS A CB  1 
ATOM   634  C  CG  . LYS A 1 81  ? 9.014   -7.173  11.420  1.00 29.31 ? 82  LYS A CG  1 
ATOM   635  C  CD  . LYS A 1 81  ? 9.351   -7.274  12.915  1.00 33.58 ? 82  LYS A CD  1 
ATOM   636  C  CE  . LYS A 1 81  ? 8.862   -6.058  13.703  1.00 37.45 ? 82  LYS A CE  1 
ATOM   637  N  NZ  . LYS A 1 81  ? 8.887   -6.271  15.183  1.00 42.90 ? 82  LYS A NZ  1 
ATOM   638  N  N   . PHE A 1 82  ? 7.331   -8.136  8.329   1.00 16.98 ? 83  PHE A N   1 
ATOM   639  C  CA  . PHE A 1 82  ? 6.975   -9.520  7.939   1.00 17.98 ? 83  PHE A CA  1 
ATOM   640  C  C   . PHE A 1 82  ? 7.486   -10.512 8.963   1.00 19.39 ? 83  PHE A C   1 
ATOM   641  O  O   . PHE A 1 82  ? 8.652   -10.416 9.372   1.00 20.82 ? 83  PHE A O   1 
ATOM   642  C  CB  . PHE A 1 82  ? 7.542   -9.879  6.564   1.00 17.58 ? 83  PHE A CB  1 
ATOM   643  C  CG  . PHE A 1 82  ? 6.864   -9.184  5.432   1.00 18.85 ? 83  PHE A CG  1 
ATOM   644  C  CD1 . PHE A 1 82  ? 7.465   -8.106  4.794   1.00 19.13 ? 83  PHE A CD1 1 
ATOM   645  C  CD2 . PHE A 1 82  ? 5.628   -9.631  4.983   1.00 18.55 ? 83  PHE A CD2 1 
ATOM   646  C  CE1 . PHE A 1 82  ? 6.828   -7.466  3.736   1.00 20.71 ? 83  PHE A CE1 1 
ATOM   647  C  CE2 . PHE A 1 82  ? 4.986   -8.995  3.940   1.00 19.16 ? 83  PHE A CE2 1 
ATOM   648  C  CZ  . PHE A 1 82  ? 5.593   -7.916  3.311   1.00 20.72 ? 83  PHE A CZ  1 
ATOM   649  N  N   . ILE A 1 83  ? 6.625   -11.462 9.355   1.00 18.21 ? 84  ILE A N   1 
ATOM   650  C  CA  . ILE A 1 83  ? 6.995   -12.548 10.261  1.00 20.43 ? 84  ILE A CA  1 
ATOM   651  C  C   . ILE A 1 83  ? 7.232   -13.815 9.417   1.00 21.33 ? 84  ILE A C   1 
ATOM   652  O  O   . ILE A 1 83  ? 8.149   -14.576 9.693   1.00 22.95 ? 84  ILE A O   1 
ATOM   653  C  CB  . ILE A 1 83  ? 5.887   -12.852 11.292  1.00 22.47 ? 84  ILE A CB  1 
ATOM   654  C  CG1 . ILE A 1 83  ? 5.533   -11.621 12.123  1.00 26.21 ? 84  ILE A CG1 1 
ATOM   655  C  CG2 . ILE A 1 83  ? 6.321   -14.001 12.216  1.00 24.94 ? 84  ILE A CG2 1 
ATOM   656  C  CD1 . ILE A 1 83  ? 4.382   -11.875 13.093  1.00 27.73 ? 84  ILE A CD1 1 
ATOM   657  N  N   . GLU A 1 84  ? 6.365   -14.050 8.433   1.00 20.37 ? 85  GLU A N   1 
ATOM   658  C  CA  . GLU A 1 84  ? 6.424   -15.259 7.604   1.00 22.90 ? 85  GLU A CA  1 
ATOM   659  C  C   . GLU A 1 84  ? 5.996   -14.902 6.194   1.00 21.18 ? 85  GLU A C   1 
ATOM   660  O  O   . GLU A 1 84  ? 5.166   -14.031 6.014   1.00 20.03 ? 85  GLU A O   1 
ATOM   661  C  CB  . GLU A 1 84  ? 5.498   -16.359 8.151   1.00 26.59 ? 85  GLU A CB  1 
ATOM   662  C  CG  . GLU A 1 84  ? 5.991   -17.020 9.431   1.00 33.51 ? 85  GLU A CG  1 
ATOM   663  C  CD  . GLU A 1 84  ? 5.004   -18.017 10.020  1.00 40.22 ? 85  GLU A CD  1 
ATOM   664  O  OE1 . GLU A 1 84  ? 5.163   -18.368 11.212  1.00 43.67 ? 85  GLU A OE1 1 
ATOM   665  O  OE2 . GLU A 1 84  ? 4.064   -18.442 9.307   1.00 44.31 ? 85  GLU A OE2 1 
ATOM   666  N  N   . THR A 1 85  ? 6.598   -15.554 5.198   1.00 21.69 ? 86  THR A N   1 
ATOM   667  C  CA  . THR A 1 85  ? 6.187   -15.365 3.810   1.00 23.42 ? 86  THR A CA  1 
ATOM   668  C  C   . THR A 1 85  ? 6.202   -16.760 3.215   1.00 25.37 ? 86  THR A C   1 
ATOM   669  O  O   . THR A 1 85  ? 6.949   -17.642 3.678   1.00 25.68 ? 86  THR A O   1 
ATOM   670  C  CB  . THR A 1 85  ? 7.113   -14.413 3.011   1.00 25.38 ? 86  THR A CB  1 
ATOM   671  O  OG1 . THR A 1 85  ? 8.465   -14.889 3.042   1.00 28.87 ? 86  THR A OG1 1 
ATOM   672  C  CG2 . THR A 1 85  ? 7.091   -13.008 3.581   1.00 25.21 ? 86  THR A CG2 1 
ATOM   673  N  N   . GLY A 1 86  ? 5.367   -16.998 2.218   1.00 22.17 ? 87  GLY A N   1 
ATOM   674  C  CA  . GLY A 1 86  ? 5.286   -18.346 1.676   1.00 24.38 ? 87  GLY A CA  1 
ATOM   675  C  C   . GLY A 1 86  ? 4.736   -18.347 0.282   1.00 23.20 ? 87  GLY A C   1 
ATOM   676  O  O   . GLY A 1 86  ? 3.826   -17.581 -0.013  1.00 23.21 ? 87  GLY A O   1 
ATOM   677  N  N   . GLY A 1 87  ? 5.277   -19.224 -0.563  1.00 22.72 ? 88  GLY A N   1 
ATOM   678  C  CA  . GLY A 1 87  ? 4.737   -19.422 -1.901  1.00 22.60 ? 88  GLY A CA  1 
ATOM   679  C  C   . GLY A 1 87  ? 4.936   -18.238 -2.817  1.00 22.89 ? 88  GLY A C   1 
ATOM   680  O  O   . GLY A 1 87  ? 5.518   -17.226 -2.424  1.00 24.82 ? 88  GLY A O   1 
ATOM   681  N  N   . SER A 1 88  ? 4.504   -18.384 -4.063  1.00 21.61 ? 89  SER A N   1 
ATOM   682  C  CA  . SER A 1 88  ? 4.555   -17.304 -5.034  1.00 21.65 ? 89  SER A CA  1 
ATOM   683  C  C   . SER A 1 88  ? 3.215   -17.278 -5.754  1.00 18.69 ? 89  SER A C   1 
ATOM   684  O  O   . SER A 1 88  ? 2.532   -18.289 -5.818  1.00 17.08 ? 89  SER A O   1 
ATOM   685  C  CB  . SER A 1 88  ? 5.678   -17.531 -6.040  1.00 25.33 ? 89  SER A CB  1 
ATOM   686  O  OG  . SER A 1 88  ? 5.521   -16.615 -7.097  1.00 35.48 ? 89  SER A OG  1 
ATOM   687  N  N   . MET A 1 89  ? 2.857   -16.124 -6.307  1.00 18.11 ? 90  MET A N   1 
ATOM   688  C  CA  . MET A 1 89  ? 1.627   -15.964 -7.034  1.00 18.56 ? 90  MET A CA  1 
ATOM   689  C  C   . MET A 1 89  ? 1.750   -14.762 -7.957  1.00 18.55 ? 90  MET A C   1 
ATOM   690  O  O   . MET A 1 89  ? 2.390   -13.778 -7.614  1.00 19.98 ? 90  MET A O   1 
ATOM   691  C  CB  . MET A 1 89  ? 0.519   -15.716 -6.008  1.00 22.37 ? 90  MET A CB  1 
ATOM   692  C  CG  . MET A 1 89  ? -0.838  -15.436 -6.549  1.00 25.89 ? 90  MET A CG  1 
ATOM   693  S  SD  . MET A 1 89  ? -1.941  -15.162 -5.126  1.00 32.40 ? 90  MET A SD  1 
ATOM   694  C  CE  . MET A 1 89  ? -1.140  -13.837 -4.248  1.00 29.42 ? 90  MET A CE  1 
ATOM   695  N  N   . MET A 1 90  ? 1.170   -14.841 -9.150  1.00 18.62 ? 91  MET A N   1 
ATOM   696  C  CA  . MET A 1 90  ? 1.159   -13.660 -10.018 1.00 19.43 ? 91  MET A CA  1 
ATOM   697  C  C   . MET A 1 90  ? -0.121  -12.878 -9.765  1.00 18.88 ? 91  MET A C   1 
ATOM   698  O  O   . MET A 1 90  ? -1.191  -13.451 -9.580  1.00 18.48 ? 91  MET A O   1 
ATOM   699  C  CB  . MET A 1 90  ? 1.250   -14.055 -11.495 1.00 20.04 ? 91  MET A CB  1 
ATOM   700  C  CG  . MET A 1 90  ? 2.429   -14.968 -11.825 1.00 21.00 ? 91  MET A CG  1 
ATOM   701  S  SD  . MET A 1 90  ? 4.023   -14.191 -11.491 1.00 23.83 ? 91  MET A SD  1 
ATOM   702  C  CE  . MET A 1 90  ? 3.885   -12.702 -12.457 1.00 22.92 ? 91  MET A CE  1 
ATOM   703  N  N   . TYR A 1 91  ? -0.017  -11.550 -9.762  1.00 18.13 ? 92  TYR A N   1 
ATOM   704  C  CA  . TYR A 1 91  ? -1.203  -10.749 -9.623  1.00 18.94 ? 92  TYR A CA  1 
ATOM   705  C  C   . TYR A 1 91  ? -1.051  -9.504  -10.495 1.00 18.07 ? 92  TYR A C   1 
ATOM   706  O  O   . TYR A 1 91  ? 0.009   -8.901  -10.509 1.00 18.05 ? 92  TYR A O   1 
ATOM   707  C  CB  . TYR A 1 91  ? -1.427  -10.378 -8.139  1.00 19.16 ? 92  TYR A CB  1 
ATOM   708  C  CG  . TYR A 1 91  ? -2.886  -10.152 -7.844  1.00 20.77 ? 92  TYR A CG  1 
ATOM   709  C  CD1 . TYR A 1 91  ? -3.671  -11.170 -7.311  1.00 22.42 ? 92  TYR A CD1 1 
ATOM   710  C  CD2 . TYR A 1 91  ? -3.487  -8.928  -8.139  1.00 22.42 ? 92  TYR A CD2 1 
ATOM   711  C  CE1 . TYR A 1 91  ? -5.025  -10.974 -7.062  1.00 24.70 ? 92  TYR A CE1 1 
ATOM   712  C  CE2 . TYR A 1 91  ? -4.835  -8.724  -7.903  1.00 24.15 ? 92  TYR A CE2 1 
ATOM   713  C  CZ  . TYR A 1 91  ? -5.591  -9.748  -7.368  1.00 25.54 ? 92  TYR A CZ  1 
ATOM   714  O  OH  . TYR A 1 91  ? -6.926  -9.541  -7.128  1.00 30.09 ? 92  TYR A OH  1 
ATOM   715  N  N   . LYS A 1 92  ? -2.122  -9.136  -11.206 1.00 19.94 ? 93  LYS A N   1 
ATOM   716  C  CA  . LYS A 1 92  ? -2.131  -7.927  -12.039 1.00 21.12 ? 93  LYS A CA  1 
ATOM   717  C  C   . LYS A 1 92  ? -2.437  -6.724  -11.152 1.00 20.59 ? 93  LYS A C   1 
ATOM   718  O  O   . LYS A 1 92  ? -3.479  -6.667  -10.502 1.00 20.93 ? 93  LYS A O   1 
ATOM   719  C  CB  . LYS A 1 92  ? -3.220  -8.054  -13.123 1.00 24.79 ? 93  LYS A CB  1 
ATOM   720  C  CG  . LYS A 1 92  ? -3.172  -7.010  -14.247 1.00 29.09 ? 93  LYS A CG  1 
ATOM   721  C  CD  . LYS A 1 92  ? -2.132  -7.401  -15.298 1.00 33.83 ? 93  LYS A CD  1 
ATOM   722  C  CE  . LYS A 1 92  ? -2.312  -6.706  -16.636 1.00 33.04 ? 93  LYS A CE  1 
ATOM   723  N  NZ  . LYS A 1 92  ? -2.652  -7.671  -17.726 1.00 34.68 ? 93  LYS A NZ  1 
ATOM   724  N  N   . GLU A 1 93  ? -1.505  -5.789  -11.091 1.00 19.41 ? 94  GLU A N   1 
ATOM   725  C  CA  . GLU A 1 93  ? -1.628  -4.650  -10.194 1.00 19.10 ? 94  GLU A CA  1 
ATOM   726  C  C   . GLU A 1 93  ? -1.557  -3.372  -10.972 1.00 18.42 ? 94  GLU A C   1 
ATOM   727  O  O   . GLU A 1 93  ? -0.904  -3.316  -12.012 1.00 18.27 ? 94  GLU A O   1 
ATOM   728  C  CB  . GLU A 1 93  ? -0.439  -4.616  -9.217  1.00 19.38 ? 94  GLU A CB  1 
ATOM   729  C  CG  . GLU A 1 93  ? -0.364  -5.843  -8.337  1.00 20.60 ? 94  GLU A CG  1 
ATOM   730  C  CD  . GLU A 1 93  ? 0.808   -5.791  -7.379  1.00 20.47 ? 94  GLU A CD  1 
ATOM   731  O  OE1 . GLU A 1 93  ? 1.249   -4.675  -6.981  1.00 20.89 ? 94  GLU A OE1 1 
ATOM   732  O  OE2 . GLU A 1 93  ? 1.276   -6.873  -7.017  1.00 20.74 ? 94  GLU A OE2 1 
ATOM   733  N  N   . GLY A 1 94  ? -2.200  -2.348  -10.417 1.00 17.58 ? 95  GLY A N   1 
ATOM   734  C  CA  . GLY A 1 94  ? -1.923  -0.983  -10.782 1.00 16.41 ? 95  GLY A CA  1 
ATOM   735  C  C   . GLY A 1 94  ? -1.611  -0.249  -9.494  1.00 16.69 ? 95  GLY A C   1 
ATOM   736  O  O   . GLY A 1 94  ? -1.699  -0.820  -8.385  1.00 16.41 ? 95  GLY A O   1 
ATOM   737  N  N   . CYS A 1 95  ? -1.274  1.018   -9.642  1.00 15.51 ? 96  CYS A N   1 
ATOM   738  C  CA  . CYS A 1 95  ? -0.850  1.841   -8.496  1.00 14.78 ? 96  CYS A CA  1 
ATOM   739  C  C   . CYS A 1 95  ? -1.344  3.270   -8.691  1.00 15.01 ? 96  CYS A C   1 
ATOM   740  O  O   . CYS A 1 95  ? -1.211  3.818   -9.797  1.00 15.29 ? 96  CYS A O   1 
ATOM   741  C  CB  . CYS A 1 95  ? 0.684   1.832   -8.406  1.00 14.88 ? 96  CYS A CB  1 
ATOM   742  S  SG  . CYS A 1 95  ? 1.393   2.822   -7.044  1.00 14.93 ? 96  CYS A SG  1 
ATOM   743  N  N   . LEU A 1 96  ? -1.885  3.881   -7.630  1.00 14.60 ? 97  LEU A N   1 
ATOM   744  C  CA  . LEU A 1 96  ? -2.328  5.284   -7.710  1.00 15.52 ? 97  LEU A CA  1 
ATOM   745  C  C   . LEU A 1 96  ? -1.171  6.240   -8.048  1.00 16.08 ? 97  LEU A C   1 
ATOM   746  O  O   . LEU A 1 96  ? -1.409  7.329   -8.584  1.00 16.30 ? 97  LEU A O   1 
ATOM   747  C  CB  . LEU A 1 96  ? -3.036  5.724   -6.425  1.00 15.80 ? 97  LEU A CB  1 
ATOM   748  C  CG  . LEU A 1 96  ? -4.334  4.951   -6.119  1.00 17.94 ? 97  LEU A CG  1 
ATOM   749  C  CD1 . LEU A 1 96  ? -4.853  5.457   -4.792  1.00 20.24 ? 97  LEU A CD1 1 
ATOM   750  C  CD2 . LEU A 1 96  ? -5.340  5.238   -7.215  1.00 18.94 ? 97  LEU A CD2 1 
ATOM   751  N  N   . SER A 1 97  ? 0.069   5.853   -7.725  1.00 15.68 ? 98  SER A N   1 
ATOM   752  C  CA  . SER A 1 97  ? 1.236   6.660   -8.074  1.00 16.22 ? 98  SER A CA  1 
ATOM   753  C  C   . SER A 1 97  ? 1.798   6.391   -9.479  1.00 17.63 ? 98  SER A C   1 
ATOM   754  O  O   . SER A 1 97  ? 2.718   7.070   -9.925  1.00 19.13 ? 98  SER A O   1 
ATOM   755  C  CB  . SER A 1 97  ? 2.355   6.484   -7.023  1.00 16.29 ? 98  SER A CB  1 
ATOM   756  O  OG  . SER A 1 97  ? 1.892   6.995   -5.781  1.00 16.54 ? 98  SER A OG  1 
ATOM   757  N  N   . VAL A 1 98  ? 1.249   5.401   -10.171 1.00 18.04 ? 99  VAL A N   1 
ATOM   758  C  CA  . VAL A 1 98  ? 1.659   5.104   -11.549 1.00 19.20 ? 99  VAL A CA  1 
ATOM   759  C  C   . VAL A 1 98  ? 0.392   4.956   -12.394 1.00 19.49 ? 99  VAL A C   1 
ATOM   760  O  O   . VAL A 1 98  ? 0.125   3.884   -12.932 1.00 20.89 ? 99  VAL A O   1 
ATOM   761  C  CB  . VAL A 1 98  ? 2.516   3.823   -11.643 1.00 20.03 ? 99  VAL A CB  1 
ATOM   762  C  CG1 . VAL A 1 98  ? 3.303   3.841   -12.950 1.00 21.06 ? 99  VAL A CG1 1 
ATOM   763  C  CG2 . VAL A 1 98  ? 3.513   3.741   -10.489 1.00 20.96 ? 99  VAL A CG2 1 
ATOM   764  N  N   . PRO A 1 99  ? -0.408  6.026   -12.497 1.00 20.66 ? 100 PRO A N   1 
ATOM   765  C  CA  . PRO A 1 99  ? -1.786  5.783   -12.982 1.00 21.92 ? 100 PRO A CA  1 
ATOM   766  C  C   . PRO A 1 99  ? -1.832  5.420   -14.466 1.00 22.42 ? 100 PRO A C   1 
ATOM   767  O  O   . PRO A 1 99  ? -1.053  5.956   -15.246 1.00 23.01 ? 100 PRO A O   1 
ATOM   768  C  CB  . PRO A 1 99  ? -2.499  7.108   -12.702 1.00 22.90 ? 100 PRO A CB  1 
ATOM   769  C  CG  . PRO A 1 99  ? -1.399  8.124   -12.611 1.00 22.50 ? 100 PRO A CG  1 
ATOM   770  C  CD  . PRO A 1 99  ? -0.225  7.407   -12.015 1.00 21.41 ? 100 PRO A CD  1 
ATOM   771  N  N   . GLY A 1 100 ? -2.702  4.472   -14.800 1.00 23.25 ? 101 GLY A N   1 
ATOM   772  C  CA  . GLY A 1 100 ? -2.929  4.031   -16.177 1.00 23.05 ? 101 GLY A CA  1 
ATOM   773  C  C   . GLY A 1 100 ? -2.161  2.797   -16.597 1.00 25.62 ? 101 GLY A C   1 
ATOM   774  O  O   . GLY A 1 100 ? -2.383  2.277   -17.696 1.00 26.26 ? 101 GLY A O   1 
ATOM   775  N  N   . PHE A 1 101 ? -1.253  2.313   -15.743 1.00 23.10 ? 102 PHE A N   1 
ATOM   776  C  CA  . PHE A 1 101 ? -0.434  1.161   -16.114 1.00 23.12 ? 102 PHE A CA  1 
ATOM   777  C  C   . PHE A 1 101 ? -0.712  -0.023  -15.198 1.00 23.63 ? 102 PHE A C   1 
ATOM   778  O  O   . PHE A 1 101 ? -0.744  0.152   -13.983 1.00 20.44 ? 102 PHE A O   1 
ATOM   779  C  CB  . PHE A 1 101 ? 1.067   1.508   -16.084 1.00 25.33 ? 102 PHE A CB  1 
ATOM   780  C  CG  . PHE A 1 101 ? 1.954   0.374   -16.560 1.00 29.34 ? 102 PHE A CG  1 
ATOM   781  C  CD1 . PHE A 1 101 ? 2.017   0.038   -17.908 1.00 30.57 ? 102 PHE A CD1 1 
ATOM   782  C  CD2 . PHE A 1 101 ? 2.711   -0.373  -15.658 1.00 30.74 ? 102 PHE A CD2 1 
ATOM   783  C  CE1 . PHE A 1 101 ? 2.818   -1.016  -18.348 1.00 32.49 ? 102 PHE A CE1 1 
ATOM   784  C  CE2 . PHE A 1 101 ? 3.516   -1.423  -16.086 1.00 31.92 ? 102 PHE A CE2 1 
ATOM   785  C  CZ  . PHE A 1 101 ? 3.571   -1.748  -17.433 1.00 33.34 ? 102 PHE A CZ  1 
ATOM   786  N  N   . TYR A 1 102 ? -0.866  -1.212  -15.789 1.00 20.77 ? 103 TYR A N   1 
ATOM   787  C  CA  . TYR A 1 102 ? -1.185  -2.455  -15.066 1.00 21.90 ? 103 TYR A CA  1 
ATOM   788  C  C   . TYR A 1 102 ? -0.327  -3.556  -15.609 1.00 22.71 ? 103 TYR A C   1 
ATOM   789  O  O   . TYR A 1 102 ? -0.210  -3.716  -16.828 1.00 22.37 ? 103 TYR A O   1 
ATOM   790  C  CB  . TYR A 1 102 ? -2.655  -2.851  -15.235 1.00 23.05 ? 103 TYR A CB  1 
ATOM   791  C  CG  . TYR A 1 102 ? -3.568  -1.699  -14.943 1.00 24.16 ? 103 TYR A CG  1 
ATOM   792  C  CD1 . TYR A 1 102 ? -3.920  -0.803  -15.945 1.00 24.06 ? 103 TYR A CD1 1 
ATOM   793  C  CD2 . TYR A 1 102 ? -4.018  -1.458  -13.647 1.00 23.99 ? 103 TYR A CD2 1 
ATOM   794  C  CE1 . TYR A 1 102 ? -4.726  0.283   -15.666 1.00 24.84 ? 103 TYR A CE1 1 
ATOM   795  C  CE2 . TYR A 1 102 ? -4.831  -0.376  -13.364 1.00 24.45 ? 103 TYR A CE2 1 
ATOM   796  C  CZ  . TYR A 1 102 ? -5.177  0.483   -14.384 1.00 24.22 ? 103 TYR A CZ  1 
ATOM   797  O  OH  . TYR A 1 102 ? -5.977  1.563   -14.131 1.00 27.64 ? 103 TYR A OH  1 
ATOM   798  N  N   . GLU A 1 103 ? 0.276   -4.317  -14.705 1.00 22.69 ? 104 GLU A N   1 
ATOM   799  C  CA  . GLU A 1 103 ? 1.113   -5.425  -15.104 1.00 23.63 ? 104 GLU A CA  1 
ATOM   800  C  C   . GLU A 1 103 ? 1.106   -6.501  -14.042 1.00 23.60 ? 104 GLU A C   1 
ATOM   801  O  O   . GLU A 1 103 ? 0.832   -6.215  -12.871 1.00 21.81 ? 104 GLU A O   1 
ATOM   802  C  CB  . GLU A 1 103 ? 2.540   -4.959  -15.381 1.00 26.25 ? 104 GLU A CB  1 
ATOM   803  C  CG  . GLU A 1 103 ? 3.346   -5.979  -16.175 1.00 32.49 ? 104 GLU A CG  1 
ATOM   804  C  CD  . GLU A 1 103 ? 2.540   -6.603  -17.316 1.00 34.49 ? 104 GLU A CD  1 
ATOM   805  O  OE1 . GLU A 1 103 ? 2.047   -7.752  -17.163 1.00 34.45 ? 104 GLU A OE1 1 
ATOM   806  O  OE2 . GLU A 1 103 ? 2.382   -5.930  -18.357 1.00 39.14 ? 104 GLU A OE2 1 
ATOM   807  N  N   . GLU A 1 104 ? 1.365   -7.743  -14.466 1.00 22.10 ? 105 GLU A N   1 
ATOM   808  C  CA  . GLU A 1 104 ? 1.506   -8.869  -13.547 1.00 24.34 ? 105 GLU A CA  1 
ATOM   809  C  C   . GLU A 1 104 ? 2.810   -8.782  -12.773 1.00 21.47 ? 105 GLU A C   1 
ATOM   810  O  O   . GLU A 1 104 ? 3.892   -8.628  -13.353 1.00 23.17 ? 105 GLU A O   1 
ATOM   811  C  CB  . GLU A 1 104 ? 1.435   -10.213 -14.292 1.00 29.02 ? 105 GLU A CB  1 
ATOM   812  C  CG  . GLU A 1 104 ? 0.007   -10.686 -14.527 1.00 35.19 ? 105 GLU A CG  1 
ATOM   813  C  CD  . GLU A 1 104 ? -0.086  -12.094 -15.103 1.00 41.34 ? 105 GLU A CD  1 
ATOM   814  O  OE1 . GLU A 1 104 ? 0.917   -12.847 -15.055 1.00 43.83 ? 105 GLU A OE1 1 
ATOM   815  O  OE2 . GLU A 1 104 ? -1.181  -12.455 -15.598 1.00 45.84 ? 105 GLU A OE2 1 
ATOM   816  N  N   . VAL A 1 105 ? 2.689   -8.881  -11.455 1.00 19.65 ? 106 VAL A N   1 
ATOM   817  C  CA  . VAL A 1 105 ? 3.813   -8.838  -10.534 1.00 20.01 ? 106 VAL A CA  1 
ATOM   818  C  C   . VAL A 1 105 ? 3.856   -10.175 -9.809  1.00 18.93 ? 106 VAL A C   1 
ATOM   819  O  O   . VAL A 1 105 ? 2.807   -10.719 -9.444  1.00 18.61 ? 106 VAL A O   1 
ATOM   820  C  CB  . VAL A 1 105 ? 3.585   -7.723  -9.451  1.00 19.44 ? 106 VAL A CB  1 
ATOM   821  C  CG1 . VAL A 1 105 ? 4.792   -7.645  -8.531  1.00 21.34 ? 106 VAL A CG1 1 
ATOM   822  C  CG2 . VAL A 1 105 ? 3.347   -6.373  -10.103 1.00 22.52 ? 106 VAL A CG2 1 
ATOM   823  N  N   . GLU A 1 106 ? 5.060   -10.682 -9.562  1.00 19.50 ? 107 GLU A N   1 
ATOM   824  C  CA  . GLU A 1 106 ? 5.197   -11.886 -8.746  1.00 19.41 ? 107 GLU A CA  1 
ATOM   825  C  C   . GLU A 1 106 ? 5.279   -11.462 -7.280  1.00 18.18 ? 107 GLU A C   1 
ATOM   826  O  O   . GLU A 1 106 ? 6.140   -10.670 -6.916  1.00 17.99 ? 107 GLU A O   1 
ATOM   827  C  CB  . GLU A 1 106 ? 6.444   -12.685 -9.123  1.00 21.63 ? 107 GLU A CB  1 
ATOM   828  C  CG  . GLU A 1 106 ? 6.518   -14.006 -8.379  1.00 23.15 ? 107 GLU A CG  1 
ATOM   829  C  CD  . GLU A 1 106 ? 7.614   -14.937 -8.860  1.00 28.20 ? 107 GLU A CD  1 
ATOM   830  O  OE1 . GLU A 1 106 ? 8.068   -15.755 -8.040  1.00 30.90 ? 107 GLU A OE1 1 
ATOM   831  O  OE2 . GLU A 1 106 ? 7.989   -14.883 -10.050 1.00 30.26 ? 107 GLU A OE2 1 
ATOM   832  N  N   . ARG A 1 107 ? 4.355   -11.987 -6.484  1.00 15.50 ? 108 ARG A N   1 
ATOM   833  C  CA  . ARG A 1 107 ? 4.241   -11.695 -5.051  1.00 16.57 ? 108 ARG A CA  1 
ATOM   834  C  C   . ARG A 1 107 ? 4.283   -12.977 -4.257  1.00 17.26 ? 108 ARG A C   1 
ATOM   835  O  O   . ARG A 1 107 ? 4.132   -14.069 -4.816  1.00 18.32 ? 108 ARG A O   1 
ATOM   836  C  CB  . ARG A 1 107 ? 2.890   -11.047 -4.805  1.00 16.21 ? 108 ARG A CB  1 
ATOM   837  C  CG  . ARG A 1 107 ? 2.741   -9.716  -5.543  1.00 16.21 ? 108 ARG A CG  1 
ATOM   838  C  CD  . ARG A 1 107 ? 3.540   -8.646  -4.822  1.00 17.58 ? 108 ARG A CD  1 
ATOM   839  N  NE  . ARG A 1 107 ? 3.277   -7.310  -5.342  1.00 16.96 ? 108 ARG A NE  1 
ATOM   840  C  CZ  . ARG A 1 107 ? 4.022   -6.245  -5.047  1.00 18.00 ? 108 ARG A CZ  1 
ATOM   841  N  NH1 . ARG A 1 107 ? 5.079   -6.372  -4.230  1.00 18.06 ? 108 ARG A NH1 1 
ATOM   842  N  NH2 . ARG A 1 107 ? 3.716   -5.067  -5.583  1.00 17.30 ? 108 ARG A NH2 1 
ATOM   843  N  N   . PHE A 1 108 ? 4.475   -12.859 -2.942  1.00 16.44 ? 109 PHE A N   1 
ATOM   844  C  CA  . PHE A 1 108 ? 4.239   -14.013 -2.082  1.00 16.81 ? 109 PHE A CA  1 
ATOM   845  C  C   . PHE A 1 108 ? 2.759   -14.342 -2.059  1.00 17.04 ? 109 PHE A C   1 
ATOM   846  O  O   . PHE A 1 108 ? 1.884   -13.454 -2.063  1.00 16.21 ? 109 PHE A O   1 
ATOM   847  C  CB  . PHE A 1 108 ? 4.730   -13.759 -0.652  1.00 17.32 ? 109 PHE A CB  1 
ATOM   848  C  CG  . PHE A 1 108 ? 6.220   -13.574 -0.545  1.00 18.65 ? 109 PHE A CG  1 
ATOM   849  C  CD1 . PHE A 1 108 ? 6.733   -12.360 -0.124  1.00 21.55 ? 109 PHE A CD1 1 
ATOM   850  C  CD2 . PHE A 1 108 ? 7.095   -14.624 -0.817  1.00 20.58 ? 109 PHE A CD2 1 
ATOM   851  C  CE1 . PHE A 1 108 ? 8.105   -12.181 0.006   1.00 23.26 ? 109 PHE A CE1 1 
ATOM   852  C  CE2 . PHE A 1 108 ? 8.471   -14.454 -0.689  1.00 23.40 ? 109 PHE A CE2 1 
ATOM   853  C  CZ  . PHE A 1 108 ? 8.968   -13.220 -0.285  1.00 23.51 ? 109 PHE A CZ  1 
ATOM   854  N  N   . GLU A 1 109 ? 2.453   -15.633 -2.054  1.00 16.90 ? 110 GLU A N   1 
ATOM   855  C  CA  . GLU A 1 109 ? 1.077   -16.062 -2.033  1.00 18.89 ? 110 GLU A CA  1 
ATOM   856  C  C   . GLU A 1 109 ? 0.441   -15.853 -0.667  1.00 18.66 ? 110 GLU A C   1 
ATOM   857  O  O   . GLU A 1 109 ? -0.752  -15.606 -0.559  1.00 19.15 ? 110 GLU A O   1 
ATOM   858  C  CB  . GLU A 1 109 ? 1.059   -17.559 -2.353  1.00 21.12 ? 110 GLU A CB  1 
ATOM   859  C  CG  . GLU A 1 109 ? -0.302  -18.192 -2.432  1.00 24.85 ? 110 GLU A CG  1 
ATOM   860  C  CD  . GLU A 1 109 ? -0.188  -19.723 -2.540  1.00 27.31 ? 110 GLU A CD  1 
ATOM   861  O  OE1 . GLU A 1 109 ? -1.209  -20.407 -2.307  1.00 30.31 ? 110 GLU A OE1 1 
ATOM   862  O  OE2 . GLU A 1 109 ? 0.926   -20.222 -2.843  1.00 25.96 ? 110 GLU A OE2 1 
ATOM   863  N  N   . LYS A 1 110 ? 1.237   -16.024 0.368   1.00 18.69 ? 111 LYS A N   1 
ATOM   864  C  CA  . LYS A 1 110 ? 0.738   -15.911 1.740   1.00 19.45 ? 111 LYS A CA  1 
ATOM   865  C  C   . LYS A 1 110 ? 1.763   -15.148 2.552   1.00 18.15 ? 111 LYS A C   1 
ATOM   866  O  O   . LYS A 1 110 ? 2.974   -15.317 2.384   1.00 18.90 ? 111 LYS A O   1 
ATOM   867  C  CB  . LYS A 1 110 ? 0.498   -17.293 2.367   1.00 23.45 ? 111 LYS A CB  1 
ATOM   868  C  CG  . LYS A 1 110 ? -0.661  -18.056 1.730   1.00 30.03 ? 111 LYS A CG  1 
ATOM   869  C  CD  . LYS A 1 110 ? -1.001  -19.327 2.495   1.00 35.60 ? 111 LYS A CD  1 
ATOM   870  C  CE  . LYS A 1 110 ? -1.758  -20.308 1.604   1.00 39.30 ? 111 LYS A CE  1 
ATOM   871  N  NZ  . LYS A 1 110 ? -0.832  -21.101 0.746   1.00 42.31 ? 111 LYS A NZ  1 
ATOM   872  N  N   . VAL A 1 111 ? 1.279   -14.261 3.411   1.00 17.47 ? 112 VAL A N   1 
ATOM   873  C  CA  . VAL A 1 111 ? 2.186   -13.553 4.311   1.00 16.42 ? 112 VAL A CA  1 
ATOM   874  C  C   . VAL A 1 111 ? 1.620   -13.507 5.710   1.00 16.14 ? 112 VAL A C   1 
ATOM   875  O  O   . VAL A 1 111 ? 0.416   -13.602 5.891   1.00 16.02 ? 112 VAL A O   1 
ATOM   876  C  CB  . VAL A 1 111 ? 2.468   -12.099 3.852   1.00 16.50 ? 112 VAL A CB  1 
ATOM   877  C  CG1 . VAL A 1 111 ? 3.116   -12.084 2.468   1.00 16.53 ? 112 VAL A CG1 1 
ATOM   878  C  CG2 . VAL A 1 111 ? 1.188   -11.261 3.836   1.00 16.51 ? 112 VAL A CG2 1 
ATOM   879  N  N   . LYS A 1 112 ? 2.496   -13.319 6.694   1.00 14.81 ? 113 LYS A N   1 
ATOM   880  C  CA  . LYS A 1 112 ? 2.051   -13.006 8.041   1.00 15.68 ? 113 LYS A CA  1 
ATOM   881  C  C   . LYS A 1 112 ? 2.823   -11.778 8.476   1.00 15.17 ? 113 LYS A C   1 
ATOM   882  O  O   . LYS A 1 112 ? 4.045   -11.747 8.360   1.00 16.07 ? 113 LYS A O   1 
ATOM   883  C  CB  . LYS A 1 112 ? 2.337   -14.161 8.993   1.00 16.67 ? 113 LYS A CB  1 
ATOM   884  C  CG  . LYS A 1 112 ? 1.821   -13.892 10.395  1.00 20.73 ? 113 LYS A CG  1 
ATOM   885  C  CD  . LYS A 1 112 ? 2.299   -14.954 11.380  1.00 24.94 ? 113 LYS A CD  1 
ATOM   886  C  CE  . LYS A 1 112 ? 1.500   -16.225 11.263  1.00 27.83 ? 113 LYS A CE  1 
ATOM   887  N  NZ  . LYS A 1 112 ? 2.000   -17.160 12.323  1.00 33.72 ? 113 LYS A NZ  1 
ATOM   888  N  N   . ILE A 1 113 ? 2.128   -10.754 8.943   1.00 14.55 ? 114 ILE A N   1 
ATOM   889  C  CA  . ILE A 1 113 ? 2.819   -9.539  9.403   1.00 14.31 ? 114 ILE A CA  1 
ATOM   890  C  C   . ILE A 1 113 ? 2.464   -9.237  10.856  1.00 14.61 ? 114 ILE A C   1 
ATOM   891  O  O   . ILE A 1 113 ? 1.413   -9.685  11.339  1.00 15.05 ? 114 ILE A O   1 
ATOM   892  C  CB  . ILE A 1 113 ? 2.441   -8.297  8.554   1.00 15.10 ? 114 ILE A CB  1 
ATOM   893  C  CG1 . ILE A 1 113 ? 0.914   -8.047  8.551   1.00 15.12 ? 114 ILE A CG1 1 
ATOM   894  C  CG2 . ILE A 1 113 ? 2.952   -8.477  7.096   1.00 16.13 ? 114 ILE A CG2 1 
ATOM   895  C  CD1 . ILE A 1 113 ? 0.567   -6.682  7.916   1.00 16.04 ? 114 ILE A CD1 1 
ATOM   896  N  N   . GLU A 1 114 ? 3.343   -8.488  11.519  1.00 13.97 ? 115 GLU A N   1 
ATOM   897  C  CA  . GLU A 1 114 ? 3.033   -7.902  12.813  1.00 15.16 ? 115 GLU A CA  1 
ATOM   898  C  C   . GLU A 1 114 ? 3.021   -6.409  12.623  1.00 14.32 ? 115 GLU A C   1 
ATOM   899  O  O   . GLU A 1 114 ? 3.809   -5.879  11.853  1.00 14.06 ? 115 GLU A O   1 
ATOM   900  C  CB  . GLU A 1 114 ? 4.094   -8.335  13.820  1.00 18.31 ? 115 GLU A CB  1 
ATOM   901  C  CG  . GLU A 1 114 ? 3.957   -7.756  15.200  1.00 22.97 ? 115 GLU A CG  1 
ATOM   902  C  CD  . GLU A 1 114 ? 5.005   -8.348  16.131  1.00 28.50 ? 115 GLU A CD  1 
ATOM   903  O  OE1 . GLU A 1 114 ? 5.487   -9.465  15.833  1.00 31.75 ? 115 GLU A OE1 1 
ATOM   904  O  OE2 . GLU A 1 114 ? 5.356   -7.695  17.131  1.00 33.96 ? 115 GLU A OE2 1 
ATOM   905  N  N   . TYR A 1 115 ? 2.090   -5.710  13.264  1.00 13.01 ? 116 TYR A N   1 
ATOM   906  C  CA  . TYR A 1 115 ? 2.028   -4.269  13.103  1.00 13.30 ? 116 TYR A CA  1 
ATOM   907  C  C   . TYR A 1 115 ? 1.286   -3.651  14.258  1.00 13.29 ? 116 TYR A C   1 
ATOM   908  O  O   . TYR A 1 115 ? 0.840   -4.384  15.165  1.00 13.21 ? 116 TYR A O   1 
ATOM   909  C  CB  . TYR A 1 115 ? 1.305   -3.906  11.785  1.00 13.15 ? 116 TYR A CB  1 
ATOM   910  C  CG  . TYR A 1 115 ? -0.144  -4.357  11.693  1.00 13.34 ? 116 TYR A CG  1 
ATOM   911  C  CD1 . TYR A 1 115 ? -1.183  -3.490  12.046  1.00 13.62 ? 116 TYR A CD1 1 
ATOM   912  C  CD2 . TYR A 1 115 ? -0.462  -5.614  11.201  1.00 14.12 ? 116 TYR A CD2 1 
ATOM   913  C  CE1 . TYR A 1 115 ? -2.513  -3.888  11.938  1.00 13.83 ? 116 TYR A CE1 1 
ATOM   914  C  CE2 . TYR A 1 115 ? -1.785  -6.024  11.103  1.00 15.77 ? 116 TYR A CE2 1 
ATOM   915  C  CZ  . TYR A 1 115 ? -2.795  -5.147  11.467  1.00 15.46 ? 116 TYR A CZ  1 
ATOM   916  O  OH  . TYR A 1 115 ? -4.113  -5.518  11.333  1.00 17.73 ? 116 TYR A OH  1 
ATOM   917  N  N   . GLN A 1 116 ? 1.157   -2.326  14.232  1.00 13.18 ? 117 GLN A N   1 
ATOM   918  C  CA  . GLN A 1 116 ? 0.328   -1.612  15.223  1.00 14.05 ? 117 GLN A CA  1 
ATOM   919  C  C   . GLN A 1 116 ? -0.854  -0.919  14.573  1.00 13.77 ? 117 GLN A C   1 
ATOM   920  O  O   . GLN A 1 116 ? -0.762  -0.434  13.453  1.00 13.17 ? 117 GLN A O   1 
ATOM   921  C  CB  . GLN A 1 116 ? 1.167   -0.583  15.976  1.00 15.08 ? 117 GLN A CB  1 
ATOM   922  C  CG  . GLN A 1 116 ? 2.197   -1.254  16.879  1.00 16.51 ? 117 GLN A CG  1 
ATOM   923  C  CD  . GLN A 1 116 ? 3.139   -0.260  17.476  1.00 19.68 ? 117 GLN A CD  1 
ATOM   924  O  OE1 . GLN A 1 116 ? 2.976   0.162   18.635  1.00 22.87 ? 117 GLN A OE1 1 
ATOM   925  N  NE2 . GLN A 1 116 ? 4.096   0.160   16.694  1.00 17.44 ? 117 GLN A NE2 1 
ATOM   926  N  N   . ASN A 1 117 ? -1.993  -0.904  15.260  1.00 13.65 ? 118 ASN A N   1 
ATOM   927  C  CA  . ASN A 1 117 ? -3.112  -0.111  14.743  1.00 14.16 ? 118 ASN A CA  1 
ATOM   928  C  C   . ASN A 1 117 ? -3.031  1.344   15.263  1.00 13.59 ? 118 ASN A C   1 
ATOM   929  O  O   . ASN A 1 117 ? -2.019  1.729   15.852  1.00 13.66 ? 118 ASN A O   1 
ATOM   930  C  CB  . ASN A 1 117 ? -4.460  -0.797  15.030  1.00 14.63 ? 118 ASN A CB  1 
ATOM   931  C  CG  . ASN A 1 117 ? -4.868  -0.727  16.486  1.00 15.06 ? 118 ASN A CG  1 
ATOM   932  O  OD1 . ASN A 1 117 ? -4.181  -0.115  17.301  1.00 15.27 ? 118 ASN A OD1 1 
ATOM   933  N  ND2 . ASN A 1 117 ? -6.028  -1.351  16.827  1.00 15.95 ? 118 ASN A ND2 1 
ATOM   934  N  N   . ARG A 1 118 ? -4.057  2.158   15.041  1.00 14.96 ? 119 ARG A N   1 
ATOM   935  C  CA  . ARG A 1 118 ? -3.933  3.602   15.331  1.00 15.78 ? 119 ARG A CA  1 
ATOM   936  C  C   . ARG A 1 118 ? -3.868  3.882   16.826  1.00 16.22 ? 119 ARG A C   1 
ATOM   937  O  O   . ARG A 1 118 ? -3.529  5.002   17.247  1.00 16.37 ? 119 ARG A O   1 
ATOM   938  C  CB  . ARG A 1 118 ? -5.076  4.395   14.694  1.00 16.30 ? 119 ARG A CB  1 
ATOM   939  C  CG  . ARG A 1 118 ? -6.454  4.088   15.308  1.00 16.50 ? 119 ARG A CG  1 
ATOM   940  C  CD  . ARG A 1 118 ? -7.443  5.237   15.061  1.00 18.05 ? 119 ARG A CD  1 
ATOM   941  N  NE  . ARG A 1 118 ? -7.620  5.486   13.629  1.00 17.00 ? 119 ARG A NE  1 
ATOM   942  C  CZ  . ARG A 1 118 ? -8.206  6.565   13.108  1.00 19.10 ? 119 ARG A CZ  1 
ATOM   943  N  NH1 . ARG A 1 118 ? -8.279  6.682   11.797  1.00 19.63 ? 119 ARG A NH1 1 
ATOM   944  N  NH2 . ARG A 1 118 ? -8.740  7.518   13.889  1.00 20.23 ? 119 ARG A NH2 1 
ATOM   945  N  N   . PHE A 1 119 ? -4.197  2.870   17.623  1.00 17.58 ? 120 PHE A N   1 
ATOM   946  C  CA  . PHE A 1 119 ? -4.143  2.978   19.081  1.00 17.88 ? 120 PHE A CA  1 
ATOM   947  C  C   . PHE A 1 119 ? -2.893  2.334   19.654  1.00 18.36 ? 120 PHE A C   1 
ATOM   948  O  O   . PHE A 1 119 ? -2.799  2.114   20.866  1.00 18.76 ? 120 PHE A O   1 
ATOM   949  C  CB  . PHE A 1 119 ? -5.403  2.344   19.702  1.00 19.45 ? 120 PHE A CB  1 
ATOM   950  C  CG  . PHE A 1 119 ? -6.685  2.939   19.198  1.00 22.06 ? 120 PHE A CG  1 
ATOM   951  C  CD1 . PHE A 1 119 ? -7.630  2.139   18.570  1.00 24.21 ? 120 PHE A CD1 1 
ATOM   952  C  CD2 . PHE A 1 119 ? -6.936  4.296   19.339  1.00 24.12 ? 120 PHE A CD2 1 
ATOM   953  C  CE1 . PHE A 1 119 ? -8.817  2.693   18.095  1.00 25.14 ? 120 PHE A CE1 1 
ATOM   954  C  CE2 . PHE A 1 119 ? -8.123  4.854   18.868  1.00 25.51 ? 120 PHE A CE2 1 
ATOM   955  C  CZ  . PHE A 1 119 ? -9.058  4.046   18.245  1.00 25.70 ? 120 PHE A CZ  1 
ATOM   956  N  N   . ALA A 1 120 ? -1.928  2.028   18.785  1.00 17.14 ? 121 ALA A N   1 
ATOM   957  C  CA  . ALA A 1 120 ? -0.652  1.425   19.165  1.00 17.23 ? 121 ALA A CA  1 
ATOM   958  C  C   . ALA A 1 120 ? -0.763  -0.039  19.585  1.00 16.43 ? 121 ALA A C   1 
ATOM   959  O  O   . ALA A 1 120 ? 0.203   -0.604  20.054  1.00 18.20 ? 121 ALA A O   1 
ATOM   960  C  CB  . ALA A 1 120 ? 0.065   2.257   20.240  1.00 17.89 ? 121 ALA A CB  1 
ATOM   961  N  N   . GLU A 1 121 ? -1.932  -0.647  19.388  1.00 16.12 ? 122 GLU A N   1 
ATOM   962  C  CA  . GLU A 1 121 ? -2.141  -2.060  19.762  1.00 15.88 ? 122 GLU A CA  1 
ATOM   963  C  C   . GLU A 1 121 ? -1.417  -2.937  18.764  1.00 15.77 ? 122 GLU A C   1 
ATOM   964  O  O   . GLU A 1 121 ? -1.577  -2.742  17.558  1.00 15.68 ? 122 GLU A O   1 
ATOM   965  C  CB  . GLU A 1 121 ? -3.642  -2.414  19.730  1.00 17.26 ? 122 GLU A CB  1 
ATOM   966  C  CG  . GLU A 1 121 ? -4.492  -1.638  20.731  1.00 19.54 ? 122 GLU A CG  1 
ATOM   967  C  CD  . GLU A 1 121 ? -5.986  -1.756  20.472  1.00 22.26 ? 122 GLU A CD  1 
ATOM   968  O  OE1 . GLU A 1 121 ? -6.438  -2.380  19.469  1.00 21.43 ? 122 GLU A OE1 1 
ATOM   969  O  OE2 . GLU A 1 121 ? -6.744  -1.176  21.278  1.00 26.50 ? 122 GLU A OE2 1 
ATOM   970  N  N   . VAL A 1 122 ? -0.632  -3.895  19.258  1.00 15.32 ? 123 VAL A N   1 
ATOM   971  C  CA  . VAL A 1 122 ? 0.116   -4.826  18.400  1.00 15.33 ? 123 VAL A CA  1 
ATOM   972  C  C   . VAL A 1 122 ? -0.800  -5.917  17.878  1.00 15.41 ? 123 VAL A C   1 
ATOM   973  O  O   . VAL A 1 122 ? -1.572  -6.512  18.646  1.00 15.38 ? 123 VAL A O   1 
ATOM   974  C  CB  . VAL A 1 122 ? 1.271   -5.490  19.172  1.00 15.72 ? 123 VAL A CB  1 
ATOM   975  C  CG1 . VAL A 1 122 ? 1.962   -6.546  18.316  1.00 16.31 ? 123 VAL A CG1 1 
ATOM   976  C  CG2 . VAL A 1 122 ? 2.256   -4.423  19.639  1.00 17.55 ? 123 VAL A CG2 1 
ATOM   977  N  N   . LYS A 1 123 ? -0.688  -6.189  16.572  1.00 14.23 ? 124 LYS A N   1 
ATOM   978  C  CA  . LYS A 1 123 ? -1.518  -7.171  15.877  1.00 13.18 ? 124 LYS A CA  1 
ATOM   979  C  C   . LYS A 1 123 ? -0.637  -8.110  15.086  1.00 13.49 ? 124 LYS A C   1 
ATOM   980  O  O   . LYS A 1 123 ? 0.455   -7.741  14.644  1.00 13.83 ? 124 LYS A O   1 
ATOM   981  C  CB  . LYS A 1 123 ? -2.430  -6.478  14.826  1.00 13.08 ? 124 LYS A CB  1 
ATOM   982  C  CG  . LYS A 1 123 ? -3.264  -5.308  15.334  1.00 13.72 ? 124 LYS A CG  1 
ATOM   983  C  CD  . LYS A 1 123 ? -4.192  -5.739  16.455  1.00 13.84 ? 124 LYS A CD  1 
ATOM   984  C  CE  . LYS A 1 123 ? -4.901  -4.515  16.989  1.00 15.91 ? 124 LYS A CE  1 
ATOM   985  N  NZ  . LYS A 1 123 ? -5.685  -4.874  18.209  1.00 15.15 ? 124 LYS A NZ  1 
ATOM   986  N  N   . VAL A 1 124 ? -1.108  -9.328  14.925  1.00 13.71 ? 125 VAL A N   1 
ATOM   987  C  CA  . VAL A 1 124 ? -0.511  -10.287 13.993  1.00 14.45 ? 125 VAL A CA  1 
ATOM   988  C  C   . VAL A 1 124 ? -1.605  -10.639 13.005  1.00 14.61 ? 125 VAL A C   1 
ATOM   989  O  O   . VAL A 1 124 ? -2.730  -10.983 13.407  1.00 15.60 ? 125 VAL A O   1 
ATOM   990  C  CB  . VAL A 1 124 ? 0.002   -11.545 14.708  1.00 15.02 ? 125 VAL A CB  1 
ATOM   991  C  CG1 . VAL A 1 124 ? 0.467   -12.583 13.674  1.00 17.05 ? 125 VAL A CG1 1 
ATOM   992  C  CG2 . VAL A 1 124 ? 1.142   -11.145 15.645  1.00 15.92 ? 125 VAL A CG2 1 
ATOM   993  N  N   . LEU A 1 125 ? -1.284  -10.545 11.710  1.00 14.30 ? 126 LEU A N   1 
ATOM   994  C  CA  . LEU A 1 125 ? -2.278  -10.825 10.669  1.00 14.79 ? 126 LEU A CA  1 
ATOM   995  C  C   . LEU A 1 125 ? -1.722  -11.772 9.617   1.00 14.63 ? 126 LEU A C   1 
ATOM   996  O  O   . LEU A 1 125 ? -0.630  -11.530 9.059   1.00 14.33 ? 126 LEU A O   1 
ATOM   997  C  CB  . LEU A 1 125 ? -2.716  -9.525  9.988   1.00 14.84 ? 126 LEU A CB  1 
ATOM   998  C  CG  . LEU A 1 125 ? -3.723  -9.631  8.830   1.00 15.97 ? 126 LEU A CG  1 
ATOM   999  C  CD1 . LEU A 1 125 ? -5.063  -10.178 9.327   1.00 16.36 ? 126 LEU A CD1 1 
ATOM   1000 C  CD2 . LEU A 1 125 ? -3.913  -8.218  8.289   1.00 17.05 ? 126 LEU A CD2 1 
ATOM   1001 N  N   . GLU A 1 126 ? -2.465  -12.840 9.337   1.00 15.35 ? 127 GLU A N   1 
ATOM   1002 C  CA  . GLU A 1 126 ? -2.115  -13.726 8.207   1.00 17.25 ? 127 GLU A CA  1 
ATOM   1003 C  C   . GLU A 1 126 ? -2.993  -13.331 7.034   1.00 16.39 ? 127 GLU A C   1 
ATOM   1004 O  O   . GLU A 1 126 ? -4.143  -12.978 7.226   1.00 17.83 ? 127 GLU A O   1 
ATOM   1005 C  CB  . GLU A 1 126 ? -2.414  -15.182 8.538   1.00 22.02 ? 127 GLU A CB  1 
ATOM   1006 C  CG  . GLU A 1 126 ? -1.565  -15.747 9.651   1.00 29.11 ? 127 GLU A CG  1 
ATOM   1007 C  CD  . GLU A 1 126 ? -1.796  -17.239 9.896   1.00 36.52 ? 127 GLU A CD  1 
ATOM   1008 O  OE1 . GLU A 1 126 ? -2.901  -17.634 10.348  1.00 40.25 ? 127 GLU A OE1 1 
ATOM   1009 O  OE2 . GLU A 1 126 ? -0.857  -18.026 9.642   1.00 41.54 ? 127 GLU A OE2 1 
ATOM   1010 N  N   . ALA A 1 127 ? -2.438  -13.365 5.824   1.00 16.11 ? 128 ALA A N   1 
ATOM   1011 C  CA  . ALA A 1 127 ? -3.178  -12.950 4.649   1.00 15.75 ? 128 ALA A CA  1 
ATOM   1012 C  C   . ALA A 1 127 ? -2.780  -13.784 3.456   1.00 16.19 ? 128 ALA A C   1 
ATOM   1013 O  O   . ALA A 1 127 ? -1.629  -14.241 3.346   1.00 16.17 ? 128 ALA A O   1 
ATOM   1014 C  CB  . ALA A 1 127 ? -2.899  -11.485 4.329   1.00 15.57 ? 128 ALA A CB  1 
ATOM   1015 N  N   . SER A 1 128 ? -3.728  -13.925 2.534   1.00 17.48 ? 129 SER A N   1 
ATOM   1016 C  CA  . SER A 1 128 ? -3.465  -14.637 1.281   1.00 18.14 ? 129 SER A CA  1 
ATOM   1017 C  C   . SER A 1 128 ? -4.196  -13.930 0.163   1.00 19.02 ? 129 SER A C   1 
ATOM   1018 O  O   . SER A 1 128 ? -4.975  -13.018 0.409   1.00 18.47 ? 129 SER A O   1 
ATOM   1019 C  CB  . SER A 1 128 ? -3.905  -16.095 1.365   1.00 21.26 ? 129 SER A CB  1 
ATOM   1020 O  OG  . SER A 1 128 ? -5.284  -16.153 1.618   1.00 24.17 ? 129 SER A OG  1 
ATOM   1021 N  N   . GLU A 1 129 ? -3.900  -14.312 -1.069  1.00 21.17 ? 130 GLU A N   1 
ATOM   1022 C  CA  . GLU A 1 129 ? -4.619  -13.757 -2.232  1.00 22.53 ? 130 GLU A CA  1 
ATOM   1023 C  C   . GLU A 1 129 ? -4.512  -12.218 -2.283  1.00 19.49 ? 130 GLU A C   1 
ATOM   1024 O  O   . GLU A 1 129 ? -3.436  -11.653 -2.039  1.00 18.76 ? 130 GLU A O   1 
ATOM   1025 C  CB  . GLU A 1 129 ? -6.093  -14.208 -2.253  1.00 28.32 ? 130 GLU A CB  1 
ATOM   1026 C  CG  . GLU A 1 129 ? -6.333  -15.709 -2.087  1.00 35.95 ? 130 GLU A CG  1 
ATOM   1027 C  CD  . GLU A 1 129 ? -7.816  -16.084 -2.083  1.00 43.23 ? 130 GLU A CD  1 
ATOM   1028 O  OE1 . GLU A 1 129 ? -8.620  -15.413 -2.773  1.00 46.90 ? 130 GLU A OE1 1 
ATOM   1029 O  OE2 . GLU A 1 129 ? -8.194  -17.059 -1.391  1.00 49.75 ? 130 GLU A OE2 1 
ATOM   1030 N  N   . LEU A 1 130 ? -5.607  -11.550 -2.620  1.00 19.02 ? 131 LEU A N   1 
ATOM   1031 C  CA  . LEU A 1 130 ? -5.587  -10.092 -2.810  1.00 18.64 ? 131 LEU A CA  1 
ATOM   1032 C  C   . LEU A 1 130 ? -5.105  -9.354  -1.564  1.00 17.85 ? 131 LEU A C   1 
ATOM   1033 O  O   . LEU A 1 130 ? -4.365  -8.367  -1.667  1.00 16.80 ? 131 LEU A O   1 
ATOM   1034 C  CB  . LEU A 1 130 ? -6.967  -9.592  -3.182  1.00 18.98 ? 131 LEU A CB  1 
ATOM   1035 C  CG  . LEU A 1 130 ? -7.056  -8.082  -3.400  1.00 19.77 ? 131 LEU A CG  1 
ATOM   1036 C  CD1 . LEU A 1 130 ? -6.017  -7.588  -4.393  1.00 20.03 ? 131 LEU A CD1 1 
ATOM   1037 C  CD2 . LEU A 1 130 ? -8.484  -7.760  -3.837  1.00 21.55 ? 131 LEU A CD2 1 
ATOM   1038 N  N   . LEU A 1 131 ? -5.545  -9.796  -0.390  1.00 16.62 ? 132 LEU A N   1 
ATOM   1039 C  CA  . LEU A 1 131 ? -5.126  -9.069  0.826   1.00 15.12 ? 132 LEU A CA  1 
ATOM   1040 C  C   . LEU A 1 131 ? -3.613  -9.158  0.992   1.00 15.15 ? 132 LEU A C   1 
ATOM   1041 O  O   . LEU A 1 131 ? -2.976  -8.153  1.311   1.00 15.01 ? 132 LEU A O   1 
ATOM   1042 C  CB  . LEU A 1 131 ? -5.864  -9.549  2.077   1.00 15.29 ? 132 LEU A CB  1 
ATOM   1043 C  CG  . LEU A 1 131 ? -5.440  -8.868  3.374   1.00 14.91 ? 132 LEU A CG  1 
ATOM   1044 C  CD1 . LEU A 1 131 ? -5.795  -7.402  3.303   1.00 14.72 ? 132 LEU A CD1 1 
ATOM   1045 C  CD2 . LEU A 1 131 ? -6.244  -9.512  4.499   1.00 14.77 ? 132 LEU A CD2 1 
ATOM   1046 N  N   . ALA A 1 132 ? -3.029  -10.343 0.761   1.00 14.47 ? 133 ALA A N   1 
ATOM   1047 C  CA  . ALA A 1 132 ? -1.577  -10.503 0.811   1.00 14.07 ? 133 ALA A CA  1 
ATOM   1048 C  C   . ALA A 1 132 ? -0.862  -9.642  -0.223  1.00 14.34 ? 133 ALA A C   1 
ATOM   1049 O  O   . ALA A 1 132 ? 0.182   -9.071  0.067   1.00 14.34 ? 133 ALA A O   1 
ATOM   1050 C  CB  . ALA A 1 132 ? -1.191  -11.953 0.599   1.00 15.42 ? 133 ALA A CB  1 
ATOM   1051 N  N   . VAL A 1 133 ? -1.419  -9.545  -1.425  1.00 14.76 ? 134 VAL A N   1 
ATOM   1052 C  CA  . VAL A 1 133 ? -0.812  -8.726  -2.487  1.00 15.27 ? 134 VAL A CA  1 
ATOM   1053 C  C   . VAL A 1 133 ? -0.863  -7.248  -2.099  1.00 13.80 ? 134 VAL A C   1 
ATOM   1054 O  O   . VAL A 1 133 ? 0.121   -6.525  -2.257  1.00 14.10 ? 134 VAL A O   1 
ATOM   1055 C  CB  . VAL A 1 133 ? -1.528  -8.945  -3.840  1.00 16.71 ? 134 VAL A CB  1 
ATOM   1056 C  CG1 . VAL A 1 133 ? -0.981  -7.994  -4.890  1.00 17.43 ? 134 VAL A CG1 1 
ATOM   1057 C  CG2 . VAL A 1 133 ? -1.335  -10.393 -4.272  1.00 18.33 ? 134 VAL A CG2 1 
ATOM   1058 N  N   . ALA A 1 134 ? -2.011  -6.813  -1.601  1.00 13.34 ? 135 ALA A N   1 
ATOM   1059 C  CA  . ALA A 1 134 ? -2.173  -5.414  -1.184  1.00 14.43 ? 135 ALA A CA  1 
ATOM   1060 C  C   . ALA A 1 134 ? -1.181  -5.073  -0.075  1.00 13.80 ? 135 ALA A C   1 
ATOM   1061 O  O   . ALA A 1 134 ? -0.525  -4.038  -0.123  1.00 14.41 ? 135 ALA A O   1 
ATOM   1062 C  CB  . ALA A 1 134 ? -3.607  -5.137  -0.734  1.00 14.74 ? 135 ALA A CB  1 
ATOM   1063 N  N   . ILE A 1 135 ? -1.035  -5.960  0.904   1.00 13.88 ? 136 ILE A N   1 
ATOM   1064 C  CA  . ILE A 1 135 ? -0.063  -5.750  1.989   1.00 13.69 ? 136 ILE A CA  1 
ATOM   1065 C  C   . ILE A 1 135 ? 1.339   -5.563  1.406   1.00 13.42 ? 136 ILE A C   1 
ATOM   1066 O  O   . ILE A 1 135 ? 2.072   -4.640  1.779   1.00 13.69 ? 136 ILE A O   1 
ATOM   1067 C  CB  . ILE A 1 135 ? -0.113  -6.895  3.027   1.00 14.53 ? 136 ILE A CB  1 
ATOM   1068 C  CG1 . ILE A 1 135 ? -1.400  -6.766  3.853   1.00 15.48 ? 136 ILE A CG1 1 
ATOM   1069 C  CG2 . ILE A 1 135 ? 1.128   -6.877  3.928   1.00 14.78 ? 136 ILE A CG2 1 
ATOM   1070 C  CD1 . ILE A 1 135 ? -1.734  -8.035  4.621   1.00 16.33 ? 136 ILE A CD1 1 
ATOM   1071 N  N   . GLN A 1 136 ? 1.701   -6.408  0.442   1.00 12.63 ? 137 GLN A N   1 
ATOM   1072 C  CA  . GLN A 1 136 ? 3.044   -6.351  -0.110  1.00 12.60 ? 137 GLN A CA  1 
ATOM   1073 C  C   . GLN A 1 136 ? 3.253   -5.103  -0.953  1.00 12.29 ? 137 GLN A C   1 
ATOM   1074 O  O   . GLN A 1 136 ? 4.320   -4.498  -0.890  1.00 12.70 ? 137 GLN A O   1 
ATOM   1075 C  CB  . GLN A 1 136 ? 3.280   -7.589  -0.974  1.00 13.33 ? 137 GLN A CB  1 
ATOM   1076 C  CG  . GLN A 1 136 ? 3.421   -8.830  -0.120  1.00 13.32 ? 137 GLN A CG  1 
ATOM   1077 C  CD  . GLN A 1 136 ? 3.431   -10.078 -0.991  1.00 14.00 ? 137 GLN A CD  1 
ATOM   1078 O  OE1 . GLN A 1 136 ? 4.425   -10.339 -1.654  1.00 14.31 ? 137 GLN A OE1 1 
ATOM   1079 N  NE2 . GLN A 1 136 ? 2.326   -10.817 -1.011  1.00 14.22 ? 137 GLN A NE2 1 
ATOM   1080 N  N   . HIS A 1 137 ? 2.253   -4.737  -1.748  1.00 11.83 ? 138 HIS A N   1 
ATOM   1081 C  CA  . HIS A 1 137 ? 2.322   -3.520  -2.529  1.00 13.00 ? 138 HIS A CA  1 
ATOM   1082 C  C   . HIS A 1 137 ? 2.527   -2.316  -1.621  1.00 12.65 ? 138 HIS A C   1 
ATOM   1083 O  O   . HIS A 1 137 ? 3.401   -1.464  -1.860  1.00 12.41 ? 138 HIS A O   1 
ATOM   1084 C  CB  . HIS A 1 137 ? 1.040   -3.421  -3.343  1.00 13.06 ? 138 HIS A CB  1 
ATOM   1085 C  CG  . HIS A 1 137 ? 0.945   -2.206  -4.202  1.00 14.05 ? 138 HIS A CG  1 
ATOM   1086 N  ND1 . HIS A 1 137 ? 0.952   -2.286  -5.554  1.00 14.16 ? 138 HIS A ND1 1 
ATOM   1087 C  CD2 . HIS A 1 137 ? 0.765   -0.865  -3.884  1.00 14.50 ? 138 HIS A CD2 1 
ATOM   1088 C  CE1 . HIS A 1 137 ? 0.819   -1.056  -6.073  1.00 14.72 ? 138 HIS A CE1 1 
ATOM   1089 N  NE2 . HIS A 1 137 ? 0.717   -0.180  -5.063  1.00 14.09 ? 138 HIS A NE2 1 
ATOM   1090 N  N   . GLU A 1 138 ? 1.742   -2.219  -0.560  1.00 12.96 ? 139 GLU A N   1 
ATOM   1091 C  CA  . GLU A 1 138 ? 1.860   -1.031  0.308   1.00 13.29 ? 139 GLU A CA  1 
ATOM   1092 C  C   . GLU A 1 138 ? 3.154   -1.021  1.090   1.00 12.93 ? 139 GLU A C   1 
ATOM   1093 O  O   . GLU A 1 138 ? 3.744   0.043   1.275   1.00 12.43 ? 139 GLU A O   1 
ATOM   1094 C  CB  . GLU A 1 138 ? 0.691   -0.939  1.294   1.00 14.94 ? 139 GLU A CB  1 
ATOM   1095 C  CG  . GLU A 1 138 ? -0.685  -0.960  0.636   1.00 16.63 ? 139 GLU A CG  1 
ATOM   1096 C  CD  . GLU A 1 138 ? -0.927  0.158   -0.326  1.00 19.53 ? 139 GLU A CD  1 
ATOM   1097 O  OE1 . GLU A 1 138 ? -0.177  1.152   -0.285  1.00 21.32 ? 139 GLU A OE1 1 
ATOM   1098 O  OE2 . GLU A 1 138 ? -1.881  0.047   -1.147  1.00 20.38 ? 139 GLU A OE2 1 
ATOM   1099 N  N   . ILE A 1 139 ? 3.609   -2.190  1.556   1.00 12.41 ? 140 ILE A N   1 
ATOM   1100 C  CA  . ILE A 1 139 ? 4.874   -2.223  2.314   1.00 13.04 ? 140 ILE A CA  1 
ATOM   1101 C  C   . ILE A 1 139 ? 6.010   -1.832  1.389   1.00 12.85 ? 140 ILE A C   1 
ATOM   1102 O  O   . ILE A 1 139 ? 6.927   -1.108  1.788   1.00 13.56 ? 140 ILE A O   1 
ATOM   1103 C  CB  . ILE A 1 139 ? 5.110   -3.564  3.037   1.00 12.89 ? 140 ILE A CB  1 
ATOM   1104 C  CG1 . ILE A 1 139 ? 4.094   -3.686  4.179   1.00 14.40 ? 140 ILE A CG1 1 
ATOM   1105 C  CG2 . ILE A 1 139 ? 6.549   -3.663  3.591   1.00 14.22 ? 140 ILE A CG2 1 
ATOM   1106 C  CD1 . ILE A 1 139 ? 4.116   -5.010  4.949   1.00 15.76 ? 140 ILE A CD1 1 
ATOM   1107 N  N   . ASP A 1 140 ? 5.950   -2.285  0.142   1.00 13.79 ? 141 ASP A N   1 
ATOM   1108 C  CA  . ASP A 1 140 ? 6.965   -1.861  -0.837  1.00 13.27 ? 141 ASP A CA  1 
ATOM   1109 C  C   . ASP A 1 140 ? 7.056   -0.336  -0.908  1.00 12.87 ? 141 ASP A C   1 
ATOM   1110 O  O   . ASP A 1 140 ? 8.150   0.199   -0.946  1.00 12.14 ? 141 ASP A O   1 
ATOM   1111 C  CB  . ASP A 1 140 ? 6.693   -2.403  -2.240  1.00 14.61 ? 141 ASP A CB  1 
ATOM   1112 C  CG  . ASP A 1 140 ? 7.294   -3.804  -2.475  1.00 17.56 ? 141 ASP A CG  1 
ATOM   1113 O  OD1 . ASP A 1 140 ? 8.030   -4.334  -1.605  1.00 21.74 ? 141 ASP A OD1 1 
ATOM   1114 O  OD2 . ASP A 1 140 ? 7.041   -4.392  -3.560  1.00 18.30 ? 141 ASP A OD2 1 
ATOM   1115 N  N   . HIS A 1 141 ? 5.913   0.355   -0.957  1.00 12.20 ? 142 HIS A N   1 
ATOM   1116 C  CA  . HIS A 1 141 ? 5.946   1.829   -0.932  1.00 12.54 ? 142 HIS A CA  1 
ATOM   1117 C  C   . HIS A 1 141 ? 6.704   2.367   0.258   1.00 12.11 ? 142 HIS A C   1 
ATOM   1118 O  O   . HIS A 1 141 ? 7.379   3.379   0.133   1.00 11.91 ? 142 HIS A O   1 
ATOM   1119 C  CB  . HIS A 1 141 ? 4.552   2.437   -0.876  1.00 12.94 ? 142 HIS A CB  1 
ATOM   1120 C  CG  . HIS A 1 141 ? 3.861   2.503   -2.207  1.00 12.55 ? 142 HIS A CG  1 
ATOM   1121 N  ND1 . HIS A 1 141 ? 4.367   3.185   -3.259  1.00 13.30 ? 142 HIS A ND1 1 
ATOM   1122 C  CD2 . HIS A 1 141 ? 2.629   2.000   -2.607  1.00 13.06 ? 142 HIS A CD2 1 
ATOM   1123 C  CE1 . HIS A 1 141 ? 3.506   3.084   -4.302  1.00 12.57 ? 142 HIS A CE1 1 
ATOM   1124 N  NE2 . HIS A 1 141 ? 2.453   2.350   -3.898  1.00 12.22 ? 142 HIS A NE2 1 
ATOM   1125 N  N   . LEU A 1 142 ? 6.564   1.736   1.430   1.00 12.55 ? 143 LEU A N   1 
ATOM   1126 C  CA  . LEU A 1 142 ? 7.271   2.250   2.615   1.00 12.84 ? 143 LEU A CA  1 
ATOM   1127 C  C   . LEU A 1 142 ? 8.776   2.151   2.449   1.00 12.80 ? 143 LEU A C   1 
ATOM   1128 O  O   . LEU A 1 142 ? 9.516   2.840   3.156   1.00 12.80 ? 143 LEU A O   1 
ATOM   1129 C  CB  . LEU A 1 142 ? 6.922   1.432   3.881   1.00 13.43 ? 143 LEU A CB  1 
ATOM   1130 C  CG  . LEU A 1 142 ? 5.456   1.291   4.298   1.00 15.88 ? 143 LEU A CG  1 
ATOM   1131 C  CD1 . LEU A 1 142 ? 5.284   0.772   5.723   1.00 15.05 ? 143 LEU A CD1 1 
ATOM   1132 C  CD2 . LEU A 1 142 ? 4.496   2.400   3.926   1.00 16.51 ? 143 LEU A CD2 1 
ATOM   1133 N  N   . ASN A 1 143 ? 9.202   1.257   1.555   1.00 12.99 ? 144 ASN A N   1 
ATOM   1134 C  CA  . ASN A 1 143 ? 10.614  1.055   1.270   1.00 13.42 ? 144 ASN A CA  1 
ATOM   1135 C  C   . ASN A 1 143 ? 11.081  1.703   -0.022  1.00 13.17 ? 144 ASN A C   1 
ATOM   1136 O  O   . ASN A 1 143 ? 12.184  1.392   -0.501  1.00 14.79 ? 144 ASN A O   1 
ATOM   1137 C  CB  . ASN A 1 143 ? 10.952  -0.444  1.295   1.00 14.17 ? 144 ASN A CB  1 
ATOM   1138 C  CG  . ASN A 1 143 ? 10.767  -1.051  2.666   1.00 14.48 ? 144 ASN A CG  1 
ATOM   1139 O  OD1 . ASN A 1 143 ? 10.914  -0.364  3.674   1.00 14.79 ? 144 ASN A OD1 1 
ATOM   1140 N  ND2 . ASN A 1 143 ? 10.395  -2.322  2.717   1.00 15.27 ? 144 ASN A ND2 1 
ATOM   1141 N  N   . GLY A 1 144 ? 10.276  2.600   -0.581  1.00 13.23 ? 145 GLY A N   1 
ATOM   1142 C  CA  . GLY A 1 144 ? 10.704  3.329   -1.782  1.00 13.86 ? 145 GLY A CA  1 
ATOM   1143 C  C   . GLY A 1 144 ? 10.563  2.531   -3.057  1.00 13.74 ? 145 GLY A C   1 
ATOM   1144 O  O   . GLY A 1 144 ? 11.142  2.907   -4.084  1.00 13.98 ? 145 GLY A O   1 
ATOM   1145 N  N   . VAL A 1 145 ? 9.775   1.454   -3.016  1.00 14.03 ? 146 VAL A N   1 
ATOM   1146 C  CA  . VAL A 1 145 ? 9.635   0.539   -4.174  1.00 14.38 ? 146 VAL A CA  1 
ATOM   1147 C  C   . VAL A 1 145 ? 8.252   0.661   -4.810  1.00 15.31 ? 146 VAL A C   1 
ATOM   1148 O  O   . VAL A 1 145 ? 7.241   0.689   -4.094  1.00 15.98 ? 146 VAL A O   1 
ATOM   1149 C  CB  . VAL A 1 145 ? 9.900   -0.928  -3.766  1.00 14.28 ? 146 VAL A CB  1 
ATOM   1150 C  CG1 . VAL A 1 145 ? 9.608   -1.898  -4.922  1.00 15.22 ? 146 VAL A CG1 1 
ATOM   1151 C  CG2 . VAL A 1 145 ? 11.335  -1.077  -3.277  1.00 15.06 ? 146 VAL A CG2 1 
ATOM   1152 N  N   . LEU A 1 146 ? 8.229   0.715   -6.149  1.00 15.52 ? 147 LEU A N   1 
ATOM   1153 C  CA  . LEU A 1 146 ? 7.012   0.745   -6.968  1.00 15.42 ? 147 LEU A CA  1 
ATOM   1154 C  C   . LEU A 1 146 ? 6.903   -0.575  -7.703  1.00 15.92 ? 147 LEU A C   1 
ATOM   1155 O  O   . LEU A 1 146 ? 7.917   -1.232  -7.977  1.00 15.34 ? 147 LEU A O   1 
ATOM   1156 C  CB  . LEU A 1 146 ? 7.099   1.877   -8.012  1.00 15.64 ? 147 LEU A CB  1 
ATOM   1157 C  CG  . LEU A 1 146 ? 7.291   3.270   -7.415  1.00 15.89 ? 147 LEU A CG  1 
ATOM   1158 C  CD1 . LEU A 1 146 ? 7.459   4.303   -8.523  1.00 17.62 ? 147 LEU A CD1 1 
ATOM   1159 C  CD2 . LEU A 1 146 ? 6.084   3.599   -6.545  1.00 16.07 ? 147 LEU A CD2 1 
ATOM   1160 N  N   . PHE A 1 147 ? 5.676   -0.982  -8.050  1.00 15.79 ? 148 PHE A N   1 
ATOM   1161 C  CA  . PHE A 1 147 ? 5.516   -2.323  -8.607  1.00 16.52 ? 148 PHE A CA  1 
ATOM   1162 C  C   . PHE A 1 147 ? 6.250   -2.431  -9.952  1.00 17.49 ? 148 PHE A C   1 
ATOM   1163 O  O   . PHE A 1 147 ? 6.668   -3.522  -10.341 1.00 18.09 ? 148 PHE A O   1 
ATOM   1164 C  CB  . PHE A 1 147 ? 4.028   -2.753  -8.731  1.00 17.58 ? 148 PHE A CB  1 
ATOM   1165 C  CG  . PHE A 1 147 ? 3.300   -2.140  -9.898  1.00 18.20 ? 148 PHE A CG  1 
ATOM   1166 C  CD1 . PHE A 1 147 ? 2.805   -0.837  -9.823  1.00 19.02 ? 148 PHE A CD1 1 
ATOM   1167 C  CD2 . PHE A 1 147 ? 3.116   -2.861  -11.078 1.00 20.09 ? 148 PHE A CD2 1 
ATOM   1168 C  CE1 . PHE A 1 147 ? 2.125   -0.266  -10.902 1.00 19.97 ? 148 PHE A CE1 1 
ATOM   1169 C  CE2 . PHE A 1 147 ? 2.442   -2.301  -12.154 1.00 19.25 ? 148 PHE A CE2 1 
ATOM   1170 C  CZ  . PHE A 1 147 ? 1.947   -1.008  -12.072 1.00 19.73 ? 148 PHE A CZ  1 
ATOM   1171 N  N   . VAL A 1 148 ? 6.403   -1.310  -10.648 1.00 17.91 ? 149 VAL A N   1 
ATOM   1172 C  CA  . VAL A 1 148 ? 7.113   -1.334  -11.938 1.00 18.26 ? 149 VAL A CA  1 
ATOM   1173 C  C   . VAL A 1 148 ? 8.574   -1.754  -11.795 1.00 19.41 ? 149 VAL A C   1 
ATOM   1174 O  O   . VAL A 1 148 ? 9.170   -2.262  -12.752 1.00 21.07 ? 149 VAL A O   1 
ATOM   1175 C  CB  . VAL A 1 148 ? 6.971   -0.025  -12.738 1.00 18.73 ? 149 VAL A CB  1 
ATOM   1176 C  CG1 . VAL A 1 148 ? 5.515   0.152   -13.162 1.00 19.26 ? 149 VAL A CG1 1 
ATOM   1177 C  CG2 . VAL A 1 148 ? 7.456   1.186   -11.928 1.00 20.17 ? 149 VAL A CG2 1 
ATOM   1178 N  N   . ASP A 1 149 ? 9.138   -1.577  -10.600 1.00 19.87 ? 150 ASP A N   1 
ATOM   1179 C  CA  . ASP A 1 149 ? 10.529  -1.986  -10.320 1.00 21.56 ? 150 ASP A CA  1 
ATOM   1180 C  C   . ASP A 1 149 ? 10.671  -3.508  -10.336 1.00 23.44 ? 150 ASP A C   1 
ATOM   1181 O  O   . ASP A 1 149 ? 11.781  -4.025  -10.450 1.00 24.54 ? 150 ASP A O   1 
ATOM   1182 C  CB  . ASP A 1 149 ? 10.980  -1.466  -8.932  1.00 21.31 ? 150 ASP A CB  1 
ATOM   1183 C  CG  . ASP A 1 149 ? 10.848  0.046   -8.781  1.00 23.29 ? 150 ASP A CG  1 
ATOM   1184 O  OD1 . ASP A 1 149 ? 10.738  0.534   -7.623  1.00 21.81 ? 150 ASP A OD1 1 
ATOM   1185 O  OD2 . ASP A 1 149 ? 10.875  0.772   -9.796  1.00 23.69 ? 150 ASP A OD2 1 
ATOM   1186 N  N   . LYS A 1 150 ? 9.549   -4.211  -10.183 1.00 23.63 ? 151 LYS A N   1 
ATOM   1187 C  CA  . LYS A 1 150 ? 9.554   -5.655  -10.029 1.00 26.85 ? 151 LYS A CA  1 
ATOM   1188 C  C   . LYS A 1 150 ? 9.299   -6.375  -11.352 1.00 28.51 ? 151 LYS A C   1 
ATOM   1189 O  O   . LYS A 1 150 ? 9.193   -7.602  -11.395 1.00 31.81 ? 151 LYS A O   1 
ATOM   1190 C  CB  . LYS A 1 150 ? 8.493   -6.078  -9.018  1.00 27.71 ? 151 LYS A CB  1 
ATOM   1191 C  CG  . LYS A 1 150 ? 8.566   -5.342  -7.688  1.00 31.26 ? 151 LYS A CG  1 
ATOM   1192 C  CD  . LYS A 1 150 ? 7.751   -6.070  -6.625  1.00 34.40 ? 151 LYS A CD  1 
ATOM   1193 C  CE  . LYS A 1 150 ? 8.580   -7.137  -5.905  1.00 36.40 ? 151 LYS A CE  1 
ATOM   1194 N  NZ  . LYS A 1 150 ? 9.308   -6.512  -4.753  1.00 40.23 ? 151 LYS A NZ  1 
ATOM   1195 N  N   . LEU A 1 151 ? 9.199   -5.618  -12.425 1.00 29.33 ? 152 LEU A N   1 
ATOM   1196 C  CA  . LEU A 1 151 ? 8.880   -6.209  -13.711 1.00 32.61 ? 152 LEU A CA  1 
ATOM   1197 C  C   . LEU A 1 151 ? 10.135  -6.699  -14.422 1.00 37.27 ? 152 LEU A C   1 
ATOM   1198 O  O   . LEU A 1 151 ? 11.232  -6.191  -14.196 1.00 35.88 ? 152 LEU A O   1 
ATOM   1199 C  CB  . LEU A 1 151 ? 8.141   -5.202  -14.581 1.00 31.60 ? 152 LEU A CB  1 
ATOM   1200 C  CG  . LEU A 1 151 ? 6.895   -4.597  -13.932 1.00 30.96 ? 152 LEU A CG  1 
ATOM   1201 C  CD1 . LEU A 1 151 ? 6.288   -3.607  -14.904 1.00 32.15 ? 152 LEU A CD1 1 
ATOM   1202 C  CD2 . LEU A 1 151 ? 5.887   -5.666  -13.535 1.00 32.45 ? 152 LEU A CD2 1 
ATOM   1203 N  N   . SER A 1 152 ? 9.943   -7.680  -15.299 1.00 45.28 ? 153 SER A N   1 
ATOM   1204 C  CA  . SER A 1 152 ? 11.026  -8.283  -16.046 1.00 49.34 ? 153 SER A CA  1 
ATOM   1205 C  C   . SER A 1 152 ? 11.603  -7.309  -17.063 1.00 54.11 ? 153 SER A C   1 
ATOM   1206 O  O   . SER A 1 152 ? 11.105  -6.191  -17.237 1.00 50.24 ? 153 SER A O   1 
ATOM   1207 C  CB  . SER A 1 152 ? 10.535  -9.557  -16.749 1.00 53.05 ? 153 SER A CB  1 
ATOM   1208 O  OG  . SER A 1 152 ? 9.434   -9.287  -17.602 1.00 55.31 ? 153 SER A OG  1 
ATOM   1209 N  N   . ILE A 1 153 ? 12.680  -7.751  -17.703 1.00 59.40 ? 154 ILE A N   1 
ATOM   1210 C  CA  . ILE A 1 153 ? 13.265  -7.103  -18.868 1.00 63.79 ? 154 ILE A CA  1 
ATOM   1211 C  C   . ILE A 1 153 ? 12.168  -6.698  -19.853 1.00 65.41 ? 154 ILE A C   1 
ATOM   1212 O  O   . ILE A 1 153 ? 12.021  -5.515  -20.181 1.00 65.50 ? 154 ILE A O   1 
ATOM   1213 C  CB  . ILE A 1 153 ? 14.249  -8.064  -19.585 1.00 65.77 ? 154 ILE A CB  1 
ATOM   1214 C  CG1 . ILE A 1 153 ? 15.094  -8.864  -18.575 1.00 68.46 ? 154 ILE A CG1 1 
ATOM   1215 C  CG2 . ILE A 1 153 ? 15.126  -7.305  -20.572 1.00 66.81 ? 154 ILE A CG2 1 
ATOM   1216 C  CD1 . ILE A 1 153 ? 14.504  -10.204 -18.164 1.00 67.85 ? 154 ILE A CD1 1 
ATOM   1217 N  N   . LEU A 1 154 ? 11.399  -7.692  -20.304 1.00 65.81 ? 155 LEU A N   1 
ATOM   1218 C  CA  . LEU A 1 154 ? 10.329  -7.494  -21.286 1.00 66.79 ? 155 LEU A CA  1 
ATOM   1219 C  C   . LEU A 1 154 ? 9.250   -6.531  -20.787 1.00 65.06 ? 155 LEU A C   1 
ATOM   1220 O  O   . LEU A 1 154 ? 8.995   -5.503  -21.417 1.00 66.92 ? 155 LEU A O   1 
ATOM   1221 C  CB  . LEU A 1 154 ? 9.706   -8.841  -21.693 1.00 67.23 ? 155 LEU A CB  1 
ATOM   1222 C  CG  . LEU A 1 154 ? 8.367   -8.851  -22.449 1.00 68.37 ? 155 LEU A CG  1 
ATOM   1223 C  CD1 . LEU A 1 154 ? 8.486   -8.263  -23.851 1.00 67.21 ? 155 LEU A CD1 1 
ATOM   1224 C  CD2 . LEU A 1 154 ? 7.786   -10.258 -22.494 1.00 67.98 ? 155 LEU A CD2 1 
ATOM   1225 N  N   . LYS A 1 155 ? 8.636   -6.867  -19.655 1.00 61.68 ? 156 LYS A N   1 
ATOM   1226 C  CA  . LYS A 1 155 ? 7.506   -6.104  -19.130 1.00 59.41 ? 156 LYS A CA  1 
ATOM   1227 C  C   . LYS A 1 155 ? 7.882   -4.670  -18.755 1.00 59.33 ? 156 LYS A C   1 
ATOM   1228 O  O   . LYS A 1 155 ? 7.015   -3.795  -18.704 1.00 59.86 ? 156 LYS A O   1 
ATOM   1229 C  CB  . LYS A 1 155 ? 6.843   -6.835  -17.958 1.00 57.73 ? 156 LYS A CB  1 
ATOM   1230 C  CG  . LYS A 1 155 ? 6.121   -8.120  -18.347 1.00 56.42 ? 156 LYS A CG  1 
ATOM   1231 C  CD  . LYS A 1 155 ? 4.977   -7.852  -19.314 1.00 56.99 ? 156 LYS A CD  1 
ATOM   1232 C  CE  . LYS A 1 155 ? 4.430   -9.135  -19.918 1.00 60.95 ? 156 LYS A CE  1 
ATOM   1233 N  NZ  . LYS A 1 155 ? 3.240   -8.864  -20.775 1.00 61.61 ? 156 LYS A NZ  1 
ATOM   1234 N  N   . ARG A 1 156 ? 9.173   -4.438  -18.518 1.00 61.14 ? 157 ARG A N   1 
ATOM   1235 C  CA  . ARG A 1 156 ? 9.699   -3.100  -18.248 1.00 62.05 ? 157 ARG A CA  1 
ATOM   1236 C  C   . ARG A 1 156 ? 9.738   -2.263  -19.518 1.00 62.84 ? 157 ARG A C   1 
ATOM   1237 O  O   . ARG A 1 156 ? 9.556   -1.044  -19.472 1.00 63.77 ? 157 ARG A O   1 
ATOM   1238 C  CB  . ARG A 1 156 ? 11.105  -3.183  -17.649 1.00 63.06 ? 157 ARG A CB  1 
ATOM   1239 C  CG  . ARG A 1 156 ? 11.553  -1.933  -16.906 1.00 63.39 ? 157 ARG A CG  1 
ATOM   1240 C  CD  . ARG A 1 156 ? 11.096  -1.945  -15.455 1.00 65.84 ? 157 ARG A CD  1 
ATOM   1241 N  NE  . ARG A 1 156 ? 11.799  -2.949  -14.656 1.00 66.35 ? 157 ARG A NE  1 
ATOM   1242 C  CZ  . ARG A 1 156 ? 12.829  -2.693  -13.852 1.00 65.98 ? 157 ARG A CZ  1 
ATOM   1243 N  NH1 . ARG A 1 156 ? 13.299  -1.460  -13.724 1.00 66.58 ? 157 ARG A NH1 1 
ATOM   1244 N  NH2 . ARG A 1 156 ? 13.391  -3.678  -13.168 1.00 68.36 ? 157 ARG A NH2 1 
ATOM   1245 N  N   . LYS A 1 157 ? 9.997   -2.921  -20.648 1.00 65.53 ? 158 LYS A N   1 
ATOM   1246 C  CA  . LYS A 1 157 ? 9.991   -2.253  -21.950 1.00 64.15 ? 158 LYS A CA  1 
ATOM   1247 C  C   . LYS A 1 157 ? 8.568   -1.839  -22.321 1.00 60.88 ? 158 LYS A C   1 
ATOM   1248 O  O   . LYS A 1 157 ? 8.355   -0.747  -22.852 1.00 57.83 ? 158 LYS A O   1 
ATOM   1249 C  CB  . LYS A 1 157 ? 10.609  -3.140  -23.038 1.00 69.26 ? 158 LYS A CB  1 
ATOM   1250 C  CG  . LYS A 1 157 ? 11.983  -3.724  -22.704 1.00 72.06 ? 158 LYS A CG  1 
ATOM   1251 C  CD  . LYS A 1 157 ? 12.997  -2.685  -22.235 1.00 72.66 ? 158 LYS A CD  1 
ATOM   1252 C  CE  . LYS A 1 157 ? 13.528  -1.838  -23.383 1.00 73.07 ? 158 LYS A CE  1 
ATOM   1253 N  NZ  . LYS A 1 157 ? 14.235  -0.629  -22.875 1.00 73.02 ? 158 LYS A NZ  1 
ATOM   1254 N  N   . LYS A 1 158 ? 7.605   -2.712  -22.014 1.00 58.32 ? 159 LYS A N   1 
ATOM   1255 C  CA  . LYS A 1 158 ? 6.172   -2.405  -22.128 1.00 57.70 ? 159 LYS A CA  1 
ATOM   1256 C  C   . LYS A 1 158 ? 5.793   -1.182  -21.275 1.00 55.00 ? 159 LYS A C   1 
ATOM   1257 O  O   . LYS A 1 158 ? 4.923   -0.394  -21.671 1.00 53.79 ? 159 LYS A O   1 
ATOM   1258 C  CB  . LYS A 1 158 ? 5.330   -3.630  -21.728 1.00 59.86 ? 159 LYS A CB  1 
ATOM   1259 C  CG  . LYS A 1 158 ? 3.814   -3.471  -21.836 1.00 61.24 ? 159 LYS A CG  1 
ATOM   1260 C  CD  . LYS A 1 158 ? 3.100   -4.708  -21.299 1.00 63.28 ? 159 LYS A CD  1 
ATOM   1261 C  CE  . LYS A 1 158 ? 1.609   -4.717  -21.618 1.00 67.08 ? 159 LYS A CE  1 
ATOM   1262 N  NZ  . LYS A 1 158 ? 0.786   -3.880  -20.696 1.00 66.91 ? 159 LYS A NZ  1 
ATOM   1263 N  N   . PHE A 1 159 ? 6.442   -1.030  -20.114 1.00 50.72 ? 160 PHE A N   1 
ATOM   1264 C  CA  . PHE A 1 159 ? 6.251   0.156   -19.270 1.00 48.55 ? 160 PHE A CA  1 
ATOM   1265 C  C   . PHE A 1 159 ? 6.794   1.422   -19.925 1.00 49.84 ? 160 PHE A C   1 
ATOM   1266 O  O   . PHE A 1 159 ? 6.105   2.442   -19.969 1.00 50.38 ? 160 PHE A O   1 
ATOM   1267 C  CB  . PHE A 1 159 ? 6.871   -0.003  -17.872 1.00 43.66 ? 160 PHE A CB  1 
ATOM   1268 C  CG  . PHE A 1 159 ? 6.748   1.232   -17.018 1.00 40.08 ? 160 PHE A CG  1 
ATOM   1269 C  CD1 . PHE A 1 159 ? 7.882   1.891   -16.542 1.00 41.17 ? 160 PHE A CD1 1 
ATOM   1270 C  CD2 . PHE A 1 159 ? 5.495   1.754   -16.702 1.00 38.09 ? 160 PHE A CD2 1 
ATOM   1271 C  CE1 . PHE A 1 159 ? 7.764   3.037   -15.765 1.00 38.81 ? 160 PHE A CE1 1 
ATOM   1272 C  CE2 . PHE A 1 159 ? 5.373   2.900   -15.931 1.00 36.85 ? 160 PHE A CE2 1 
ATOM   1273 C  CZ  . PHE A 1 159 ? 6.503   3.538   -15.455 1.00 36.79 ? 160 PHE A CZ  1 
ATOM   1274 N  N   . GLU A 1 160 ? 8.025   1.355   -20.423 1.00 53.51 ? 161 GLU A N   1 
ATOM   1275 C  CA  . GLU A 1 160 ? 8.634   2.501   -21.105 1.00 59.51 ? 161 GLU A CA  1 
ATOM   1276 C  C   . GLU A 1 160 ? 7.875   2.842   -22.392 1.00 58.04 ? 161 GLU A C   1 
ATOM   1277 O  O   . GLU A 1 160 ? 7.789   4.010   -22.780 1.00 54.76 ? 161 GLU A O   1 
ATOM   1278 C  CB  . GLU A 1 160 ? 10.111  2.234   -21.397 1.00 65.59 ? 161 GLU A CB  1 
ATOM   1279 C  CG  . GLU A 1 160 ? 10.965  2.121   -20.143 1.00 72.32 ? 161 GLU A CG  1 
ATOM   1280 C  CD  . GLU A 1 160 ? 12.260  1.359   -20.371 1.00 77.96 ? 161 GLU A CD  1 
ATOM   1281 O  OE1 . GLU A 1 160 ? 12.259  0.383   -21.160 1.00 79.38 ? 161 GLU A OE1 1 
ATOM   1282 O  OE2 . GLU A 1 160 ? 13.280  1.731   -19.747 1.00 79.82 ? 161 GLU A OE2 1 
ATOM   1283 N  N   . LYS A 1 161 ? 7.314   1.811   -23.026 1.00 57.32 ? 162 LYS A N   1 
ATOM   1284 C  CA  . LYS A 1 161 ? 6.474   1.974   -24.215 1.00 60.01 ? 162 LYS A CA  1 
ATOM   1285 C  C   . LYS A 1 161 ? 5.227   2.792   -23.876 1.00 60.46 ? 162 LYS A C   1 
ATOM   1286 O  O   . LYS A 1 161 ? 4.961   3.820   -24.497 1.00 61.49 ? 162 LYS A O   1 
ATOM   1287 C  CB  . LYS A 1 161 ? 6.067   0.608   -24.789 1.00 58.99 ? 162 LYS A CB  1 
ATOM   1288 C  CG  . LYS A 1 161 ? 5.659   0.643   -26.255 1.00 59.76 ? 162 LYS A CG  1 
ATOM   1289 C  CD  . LYS A 1 161 ? 4.885   -0.604  -26.661 1.00 58.82 ? 162 LYS A CD  1 
ATOM   1290 C  CE  . LYS A 1 161 ? 3.389   -0.338  -26.777 1.00 58.94 ? 162 LYS A CE  1 
ATOM   1291 N  NZ  . LYS A 1 161 ? 2.677   -0.250  -25.469 1.00 57.57 ? 162 LYS A NZ  1 
ATOM   1292 N  N   . GLU A 1 162 ? 4.482   2.336   -22.874 1.00 62.91 ? 163 GLU A N   1 
ATOM   1293 C  CA  . GLU A 1 162 ? 3.287   3.036   -22.410 1.00 66.35 ? 163 GLU A CA  1 
ATOM   1294 C  C   . GLU A 1 162 ? 3.663   4.299   -21.618 1.00 68.07 ? 163 GLU A C   1 
ATOM   1295 O  O   . GLU A 1 162 ? 2.944   4.710   -20.705 1.00 73.93 ? 163 GLU A O   1 
ATOM   1296 C  CB  . GLU A 1 162 ? 2.406   2.085   -21.581 1.00 67.41 ? 163 GLU A CB  1 
ATOM   1297 C  CG  . GLU A 1 162 ? 1.963   0.834   -22.338 1.00 68.75 ? 163 GLU A CG  1 
ATOM   1298 C  CD  . GLU A 1 162 ? 1.087   -0.103  -21.520 1.00 71.10 ? 163 GLU A CD  1 
ATOM   1299 O  OE1 . GLU A 1 162 ? 0.239   0.385   -20.742 1.00 72.29 ? 163 GLU A OE1 1 
ATOM   1300 O  OE2 . GLU A 1 162 ? 1.232   -1.338  -21.672 1.00 69.89 ? 163 GLU A OE2 1 
ATOM   1301 N  N   . LEU A 1 163 ? 4.790   4.910   -21.988 1.00 68.15 ? 164 LEU A N   1 
ATOM   1302 C  CA  . LEU A 1 163 ? 5.324   6.084   -21.301 1.00 67.88 ? 164 LEU A CA  1 
ATOM   1303 C  C   . LEU A 1 163 ? 6.096   6.959   -22.288 1.00 70.12 ? 164 LEU A C   1 
ATOM   1304 O  O   . LEU A 1 163 ? 6.307   8.154   -22.055 1.00 71.71 ? 164 LEU A O   1 
ATOM   1305 C  CB  . LEU A 1 163 ? 6.236   5.647   -20.147 1.00 67.02 ? 164 LEU A CB  1 
ATOM   1306 C  CG  . LEU A 1 163 ? 6.681   6.649   -19.073 1.00 65.45 ? 164 LEU A CG  1 
ATOM   1307 C  CD1 . LEU A 1 163 ? 5.576   6.923   -18.065 1.00 64.09 ? 164 LEU A CD1 1 
ATOM   1308 C  CD2 . LEU A 1 163 ? 7.924   6.136   -18.361 1.00 64.33 ? 164 LEU A CD2 1 
HETATM 1309 CO CO  . CO  B 2 .   ? 0.687   1.940   -4.989  1.00 15.63 ? 201 CO  A CO  1 
HETATM 1310 C  C5  . BB2 C 3 .   ? -3.498  1.500   -4.669  1.00 17.83 ? 202 BB2 A C5  1 
HETATM 1311 C  C3  . BB2 C 3 .   ? -2.078  1.930   -4.386  1.00 18.20 ? 202 BB2 A C3  1 
HETATM 1312 O  O4  . BB2 C 3 .   ? -1.390  2.462   -5.254  1.00 17.81 ? 202 BB2 A O4  1 
HETATM 1313 N  N1  . BB2 C 3 .   ? -1.600  1.703   -3.159  1.00 19.44 ? 202 BB2 A N1  1 
HETATM 1314 O  O2  . BB2 C 3 .   ? -0.214  1.914   -3.018  1.00 19.49 ? 202 BB2 A O2  1 
HETATM 1315 C  C6  . BB2 C 3 .   ? -3.500  0.098   -5.274  1.00 18.23 ? 202 BB2 A C6  1 
HETATM 1316 C  C12 . BB2 C 3 .   ? -4.798  -0.070  -6.001  1.00 17.95 ? 202 BB2 A C12 1 
HETATM 1317 O  O13 . BB2 C 3 .   ? -5.849  0.221   -5.466  1.00 17.19 ? 202 BB2 A O13 1 
HETATM 1318 C  C7  . BB2 C 3 .   ? -3.481  -0.932  -4.139  1.00 18.33 ? 202 BB2 A C7  1 
HETATM 1319 C  C8  . BB2 C 3 .   ? -3.632  -2.379  -4.598  1.00 21.53 ? 202 BB2 A C8  1 
HETATM 1320 C  C9  . BB2 C 3 .   ? -2.311  -3.012  -4.970  1.00 22.11 ? 202 BB2 A C9  1 
HETATM 1321 C  C10 . BB2 C 3 .   ? -2.386  -4.538  -5.157  1.00 20.72 ? 202 BB2 A C10 1 
HETATM 1322 C  C11 . BB2 C 3 .   ? -3.467  -5.001  -6.124  1.00 21.08 ? 202 BB2 A C11 1 
HETATM 1323 N  N14 . BB2 C 3 .   ? -4.694  -0.525  -7.244  1.00 18.96 ? 202 BB2 A N14 1 
HETATM 1324 C  C15 . BB2 C 3 .   ? -5.845  -0.945  -8.024  1.00 21.18 ? 202 BB2 A C15 1 
HETATM 1325 C  C16 . BB2 C 3 .   ? -5.951  -0.009  -9.234  1.00 24.65 ? 202 BB2 A C16 1 
HETATM 1326 C  C18 . BB2 C 3 .   ? -7.059  -0.433  -10.185 1.00 25.69 ? 202 BB2 A C18 1 
HETATM 1327 C  C17 . BB2 C 3 .   ? -6.141  1.439   -8.798  1.00 25.77 ? 202 BB2 A C17 1 
HETATM 1328 C  C19 . BB2 C 3 .   ? -5.605  -2.363  -8.465  1.00 22.55 ? 202 BB2 A C19 1 
HETATM 1329 O  O20 . BB2 C 3 .   ? -4.501  -2.661  -8.888  1.00 22.90 ? 202 BB2 A O20 1 
HETATM 1330 N  N21 . BB2 C 3 .   ? -6.569  -3.277  -8.329  1.00 23.59 ? 202 BB2 A N21 1 
HETATM 1331 C  C22 . BB2 C 3 .   ? -6.270  -4.668  -8.671  1.00 24.87 ? 202 BB2 A C22 1 
HETATM 1332 C  C23 . BB2 C 3 .   ? -7.915  -3.081  -7.791  1.00 24.88 ? 202 BB2 A C23 1 
HETATM 1333 C  C24 . BB2 C 3 .   ? -8.480  -4.490  -7.624  1.00 27.42 ? 202 BB2 A C24 1 
HETATM 1334 C  C25 . BB2 C 3 .   ? -7.355  -5.453  -7.947  1.00 26.19 ? 202 BB2 A C25 1 
HETATM 1335 C  C26 . BB2 C 3 .   ? -6.376  -4.829  -10.195 1.00 26.30 ? 202 BB2 A C26 1 
HETATM 1336 O  O27 . BB2 C 3 .   ? -6.167  -6.219  -10.515 1.00 28.36 ? 202 BB2 A O27 1 
HETATM 1337 N  N1  . EPE D 4 .   ? 14.972  -0.858  5.501   1.00 28.79 ? 203 EPE A N1  1 
HETATM 1338 C  C2  . EPE D 4 .   ? 15.549  -1.697  6.567   1.00 27.81 ? 203 EPE A C2  1 
HETATM 1339 C  C3  . EPE D 4 .   ? 14.977  -1.361  7.941   1.00 28.72 ? 203 EPE A C3  1 
HETATM 1340 N  N4  . EPE D 4 .   ? 13.494  -1.294  7.965   1.00 30.18 ? 203 EPE A N4  1 
HETATM 1341 C  C5  . EPE D 4 .   ? 12.889  -0.460  6.927   1.00 27.83 ? 203 EPE A C5  1 
HETATM 1342 C  C6  . EPE D 4 .   ? 13.512  -0.688  5.560   1.00 27.78 ? 203 EPE A C6  1 
HETATM 1343 C  C7  . EPE D 4 .   ? 12.872  -0.919  9.254   1.00 31.53 ? 203 EPE A C7  1 
HETATM 1344 C  C8  . EPE D 4 .   ? 13.576  -1.550  10.431  1.00 30.41 ? 203 EPE A C8  1 
HETATM 1345 O  O8  . EPE D 4 .   ? 14.439  -0.535  10.942  1.00 33.35 ? 203 EPE A O8  1 
HETATM 1346 C  C9  . EPE D 4 .   ? 15.460  -1.270  4.167   1.00 27.86 ? 203 EPE A C9  1 
HETATM 1347 C  C10 . EPE D 4 .   ? 14.401  -1.294  3.066   1.00 28.46 ? 203 EPE A C10 1 
HETATM 1348 S  S   . EPE D 4 .   ? 15.072  -1.302  1.529   1.00 27.49 ? 203 EPE A S   1 
HETATM 1349 O  O1S . EPE D 4 .   ? 16.499  -1.161  1.342   1.00 34.20 ? 203 EPE A O1S 1 
HETATM 1350 O  O2S . EPE D 4 .   ? 14.127  -1.667  0.505   1.00 27.33 ? 203 EPE A O2S 1 
HETATM 1351 O  O3S . EPE D 4 .   ? 15.480  -2.860  1.659   1.00 33.31 ? 203 EPE A O3S 1 
HETATM 1352 S  S   . DMS E 5 .   ? -9.778  -6.353  4.802   1.00 45.66 ? 204 DMS A S   1 
HETATM 1353 O  O   . DMS E 5 .   ? -10.294 -7.450  3.925   1.00 34.73 ? 204 DMS A O   1 
HETATM 1354 C  C1  . DMS E 5 .   ? -10.227 -4.851  4.087   1.00 27.74 ? 204 DMS A C1  1 
HETATM 1355 C  C2  . DMS E 5 .   ? -10.616 -6.325  6.298   1.00 35.24 ? 204 DMS A C2  1 
HETATM 1356 S  S   . DMS F 5 .   ? 14.776  2.841   9.067   1.00 44.88 ? 205 DMS A S   1 
HETATM 1357 O  O   . DMS F 5 .   ? 15.522  4.096   8.712   1.00 40.89 ? 205 DMS A O   1 
HETATM 1358 C  C1  . DMS F 5 .   ? 13.149  2.899   8.520   1.00 33.56 ? 205 DMS A C1  1 
HETATM 1359 C  C2  . DMS F 5 .   ? 15.327  1.494   8.213   1.00 27.62 ? 205 DMS A C2  1 
HETATM 1360 O  O   . HOH G 6 .   ? 4.869   5.543   3.604   1.00 14.21 ? 301 HOH A O   1 
HETATM 1361 O  O   . HOH G 6 .   ? 2.440   -16.111 16.070  1.00 57.16 ? 302 HOH A O   1 
HETATM 1362 O  O   . HOH G 6 .   ? 8.296   5.571   1.670   1.00 14.87 ? 303 HOH A O   1 
HETATM 1363 O  O   . HOH G 6 .   ? 6.877   4.465   -2.752  1.00 17.57 ? 304 HOH A O   1 
HETATM 1364 O  O   . HOH G 6 .   ? -4.715  -13.604 11.035  1.00 19.78 ? 305 HOH A O   1 
HETATM 1365 O  O   . HOH G 6 .   ? 3.610   0.479   -6.698  1.00 17.31 ? 306 HOH A O   1 
HETATM 1366 O  O   . HOH G 6 .   ? -7.733  -11.763 0.119   1.00 31.72 ? 307 HOH A O   1 
HETATM 1367 O  O   . HOH G 6 .   ? -1.606  1.865   -12.228 1.00 18.80 ? 308 HOH A O   1 
HETATM 1368 O  O   . HOH G 6 .   ? 4.637   -0.458  -4.273  1.00 13.82 ? 309 HOH A O   1 
HETATM 1369 O  O   . HOH G 6 .   ? 10.073  -3.778  0.104   1.00 28.00 ? 310 HOH A O   1 
HETATM 1370 O  O   . HOH G 6 .   ? -4.094  13.557  -6.399  1.00 33.28 ? 311 HOH A O   1 
HETATM 1371 O  O   . HOH G 6 .   ? 6.233   -8.655  -2.741  1.00 22.51 ? 312 HOH A O   1 
HETATM 1372 O  O   . HOH G 6 .   ? -8.113  5.563   7.877   1.00 31.69 ? 313 HOH A O   1 
HETATM 1373 O  O   . HOH G 6 .   ? 3.517   13.850  -8.682  1.00 31.66 ? 314 HOH A O   1 
HETATM 1374 O  O   . HOH G 6 .   ? -4.180  3.186   -12.504 1.00 26.43 ? 315 HOH A O   1 
HETATM 1375 O  O   . HOH G 6 .   ? 5.669   9.609   15.140  1.00 28.88 ? 316 HOH A O   1 
HETATM 1376 O  O   . HOH G 6 .   ? 7.848   -0.878  9.706   1.00 16.37 ? 317 HOH A O   1 
HETATM 1377 O  O   . HOH G 6 .   ? -15.947 4.019   2.703   1.00 32.72 ? 318 HOH A O   1 
HETATM 1378 O  O   . HOH G 6 .   ? -5.963  -3.802  12.411  1.00 30.33 ? 319 HOH A O   1 
HETATM 1379 O  O   . HOH G 6 .   ? -1.790  17.540  -0.322  1.00 41.92 ? 320 HOH A O   1 
HETATM 1380 O  O   . HOH G 6 .   ? -13.724 10.111  -0.073  1.00 33.54 ? 321 HOH A O   1 
HETATM 1381 O  O   . HOH G 6 .   ? 11.535  14.289  -8.057  1.00 39.29 ? 322 HOH A O   1 
HETATM 1382 O  O   . HOH G 6 .   ? -6.557  1.193   13.534  1.00 20.44 ? 323 HOH A O   1 
HETATM 1383 O  O   . HOH G 6 .   ? 2.333   11.793  12.509  1.00 27.83 ? 324 HOH A O   1 
HETATM 1384 O  O   . HOH G 6 .   ? -18.597 2.969   5.052   1.00 36.49 ? 325 HOH A O   1 
HETATM 1385 O  O   . HOH G 6 .   ? -0.279  15.288  -0.552  1.00 32.46 ? 326 HOH A O   1 
HETATM 1386 O  O   . HOH G 6 .   ? -9.375  -1.666  21.202  1.00 45.26 ? 327 HOH A O   1 
HETATM 1387 O  O   . HOH G 6 .   ? -11.916 3.269   -3.486  1.00 33.44 ? 328 HOH A O   1 
HETATM 1388 O  O   . HOH G 6 .   ? -10.295 9.946   13.728  1.00 38.90 ? 329 HOH A O   1 
HETATM 1389 O  O   . HOH G 6 .   ? 9.121   7.777   -8.887  1.00 30.16 ? 330 HOH A O   1 
HETATM 1390 O  O   . HOH G 6 .   ? -16.388 9.884   -0.992  1.00 32.35 ? 331 HOH A O   1 
HETATM 1391 O  O   . HOH G 6 .   ? 13.250  0.239   -6.559  1.00 25.91 ? 332 HOH A O   1 
HETATM 1392 O  O   . HOH G 6 .   ? -2.935  4.743   22.683  1.00 53.52 ? 333 HOH A O   1 
HETATM 1393 O  O   . HOH G 6 .   ? 5.638   -2.940  -5.338  1.00 16.89 ? 334 HOH A O   1 
HETATM 1394 O  O   . HOH G 6 .   ? 2.116   12.023  15.075  1.00 39.38 ? 335 HOH A O   1 
HETATM 1395 O  O   . HOH G 6 .   ? -3.724  -5.911  20.138  1.00 16.35 ? 336 HOH A O   1 
HETATM 1396 O  O   . HOH G 6 .   ? 7.422   2.346   17.813  1.00 51.87 ? 337 HOH A O   1 
HETATM 1397 O  O   . HOH G 6 .   ? -3.339  15.430  7.321   1.00 36.75 ? 338 HOH A O   1 
HETATM 1398 O  O   . HOH G 6 .   ? -6.531  -13.276 3.531   1.00 26.21 ? 339 HOH A O   1 
HETATM 1399 O  O   . HOH G 6 .   ? -1.405  -5.142  -19.491 1.00 51.90 ? 340 HOH A O   1 
HETATM 1400 O  O   . HOH G 6 .   ? -0.675  -4.198  22.170  1.00 27.55 ? 341 HOH A O   1 
HETATM 1401 O  O   . HOH G 6 .   ? 12.094  8.042   -9.224  1.00 44.03 ? 342 HOH A O   1 
HETATM 1402 O  O   . HOH G 6 .   ? 7.481   -9.741  -10.873 1.00 28.09 ? 343 HOH A O   1 
HETATM 1403 O  O   . HOH G 6 .   ? -3.592  9.090   -8.890  1.00 36.66 ? 344 HOH A O   1 
HETATM 1404 O  O   . HOH G 6 .   ? -11.768 9.338   6.855   1.00 32.68 ? 345 HOH A O   1 
HETATM 1405 O  O   . HOH G 6 .   ? -6.258  -1.318  11.972  1.00 28.64 ? 346 HOH A O   1 
HETATM 1406 O  O   . HOH G 6 .   ? -9.603  7.809   16.818  1.00 39.96 ? 347 HOH A O   1 
HETATM 1407 O  O   . HOH G 6 .   ? 12.785  -3.809  -0.359  1.00 40.79 ? 348 HOH A O   1 
HETATM 1408 O  O   . HOH G 6 .   ? -4.636  -10.910 -11.276 1.00 31.25 ? 349 HOH A O   1 
HETATM 1409 O  O   . HOH G 6 .   ? 10.836  7.695   13.409  1.00 32.79 ? 350 HOH A O   1 
HETATM 1410 O  O   . HOH G 6 .   ? -3.588  17.681  9.002   1.00 56.54 ? 351 HOH A O   1 
HETATM 1411 O  O   . HOH G 6 .   ? -0.291  -4.705  -25.069 1.00 37.91 ? 352 HOH A O   1 
HETATM 1412 O  O   . HOH G 6 .   ? 1.767   7.372   21.490  1.00 33.40 ? 353 HOH A O   1 
HETATM 1413 O  O   . HOH G 6 .   ? 0.197   16.134  8.254   1.00 42.45 ? 354 HOH A O   1 
HETATM 1414 O  O   . HOH G 6 .   ? 3.110   -18.521 5.598   1.00 53.50 ? 355 HOH A O   1 
HETATM 1415 O  O   . HOH G 6 .   ? 6.675   -6.849  -0.218  1.00 42.83 ? 356 HOH A O   1 
HETATM 1416 O  O   . HOH G 6 .   ? 4.278   8.155   -24.826 1.00 57.26 ? 357 HOH A O   1 
HETATM 1417 O  O   . HOH G 6 .   ? 11.540  0.883   -12.493 1.00 44.82 ? 358 HOH A O   1 
HETATM 1418 O  O   . HOH G 6 .   ? 12.027  12.476  0.853   1.00 42.31 ? 359 HOH A O   1 
HETATM 1419 O  O   . HOH G 6 .   ? 15.174  9.728   12.318  1.00 58.88 ? 360 HOH A O   1 
HETATM 1420 O  O   . HOH G 6 .   ? 9.877   -1.138  11.344  1.00 35.70 ? 361 HOH A O   1 
HETATM 1421 O  O   . HOH G 6 .   ? -6.340  13.213  -4.610  1.00 36.46 ? 362 HOH A O   1 
HETATM 1422 O  O   . HOH G 6 .   ? -9.301  2.604   -11.796 1.00 33.42 ? 363 HOH A O   1 
HETATM 1423 O  O   . HOH G 6 .   ? -6.724  18.107  -4.205  1.00 54.33 ? 364 HOH A O   1 
# 
